data_1Y5N
#
_entry.id   1Y5N
#
_cell.length_a   154.258
_cell.length_b   241.957
_cell.length_c   140.121
_cell.angle_alpha   90.00
_cell.angle_beta   90.00
_cell.angle_gamma   90.00
#
_symmetry.space_group_name_H-M   'C 2 2 21'
#
loop_
_entity.id
_entity.type
_entity.pdbx_description
1 polymer 'Respiratory nitrate reductase 1 alpha chain'
2 polymer 'Respiratory nitrate reductase 1 beta chain'
3 polymer 'Respiratory nitrate reductase 1 gamma chain'
4 non-polymer 'PHOSPHORIC ACID 4-(2-AMINO-4-OXO-3,4,5,6,-TETRAHYDRO-PTERIDIN-6-YL)-2-HYDROXY-3,4-DIMERCAPTO-BUT-3-EN-YL ESTER GUANYLATE ESTER'
5 non-polymer 'MOLYBDENUM(VI) ION'
6 non-polymer 'IRON/SULFUR CLUSTER'
7 non-polymer 'FE3-S4 CLUSTER'
8 non-polymer 1,2-DIACYL-GLYCEROL-3-SN-PHOSPHATE
9 non-polymer 'PROTOPORPHYRIN IX CONTAINING FE'
10 non-polymer '(1S)-2-{[{[(2S)-2,3-DIHYDROXYPROPYL]OXY}(HYDROXY)PHOSPHORYL]OXY}-1-[(PENTANOYLOXY)METHYL]ETHYL OCTANOATE'
11 non-polymer PENTACHLOROPHENOL
12 water water
#
loop_
_entity_poly.entity_id
_entity_poly.type
_entity_poly.pdbx_seq_one_letter_code
_entity_poly.pdbx_strand_id
1 'polypeptide(L)'
;SKFLDRFRYFKQKGETFADGHGQLLNTNRDWEDGYRQRWQHDKIVRSTHGVNCTGSCSWKIYVKNGLVTWETQQTDYPRT
RPDLPNHEPRGCPRGASYSWYLYSANRLKYPMMRKRLMKMWREAKALHSDPVEAWASIIEDADKAKSFKQARGRGGFVRS
SWQEVNELIAASNVYTIKNYGPDRVAGFSPIPAMSMVSYASGARYLSLIGGTCLSFYDWYCDLPPASPQTWGEQTDVPES
ADWYNSSYIIAWGSNVPQTRTPDAHFFTEVRYKGTKTVAVTPDYAEIAKLCDLWLAPKQGTDAAMALAMGHVMLREFHLD
NPSQYFTDYVRRYTDMPMLVMLEERDGYYAAGRMLRAADLVDALGQENNPEWKTVAFNTNGEMVAPNGSIGFRWGEKGKW
NLEQRDGKTGEETELQLSLLGSQDEIAEVGFPYFGGDGTEHFNKVELENVLLHKLPVKRLQLADGSTALVTTVYDLTLAN
YGLERGLNDVNCATSYDDVKAYTPAWAEQITGVSRSQIIRIAREFADNADKTHGRSMIIVGAGLNHWYHLDMNYRGLINM
LIFCGCVGQSGGGWAHYVGQEKLRPQTGWQPLAFALDWQRPARHMNSTSYFYNHSSQWRYETVTAEELLSPMADKSRYTG
HLIDFNVRAERMGWLPSAPQLGTNPLTIAGEAEKAGMNPVDYTVKSLKEGSIRFAAEQPENGKNHPRNLFIWRSNLLGSS
GKGHEFMLKYLLGTEHGIQGKDLGQQGGVKPEEVDWQDNGLEGKLDLVVTLDFRLSSTCLYSDIILPTATWYEKDDMNTS
DMHPFIHPLSAAVDPAWEAKSDWEIYKAIAKKFSEVCVGHLGKETDIVTLPIQHDSAAELAQPLDVKDWKKGECDLIPGK
TAPHIMVVERDYPATYERFTSIGPLMEKIGNGGKGIAWNTQSEMDLLRKLNYTKAEGPAKGQPMLNTAIDAAEMILTLAP
ETNGQVAVKAWAALSEFTGRDHTHLALNKEDEKIRFRDIQAQPRKIISSPTWSGLEDEHVSYNAGYTNVHELIPWRTLSG
RQQLYQDHQWMRDFGESLLVYRPPIDTRSVKEVIGQKSNGNQEKALNFLTPHQKWGIHSTYSDNLLMLTLGRGGPVVWLS
EADAKDLGIADNDWIEVFNSNGALTARAVVSQRVPAGMTMMYHAQERIVNLPGSEITQQRGGIHNSVTRITPKPTHMIGG
YAHLAYGFNYYGTVGSNRDEFVVVRKMKNIDWLDGEGNDQVQESVK
;
A
2 'polypeptide(L)'
;MKIRSQVGMVLNLDKCIGCHTCSVTCKNVWTSREGVEYAWFNNVETKPGQGFPTDWENQEKYKGGWIRKINGKLQPRMGN
RAMLLGKIFANPHLPGIDDYYEPFDFDYQNLHTAPEGSKSQPIARPRSLITGERMAKIEKGPNWEDDLGGEFDKLAKDKN
FDNIQKAMYSQFENTFMMYLPRLCEHCLNPACVATCPSGAIYKREEDGIVLIDQDKCRGWRMCITGCPYKKIYFNWKSGK
SEKCIFCYPRIEAGQPTVCSETCVGRIRYLGVLLYDADAIERAASTENEKDLYQRQLDVFLDPNDPKVIEQAIKDGIPLS
VIEAAQQSPVYKMAMEWKLALPLHPEYRTLPMVWYVPPLSPIQSAADAGELGSNGILPDVESLRIPVQYLANLLTAGDTK
PVLRALKRMLAMRHYKRAETVDGKVDTRALEEVGLTEAQAQEMYRYLAIANYEDRFVVPSSHRELAREAFPEKNGCGFTF
GDGCHGSDTKFNLFNSRRIDAIDVTSKTEPHP
;
B
3 'polypeptide(L)'
;(FME)QFLNMFFFDIYPYIAGAVFLIGSWLRYDYGQYTWRAASSQMLDRKGMNLASNLFHIGILGIFVGHFFGMLTPHWM
YEAWLPIEVAQKMAMFAGGASGVLCLIGGVLLLKRRLFSPRVRATTTGADILILSLLVIQCALGLLTIPFSAQHMDGSEM
MKLVGWAQSVVTFHGGASQHLDGVAFIFRLHLVLGMTLFLLFPFSRLIHIWSVPVEYLTRKYQLVRARH
;
C
#
loop_
_chem_comp.id
_chem_comp.type
_chem_comp.name
_chem_comp.formula
3PH non-polymer 1,2-DIACYL-GLYCEROL-3-SN-PHOSPHATE 'C39 H77 O8 P'
6MO non-polymer 'MOLYBDENUM(VI) ION' 'Mo 6'
AGA non-polymer '(1S)-2-{[{[(2S)-2,3-DIHYDROXYPROPYL]OXY}(HYDROXY)PHOSPHORYL]OXY}-1-[(PENTANOYLOXY)METHYL]ETHYL OCTANOATE' 'C19 H36 O10 P -1'
F3S non-polymer 'FE3-S4 CLUSTER' 'Fe3 S4'
HEM non-polymer 'PROTOPORPHYRIN IX CONTAINING FE' 'C34 H32 Fe N4 O4'
MD1 non-polymer 'PHOSPHORIC ACID 4-(2-AMINO-4-OXO-3,4,5,6,-TETRAHYDRO-PTERIDIN-6-YL)-2-HYDROXY-3,4-DIMERCAPTO-BUT-3-EN-YL ESTER GUANYLATE ESTER' 'C20 H26 N10 O13 P2 S2'
PCI non-polymer PENTACHLOROPHENOL 'C6 H Cl5 O'
SF4 non-polymer 'IRON/SULFUR CLUSTER' 'Fe4 S4'
#
# COMPACT_ATOMS: atom_id res chain seq x y z
N SER A 1 -2.14 50.09 -10.89
CA SER A 1 -1.16 50.36 -9.81
C SER A 1 -1.72 49.92 -8.47
N LYS A 2 -1.09 48.92 -7.86
CA LYS A 2 -1.55 48.44 -6.57
C LYS A 2 -1.34 49.55 -5.54
N PHE A 3 -0.32 50.38 -5.75
CA PHE A 3 -0.05 51.48 -4.84
C PHE A 3 -1.18 52.51 -4.89
N LEU A 4 -1.61 52.87 -6.09
CA LEU A 4 -2.68 53.83 -6.23
C LEU A 4 -4.02 53.29 -5.78
N ASP A 5 -4.17 51.97 -5.72
CA ASP A 5 -5.44 51.39 -5.30
C ASP A 5 -5.72 51.63 -3.82
N ARG A 6 -4.69 51.60 -2.99
CA ARG A 6 -4.87 51.84 -1.56
C ARG A 6 -5.64 53.13 -1.29
N PHE A 7 -5.57 54.07 -2.23
CA PHE A 7 -6.27 55.35 -2.10
C PHE A 7 -7.78 55.20 -2.26
N ARG A 8 -8.23 54.02 -2.68
CA ARG A 8 -9.66 53.73 -2.83
C ARG A 8 -10.12 52.94 -1.61
N TYR A 9 -9.43 53.16 -0.49
CA TYR A 9 -9.72 52.50 0.78
C TYR A 9 -11.22 52.44 1.07
N PHE A 10 -11.79 53.59 1.42
CA PHE A 10 -13.21 53.68 1.75
C PHE A 10 -14.13 53.28 0.59
N LYS A 11 -13.75 53.65 -0.63
CA LYS A 11 -14.56 53.35 -1.81
C LYS A 11 -14.84 51.86 -2.03
N GLN A 12 -14.00 50.99 -1.46
CA GLN A 12 -14.17 49.55 -1.61
C GLN A 12 -14.97 48.89 -0.48
N LYS A 13 -15.42 49.69 0.48
CA LYS A 13 -16.19 49.18 1.62
C LYS A 13 -17.68 49.05 1.31
N GLY A 14 -18.19 47.82 1.39
CA GLY A 14 -19.60 47.57 1.16
C GLY A 14 -20.30 47.52 2.50
N GLU A 15 -21.41 46.81 2.58
CA GLU A 15 -22.16 46.73 3.84
C GLU A 15 -21.50 45.86 4.90
N THR A 16 -21.81 46.12 6.16
CA THR A 16 -21.30 45.31 7.25
C THR A 16 -22.38 44.23 7.42
N PHE A 17 -22.16 43.32 8.34
CA PHE A 17 -23.13 42.27 8.61
C PHE A 17 -22.89 41.75 10.02
N ALA A 18 -23.83 40.98 10.56
CA ALA A 18 -23.69 40.43 11.90
C ALA A 18 -23.52 41.51 12.97
N ASP A 19 -24.16 42.65 12.75
CA ASP A 19 -24.11 43.77 13.71
C ASP A 19 -22.71 44.31 13.96
N GLY A 20 -21.97 44.59 12.89
CA GLY A 20 -20.63 45.13 13.04
C GLY A 20 -19.54 44.13 13.33
N HIS A 21 -19.83 42.85 13.19
CA HIS A 21 -18.82 41.84 13.45
C HIS A 21 -18.12 41.49 12.13
N GLY A 22 -18.74 41.86 11.02
CA GLY A 22 -18.17 41.56 9.72
C GLY A 22 -18.30 42.67 8.70
N GLN A 23 -17.40 42.66 7.72
CA GLN A 23 -17.35 43.68 6.68
C GLN A 23 -17.19 43.04 5.30
N LEU A 24 -18.02 43.46 4.36
CA LEU A 24 -17.97 42.95 2.99
C LEU A 24 -17.18 43.94 2.13
N LEU A 25 -15.96 43.59 1.75
CA LEU A 25 -15.13 44.46 0.93
C LEU A 25 -15.25 44.11 -0.55
N ASN A 26 -15.04 45.11 -1.40
CA ASN A 26 -15.10 44.92 -2.86
C ASN A 26 -13.72 45.14 -3.43
N THR A 27 -12.78 44.28 -3.04
CA THR A 27 -11.40 44.39 -3.49
C THR A 27 -11.05 43.45 -4.64
N ASN A 28 -9.93 43.73 -5.29
CA ASN A 28 -9.43 42.92 -6.40
C ASN A 28 -9.07 41.53 -5.87
N ARG A 29 -9.31 40.50 -6.70
CA ARG A 29 -9.00 39.13 -6.33
C ARG A 29 -8.16 38.39 -7.39
N ASP A 30 -7.56 39.16 -8.29
CA ASP A 30 -6.73 38.60 -9.36
C ASP A 30 -5.61 37.70 -8.83
N TRP A 31 -5.12 37.99 -7.63
CA TRP A 31 -4.04 37.20 -7.07
C TRP A 31 -4.40 35.71 -7.04
N GLU A 32 -5.69 35.40 -6.97
CA GLU A 32 -6.17 34.03 -6.90
C GLU A 32 -5.78 33.15 -8.09
N ASP A 33 -5.40 33.75 -9.22
CA ASP A 33 -5.00 32.93 -10.36
C ASP A 33 -3.75 32.12 -10.01
N GLY A 34 -3.03 32.57 -8.98
CA GLY A 34 -1.83 31.87 -8.54
C GLY A 34 -2.01 30.37 -8.38
N TYR A 35 -3.02 29.95 -7.63
CA TYR A 35 -3.27 28.53 -7.44
C TYR A 35 -3.96 27.94 -8.66
N ARG A 36 -4.78 28.74 -9.33
CA ARG A 36 -5.48 28.26 -10.53
C ARG A 36 -4.49 27.72 -11.57
N GLN A 37 -3.46 28.50 -11.86
CA GLN A 37 -2.45 28.12 -12.84
C GLN A 37 -1.60 26.94 -12.40
N ARG A 38 -1.60 26.64 -11.11
CA ARG A 38 -0.84 25.50 -10.63
C ARG A 38 -1.61 24.23 -10.97
N TRP A 39 -2.93 24.29 -10.83
CA TRP A 39 -3.78 23.15 -11.11
C TRP A 39 -3.93 22.82 -12.60
N GLN A 40 -3.83 23.83 -13.45
CA GLN A 40 -3.99 23.64 -14.88
C GLN A 40 -2.90 22.77 -15.48
N HIS A 41 -3.27 21.86 -16.35
CA HIS A 41 -2.31 20.93 -16.95
C HIS A 41 -2.40 20.84 -18.47
N ASP A 42 -1.43 20.14 -19.06
CA ASP A 42 -1.34 19.94 -20.51
C ASP A 42 -2.32 18.85 -20.99
N LYS A 43 -2.51 17.81 -20.18
CA LYS A 43 -3.41 16.73 -20.56
C LYS A 43 -3.44 15.67 -19.47
N ILE A 44 -4.38 14.75 -19.57
CA ILE A 44 -4.46 13.65 -18.63
C ILE A 44 -4.42 12.38 -19.50
N VAL A 45 -3.66 11.40 -19.03
CA VAL A 45 -3.51 10.13 -19.72
C VAL A 45 -3.96 9.06 -18.75
N ARG A 46 -4.58 8.01 -19.25
CA ARG A 46 -5.03 6.94 -18.36
C ARG A 46 -3.94 5.89 -18.18
N SER A 47 -3.80 5.37 -16.98
CA SER A 47 -2.79 4.34 -16.73
C SER A 47 -3.03 3.73 -15.35
N THR A 48 -2.34 2.63 -15.06
CA THR A 48 -2.48 1.98 -13.77
C THR A 48 -1.08 1.67 -13.28
N HIS A 49 -0.96 0.88 -12.23
CA HIS A 49 0.34 0.57 -11.65
C HIS A 49 0.74 -0.88 -11.87
N GLY A 50 2.01 -1.11 -12.18
CA GLY A 50 2.50 -2.45 -12.40
C GLY A 50 3.19 -3.03 -11.18
N VAL A 51 2.47 -3.07 -10.07
CA VAL A 51 3.01 -3.58 -8.82
C VAL A 51 2.05 -4.64 -8.24
N ASN A 52 2.59 -5.55 -7.44
CA ASN A 52 1.79 -6.63 -6.85
C ASN A 52 0.99 -6.17 -5.63
N CYS A 53 -0.27 -5.80 -5.84
CA CYS A 53 -1.13 -5.29 -4.78
C CYS A 53 -2.60 -5.67 -4.96
N THR A 54 -2.92 -6.26 -6.11
CA THR A 54 -4.28 -6.68 -6.47
C THR A 54 -5.21 -5.47 -6.69
N GLY A 55 -4.68 -4.26 -6.48
CA GLY A 55 -5.48 -3.06 -6.65
C GLY A 55 -6.00 -2.86 -8.06
N SER A 56 -5.09 -2.88 -9.04
CA SER A 56 -5.44 -2.69 -10.44
C SER A 56 -6.42 -1.51 -10.55
N CYS A 57 -5.91 -0.32 -10.25
CA CYS A 57 -6.72 0.89 -10.29
C CYS A 57 -6.31 1.79 -11.44
N SER A 58 -7.28 2.24 -12.22
CA SER A 58 -7.00 3.13 -13.33
C SER A 58 -6.82 4.53 -12.76
N TRP A 59 -5.74 5.20 -13.17
CA TRP A 59 -5.42 6.54 -12.71
C TRP A 59 -5.37 7.56 -13.84
N LYS A 60 -5.45 8.83 -13.46
CA LYS A 60 -5.36 9.90 -14.42
C LYS A 60 -3.97 10.46 -14.21
N ILE A 61 -3.11 10.33 -15.22
CA ILE A 61 -1.78 10.89 -15.11
C ILE A 61 -1.86 12.32 -15.64
N TYR A 62 -1.50 13.28 -14.80
CA TYR A 62 -1.55 14.68 -15.18
C TYR A 62 -0.21 15.14 -15.69
N VAL A 63 -0.17 15.59 -16.94
CA VAL A 63 1.09 16.08 -17.51
C VAL A 63 1.00 17.61 -17.59
N LYS A 64 2.04 18.27 -17.08
CA LYS A 64 2.09 19.73 -17.04
C LYS A 64 3.52 20.16 -17.37
N ASN A 65 3.65 21.08 -18.32
CA ASN A 65 4.95 21.57 -18.74
C ASN A 65 5.78 20.43 -19.32
N GLY A 66 5.09 19.47 -19.94
CA GLY A 66 5.77 18.33 -20.53
C GLY A 66 6.34 17.36 -19.51
N LEU A 67 5.90 17.47 -18.26
CA LEU A 67 6.40 16.57 -17.22
C LEU A 67 5.22 16.01 -16.44
N VAL A 68 5.33 14.77 -15.98
CA VAL A 68 4.28 14.16 -15.17
C VAL A 68 4.39 14.86 -13.82
N THR A 69 3.30 15.50 -13.39
CA THR A 69 3.29 16.23 -12.13
C THR A 69 2.54 15.55 -10.98
N TRP A 70 1.35 15.03 -11.23
CA TRP A 70 0.63 14.34 -10.17
C TRP A 70 -0.37 13.36 -10.78
N GLU A 71 -1.22 12.79 -9.96
CA GLU A 71 -2.19 11.85 -10.49
C GLU A 71 -3.40 11.68 -9.56
N THR A 72 -4.57 11.43 -10.14
CA THR A 72 -5.77 11.18 -9.35
C THR A 72 -6.52 10.00 -9.95
N GLN A 73 -7.44 9.42 -9.19
CA GLN A 73 -8.17 8.26 -9.69
C GLN A 73 -9.15 8.53 -10.83
N GLN A 74 -9.31 7.51 -11.67
CA GLN A 74 -10.28 7.57 -12.75
C GLN A 74 -11.54 7.14 -12.03
N THR A 75 -12.68 7.74 -12.34
CA THR A 75 -13.91 7.36 -11.65
C THR A 75 -14.94 6.82 -12.63
N ASP A 76 -14.50 6.51 -13.85
CA ASP A 76 -15.39 6.03 -14.90
C ASP A 76 -15.50 4.51 -15.12
N TYR A 77 -15.25 3.72 -14.10
CA TYR A 77 -15.39 2.28 -14.30
C TYR A 77 -16.86 2.00 -14.63
N PRO A 78 -17.13 0.97 -15.43
CA PRO A 78 -18.50 0.60 -15.79
C PRO A 78 -19.19 0.29 -14.47
N ARG A 79 -20.26 1.03 -14.17
CA ARG A 79 -20.99 0.88 -12.93
C ARG A 79 -21.59 -0.51 -12.66
N THR A 80 -21.56 -0.91 -11.39
CA THR A 80 -22.08 -2.20 -10.95
C THR A 80 -23.58 -2.05 -10.87
N ARG A 81 -24.28 -3.15 -10.58
CA ARG A 81 -25.73 -3.13 -10.47
C ARG A 81 -26.16 -1.96 -9.60
N PRO A 82 -27.42 -1.58 -9.70
CA PRO A 82 -27.97 -0.47 -8.92
C PRO A 82 -27.99 -0.69 -7.40
N ASP A 83 -28.03 -1.95 -6.98
CA ASP A 83 -28.07 -2.30 -5.55
C ASP A 83 -26.70 -2.51 -4.90
N LEU A 84 -25.65 -2.47 -5.70
CA LEU A 84 -24.28 -2.63 -5.20
C LEU A 84 -23.54 -1.32 -5.38
N PRO A 85 -22.63 -0.99 -4.44
CA PRO A 85 -21.89 0.26 -4.61
C PRO A 85 -20.91 0.09 -5.78
N ASN A 86 -20.53 1.20 -6.40
CA ASN A 86 -19.62 1.18 -7.53
C ASN A 86 -18.16 1.18 -7.04
N HIS A 87 -17.24 0.82 -7.91
CA HIS A 87 -15.82 0.78 -7.55
C HIS A 87 -15.10 2.09 -7.33
N GLU A 88 -15.40 3.11 -8.14
CA GLU A 88 -14.70 4.38 -8.02
C GLU A 88 -14.65 4.80 -6.57
N PRO A 89 -13.54 5.45 -6.16
CA PRO A 89 -12.38 5.80 -6.99
C PRO A 89 -11.26 4.78 -6.93
N ARG A 90 -11.34 3.86 -5.97
CA ARG A 90 -10.27 2.89 -5.79
C ARG A 90 -9.00 3.70 -5.54
N GLY A 91 -7.85 3.05 -5.65
CA GLY A 91 -6.59 3.72 -5.40
C GLY A 91 -6.14 3.44 -3.99
N CYS A 92 -5.01 4.02 -3.61
CA CYS A 92 -4.45 3.86 -2.27
C CYS A 92 -3.37 4.93 -2.11
N PRO A 93 -2.80 5.06 -0.91
CA PRO A 93 -1.78 6.08 -0.70
C PRO A 93 -0.48 5.80 -1.43
N ARG A 94 -0.15 4.52 -1.56
CA ARG A 94 1.07 4.14 -2.23
C ARG A 94 0.98 4.58 -3.69
N GLY A 95 -0.05 4.10 -4.38
CA GLY A 95 -0.24 4.44 -5.78
C GLY A 95 -0.21 5.94 -6.03
N ALA A 96 -0.84 6.70 -5.14
CA ALA A 96 -0.90 8.15 -5.27
C ALA A 96 0.47 8.82 -5.19
N SER A 97 1.50 8.07 -4.80
CA SER A 97 2.82 8.65 -4.68
C SER A 97 3.77 8.26 -5.81
N TYR A 98 3.29 7.40 -6.71
CA TYR A 98 4.15 6.95 -7.79
C TYR A 98 4.85 8.04 -8.54
N SER A 99 4.12 9.11 -8.89
CA SER A 99 4.71 10.22 -9.64
C SER A 99 6.06 10.69 -9.11
N TRP A 100 6.26 10.58 -7.80
CA TRP A 100 7.51 11.00 -7.18
C TRP A 100 8.74 10.35 -7.84
N TYR A 101 8.60 9.10 -8.26
CA TYR A 101 9.69 8.36 -8.88
C TYR A 101 10.26 8.89 -10.18
N LEU A 102 9.40 9.27 -11.12
CA LEU A 102 9.85 9.76 -12.41
C LEU A 102 11.11 10.61 -12.51
N TYR A 103 11.30 11.58 -11.61
CA TYR A 103 12.50 12.40 -11.71
C TYR A 103 13.24 12.49 -10.40
N SER A 104 12.94 11.56 -9.49
CA SER A 104 13.57 11.55 -8.17
C SER A 104 15.05 11.26 -8.25
N ALA A 105 15.77 11.60 -7.18
CA ALA A 105 17.20 11.37 -7.12
C ALA A 105 17.51 9.89 -7.16
N ASN A 106 16.49 9.04 -7.08
CA ASN A 106 16.76 7.59 -7.11
C ASN A 106 16.36 6.88 -8.40
N ARG A 107 16.10 7.68 -9.44
CA ARG A 107 15.74 7.17 -10.75
C ARG A 107 16.98 6.65 -11.47
N LEU A 108 16.87 5.47 -12.07
CA LEU A 108 17.95 4.87 -12.85
C LEU A 108 17.81 5.44 -14.26
N LYS A 109 18.80 6.19 -14.70
CA LYS A 109 18.75 6.83 -16.00
C LYS A 109 19.51 6.17 -17.15
N TYR A 110 20.58 5.43 -16.86
CA TYR A 110 21.39 4.82 -17.89
C TYR A 110 21.78 3.40 -17.55
N PRO A 111 22.05 2.57 -18.58
CA PRO A 111 22.43 1.21 -18.22
C PRO A 111 23.75 1.33 -17.45
N MET A 112 23.81 0.67 -16.31
CA MET A 112 24.98 0.70 -15.44
C MET A 112 25.74 -0.61 -15.47
N MET A 113 27.03 -0.55 -15.20
CA MET A 113 27.83 -1.76 -15.15
C MET A 113 28.82 -1.61 -14.02
N ARG A 114 29.12 -2.72 -13.34
CA ARG A 114 30.10 -2.70 -12.24
C ARG A 114 31.48 -2.45 -12.84
N LYS A 115 32.14 -1.38 -12.40
CA LYS A 115 33.47 -0.98 -12.88
C LYS A 115 34.49 -2.09 -13.11
N ARG A 116 34.57 -3.03 -12.18
CA ARG A 116 35.53 -4.10 -12.32
C ARG A 116 35.20 -5.00 -13.52
N LEU A 117 33.92 -5.27 -13.71
CA LEU A 117 33.47 -6.11 -14.83
C LEU A 117 33.66 -5.42 -16.16
N MET A 118 33.50 -4.10 -16.17
CA MET A 118 33.66 -3.32 -17.38
C MET A 118 35.14 -3.28 -17.78
N LYS A 119 36.00 -2.99 -16.80
CA LYS A 119 37.42 -2.92 -17.06
C LYS A 119 37.91 -4.23 -17.69
N MET A 120 37.52 -5.36 -17.12
CA MET A 120 37.93 -6.66 -17.67
C MET A 120 37.22 -7.04 -18.97
N TRP A 121 36.04 -6.46 -19.20
CA TRP A 121 35.29 -6.74 -20.42
C TRP A 121 35.91 -6.01 -21.59
N ARG A 122 36.32 -4.76 -21.36
CA ARG A 122 36.93 -3.96 -22.42
C ARG A 122 38.34 -4.37 -22.77
N GLU A 123 39.02 -5.03 -21.84
CA GLU A 123 40.38 -5.48 -22.09
C GLU A 123 40.28 -6.84 -22.77
N ALA A 124 39.22 -7.57 -22.44
CA ALA A 124 38.99 -8.89 -23.02
C ALA A 124 38.54 -8.76 -24.48
N LYS A 125 37.88 -7.66 -24.81
CA LYS A 125 37.43 -7.46 -26.18
C LYS A 125 38.57 -6.99 -27.06
N ALA A 126 39.62 -6.47 -26.44
CA ALA A 126 40.79 -5.99 -27.19
C ALA A 126 41.74 -7.16 -27.48
N LEU A 127 41.31 -8.36 -27.11
CA LEU A 127 42.09 -9.58 -27.32
C LEU A 127 41.24 -10.68 -27.96
N HIS A 128 39.94 -10.44 -28.02
CA HIS A 128 39.04 -11.42 -28.60
C HIS A 128 37.97 -10.72 -29.41
N SER A 129 38.22 -10.60 -30.71
CA SER A 129 37.28 -9.95 -31.61
C SER A 129 35.85 -10.40 -31.33
N ASP A 130 35.67 -11.71 -31.21
CA ASP A 130 34.37 -12.32 -30.94
C ASP A 130 34.03 -12.12 -29.45
N PRO A 131 32.77 -11.75 -29.13
CA PRO A 131 32.41 -11.55 -27.73
C PRO A 131 32.29 -12.80 -26.86
N VAL A 132 31.71 -13.87 -27.40
CA VAL A 132 31.58 -15.09 -26.62
C VAL A 132 32.93 -15.47 -26.01
N GLU A 133 33.96 -15.40 -26.84
CA GLU A 133 35.31 -15.72 -26.42
C GLU A 133 35.86 -14.69 -25.42
N ALA A 134 35.50 -13.42 -25.59
CA ALA A 134 35.99 -12.43 -24.64
C ALA A 134 35.36 -12.73 -23.28
N TRP A 135 34.12 -13.21 -23.27
CA TRP A 135 33.47 -13.55 -22.02
C TRP A 135 34.17 -14.77 -21.43
N ALA A 136 34.38 -15.78 -22.26
CA ALA A 136 35.04 -17.00 -21.83
C ALA A 136 36.36 -16.66 -21.14
N SER A 137 37.12 -15.73 -21.70
CA SER A 137 38.41 -15.34 -21.13
C SER A 137 38.30 -14.80 -19.71
N ILE A 138 37.16 -14.23 -19.36
CA ILE A 138 36.95 -13.68 -18.03
C ILE A 138 36.31 -14.69 -17.08
N ILE A 139 35.25 -15.33 -17.54
CA ILE A 139 34.56 -16.29 -16.70
C ILE A 139 35.38 -17.53 -16.34
N GLU A 140 36.17 -18.04 -17.28
CA GLU A 140 36.98 -19.23 -17.05
C GLU A 140 38.25 -18.98 -16.26
N ASP A 141 38.43 -17.76 -15.76
CA ASP A 141 39.59 -17.39 -14.95
C ASP A 141 39.03 -17.18 -13.54
N ALA A 142 39.66 -17.79 -12.54
CA ALA A 142 39.20 -17.66 -11.15
C ALA A 142 39.39 -16.25 -10.58
N ASP A 143 40.62 -15.76 -10.62
CA ASP A 143 40.97 -14.44 -10.10
C ASP A 143 40.15 -13.31 -10.75
N LYS A 144 39.70 -13.55 -11.98
CA LYS A 144 38.90 -12.54 -12.69
C LYS A 144 37.45 -12.65 -12.21
N ALA A 145 36.83 -13.78 -12.48
CA ALA A 145 35.45 -13.99 -12.07
C ALA A 145 35.26 -13.52 -10.62
N LYS A 146 36.18 -13.94 -9.75
CA LYS A 146 36.11 -13.57 -8.35
C LYS A 146 36.14 -12.06 -8.16
N SER A 147 37.05 -11.38 -8.87
CA SER A 147 37.17 -9.94 -8.71
C SER A 147 35.88 -9.14 -8.87
N PHE A 148 35.01 -9.51 -9.83
CA PHE A 148 33.77 -8.75 -9.96
C PHE A 148 32.61 -9.30 -9.12
N LYS A 149 32.66 -10.60 -8.78
CA LYS A 149 31.61 -11.20 -7.96
C LYS A 149 31.68 -10.76 -6.48
N GLN A 150 32.83 -10.25 -6.06
CA GLN A 150 32.97 -9.81 -4.68
C GLN A 150 32.82 -8.30 -4.62
N ALA A 151 32.62 -7.70 -5.78
CA ALA A 151 32.42 -6.27 -5.89
C ALA A 151 30.92 -6.03 -5.71
N ARG A 152 30.14 -7.08 -5.94
CA ARG A 152 28.70 -6.97 -5.82
C ARG A 152 28.29 -6.34 -4.48
N GLY A 153 27.39 -5.36 -4.58
CA GLY A 153 26.89 -4.66 -3.42
C GLY A 153 27.93 -3.79 -2.77
N ARG A 154 29.02 -3.51 -3.49
CA ARG A 154 30.08 -2.68 -2.92
C ARG A 154 30.46 -1.46 -3.75
N GLY A 155 29.45 -0.75 -4.25
CA GLY A 155 29.70 0.44 -5.04
C GLY A 155 30.43 0.11 -6.33
N GLY A 156 30.84 1.14 -7.05
CA GLY A 156 31.55 0.91 -8.29
C GLY A 156 30.76 0.88 -9.58
N PHE A 157 29.54 1.41 -9.58
CA PHE A 157 28.80 1.40 -10.83
C PHE A 157 29.34 2.52 -11.71
N VAL A 158 29.39 2.26 -13.01
CA VAL A 158 29.85 3.24 -13.99
C VAL A 158 28.85 3.23 -15.13
N ARG A 159 28.68 4.38 -15.75
CA ARG A 159 27.75 4.49 -16.87
C ARG A 159 28.23 3.72 -18.10
N SER A 160 27.31 2.98 -18.70
CA SER A 160 27.60 2.18 -19.88
C SER A 160 26.68 2.64 -21.00
N SER A 161 26.44 1.77 -21.98
CA SER A 161 25.53 2.10 -23.08
C SER A 161 24.75 0.85 -23.44
N TRP A 162 23.60 1.02 -24.08
CA TRP A 162 22.78 -0.13 -24.44
C TRP A 162 23.57 -1.06 -25.35
N GLN A 163 24.45 -0.47 -26.12
CA GLN A 163 25.27 -1.21 -27.07
C GLN A 163 26.19 -2.17 -26.31
N GLU A 164 26.99 -1.60 -25.42
CA GLU A 164 27.93 -2.39 -24.63
C GLU A 164 27.29 -3.48 -23.77
N VAL A 165 26.24 -3.15 -23.04
CA VAL A 165 25.60 -4.13 -22.19
C VAL A 165 24.81 -5.21 -22.91
N ASN A 166 24.26 -4.89 -24.07
CA ASN A 166 23.49 -5.89 -24.82
C ASN A 166 24.40 -6.98 -25.36
N GLU A 167 25.61 -6.59 -25.75
CA GLU A 167 26.58 -7.55 -26.29
C GLU A 167 27.06 -8.45 -25.17
N LEU A 168 27.47 -7.82 -24.06
CA LEU A 168 27.95 -8.59 -22.91
C LEU A 168 26.88 -9.58 -22.46
N ILE A 169 25.62 -9.17 -22.45
CA ILE A 169 24.54 -10.05 -22.03
C ILE A 169 24.33 -11.20 -23.01
N ALA A 170 24.25 -10.87 -24.29
CA ALA A 170 24.05 -11.90 -25.32
C ALA A 170 25.25 -12.84 -25.35
N ALA A 171 26.44 -12.25 -25.22
CA ALA A 171 27.68 -13.02 -25.23
C ALA A 171 27.65 -14.01 -24.08
N SER A 172 27.34 -13.52 -22.89
CA SER A 172 27.27 -14.35 -21.69
C SER A 172 26.26 -15.48 -21.80
N ASN A 173 25.13 -15.20 -22.46
CA ASN A 173 24.07 -16.21 -22.64
C ASN A 173 24.44 -17.27 -23.66
N VAL A 174 25.15 -16.87 -24.71
CA VAL A 174 25.55 -17.82 -25.75
C VAL A 174 26.56 -18.79 -25.12
N TYR A 175 27.58 -18.22 -24.48
CA TYR A 175 28.60 -19.02 -23.83
C TYR A 175 27.95 -20.01 -22.88
N THR A 176 27.17 -19.49 -21.95
CA THR A 176 26.49 -20.33 -20.98
C THR A 176 25.63 -21.44 -21.61
N ILE A 177 24.95 -21.14 -22.70
CA ILE A 177 24.09 -22.13 -23.34
C ILE A 177 24.88 -23.20 -24.09
N LYS A 178 25.98 -22.78 -24.68
CA LYS A 178 26.84 -23.66 -25.47
C LYS A 178 27.81 -24.49 -24.63
N ASN A 179 28.03 -24.10 -23.38
CA ASN A 179 28.99 -24.82 -22.56
C ASN A 179 28.41 -25.55 -21.36
N TYR A 180 27.17 -25.28 -21.00
CA TYR A 180 26.56 -25.97 -19.87
C TYR A 180 25.15 -26.41 -20.20
N GLY A 181 24.43 -25.58 -20.94
CA GLY A 181 23.08 -25.90 -21.34
C GLY A 181 22.16 -24.69 -21.22
N PRO A 182 21.01 -24.68 -21.91
CA PRO A 182 20.11 -23.54 -21.82
C PRO A 182 19.47 -23.41 -20.43
N ASP A 183 19.25 -24.53 -19.75
CA ASP A 183 18.64 -24.50 -18.42
C ASP A 183 19.55 -23.89 -17.33
N ARG A 184 20.74 -23.41 -17.69
CA ARG A 184 21.62 -22.78 -16.71
C ARG A 184 21.46 -21.25 -16.83
N VAL A 185 20.47 -20.87 -17.63
CA VAL A 185 20.11 -19.47 -17.83
C VAL A 185 18.68 -19.37 -17.33
N ALA A 186 18.41 -18.41 -16.46
CA ALA A 186 17.05 -18.25 -15.95
C ALA A 186 16.63 -16.82 -15.75
N GLY A 187 15.34 -16.65 -15.50
CA GLY A 187 14.82 -15.34 -15.25
C GLY A 187 13.75 -15.44 -14.19
N PHE A 188 13.71 -14.44 -13.32
CA PHE A 188 12.70 -14.38 -12.27
C PHE A 188 11.95 -13.06 -12.39
N SER A 189 10.64 -13.16 -12.65
CA SER A 189 9.75 -12.00 -12.76
C SER A 189 8.42 -12.54 -12.26
N PRO A 190 7.79 -11.82 -11.33
CA PRO A 190 6.51 -12.28 -10.79
C PRO A 190 5.23 -11.69 -11.34
N ILE A 191 4.14 -12.12 -10.71
CA ILE A 191 2.78 -11.68 -10.97
C ILE A 191 2.59 -11.01 -12.34
N PRO A 192 2.21 -11.80 -13.35
CA PRO A 192 2.02 -11.21 -14.67
C PRO A 192 0.75 -10.37 -14.83
N ALA A 193 -0.25 -10.59 -13.97
CA ALA A 193 -1.48 -9.83 -14.07
C ALA A 193 -1.24 -8.32 -14.01
N MET A 194 -0.23 -7.89 -13.27
CA MET A 194 0.06 -6.46 -13.11
C MET A 194 0.73 -5.77 -14.30
N SER A 195 1.07 -6.53 -15.34
CA SER A 195 1.71 -6.00 -16.56
C SER A 195 2.06 -7.17 -17.47
N MET A 196 1.01 -7.81 -17.98
CA MET A 196 1.09 -8.97 -18.85
C MET A 196 2.20 -8.97 -19.88
N VAL A 197 2.37 -7.84 -20.54
CA VAL A 197 3.39 -7.74 -21.58
C VAL A 197 4.80 -7.50 -21.03
N SER A 198 4.91 -6.73 -19.95
CA SER A 198 6.22 -6.45 -19.36
C SER A 198 6.85 -7.71 -18.77
N TYR A 199 6.01 -8.63 -18.33
CA TYR A 199 6.51 -9.89 -17.81
C TYR A 199 6.85 -10.76 -19.00
N ALA A 200 5.93 -10.82 -19.95
CA ALA A 200 6.06 -11.63 -21.16
C ALA A 200 7.35 -11.33 -21.96
N SER A 201 7.85 -10.11 -21.88
CA SER A 201 9.04 -9.77 -22.64
C SER A 201 10.23 -10.66 -22.30
N GLY A 202 10.50 -10.84 -21.01
CA GLY A 202 11.62 -11.69 -20.62
C GLY A 202 11.26 -13.16 -20.77
N ALA A 203 10.07 -13.52 -20.28
CA ALA A 203 9.61 -14.89 -20.34
C ALA A 203 9.71 -15.45 -21.77
N ARG A 204 9.41 -14.62 -22.75
CA ARG A 204 9.44 -15.03 -24.15
C ARG A 204 10.85 -15.27 -24.67
N TYR A 205 11.74 -14.34 -24.36
CA TYR A 205 13.12 -14.45 -24.80
C TYR A 205 13.78 -15.66 -24.16
N LEU A 206 13.52 -15.87 -22.88
CA LEU A 206 14.08 -17.02 -22.17
C LEU A 206 13.49 -18.32 -22.72
N SER A 207 12.19 -18.36 -22.95
CA SER A 207 11.59 -19.58 -23.49
C SER A 207 12.18 -19.90 -24.85
N LEU A 208 12.30 -18.89 -25.69
CA LEU A 208 12.86 -19.12 -27.01
C LEU A 208 14.26 -19.74 -26.96
N ILE A 209 15.11 -19.28 -26.04
CA ILE A 209 16.45 -19.84 -25.96
C ILE A 209 16.58 -21.01 -25.01
N GLY A 210 15.44 -21.55 -24.57
CA GLY A 210 15.47 -22.68 -23.66
C GLY A 210 15.85 -22.41 -22.22
N GLY A 211 15.75 -21.16 -21.77
CA GLY A 211 16.08 -20.84 -20.39
C GLY A 211 14.94 -21.19 -19.45
N THR A 212 15.18 -21.14 -18.16
CA THR A 212 14.12 -21.49 -17.22
C THR A 212 13.40 -20.27 -16.64
N CYS A 213 12.08 -20.41 -16.53
CA CYS A 213 11.22 -19.40 -15.95
C CYS A 213 10.85 -19.88 -14.54
N LEU A 214 11.31 -19.15 -13.53
CA LEU A 214 11.03 -19.49 -12.12
C LEU A 214 9.64 -19.03 -11.68
N SER A 215 8.95 -19.88 -10.92
CA SER A 215 7.60 -19.58 -10.42
C SER A 215 7.63 -18.45 -9.39
N PHE A 216 6.47 -18.15 -8.81
CA PHE A 216 6.40 -17.07 -7.83
C PHE A 216 5.28 -17.22 -6.80
N TYR A 217 4.12 -17.75 -7.22
CA TYR A 217 2.98 -17.90 -6.32
C TYR A 217 3.28 -18.77 -5.12
N ASP A 218 4.11 -19.80 -5.32
CA ASP A 218 4.48 -20.68 -4.23
C ASP A 218 5.70 -20.09 -3.51
N TRP A 219 6.60 -19.48 -4.27
CA TRP A 219 7.79 -18.86 -3.71
C TRP A 219 7.45 -17.77 -2.69
N TYR A 220 6.42 -16.98 -2.99
CA TYR A 220 5.99 -15.90 -2.09
C TYR A 220 5.12 -16.41 -0.97
N CYS A 221 4.57 -17.61 -1.15
CA CYS A 221 3.70 -18.25 -0.18
C CYS A 221 2.31 -17.62 -0.25
N ASP A 222 1.94 -17.19 -1.46
CA ASP A 222 0.63 -16.61 -1.72
C ASP A 222 -0.24 -17.78 -2.12
N LEU A 223 0.44 -18.87 -2.48
CA LEU A 223 -0.23 -20.10 -2.88
C LEU A 223 -0.72 -20.85 -1.65
N PRO A 224 -2.04 -21.13 -1.60
CA PRO A 224 -2.63 -21.86 -0.48
C PRO A 224 -2.73 -23.32 -0.96
N PRO A 225 -1.73 -24.15 -0.64
CA PRO A 225 -1.76 -25.55 -1.07
C PRO A 225 -3.12 -26.21 -0.87
N ALA A 226 -3.90 -25.69 0.08
CA ALA A 226 -5.22 -26.22 0.37
C ALA A 226 -6.19 -26.11 -0.80
N SER A 227 -6.05 -25.06 -1.60
CA SER A 227 -6.92 -24.84 -2.75
C SER A 227 -6.79 -26.01 -3.74
N PRO A 228 -5.55 -26.33 -4.15
CA PRO A 228 -5.33 -27.44 -5.08
C PRO A 228 -5.84 -28.72 -4.45
N GLN A 229 -5.56 -28.87 -3.16
CA GLN A 229 -5.96 -30.04 -2.38
C GLN A 229 -7.45 -30.29 -2.34
N THR A 230 -8.20 -29.23 -2.16
CA THR A 230 -9.64 -29.32 -2.05
C THR A 230 -10.41 -29.19 -3.36
N TRP A 231 -9.92 -28.33 -4.25
CA TRP A 231 -10.64 -28.10 -5.50
C TRP A 231 -9.85 -28.38 -6.76
N GLY A 232 -8.56 -28.63 -6.61
CA GLY A 232 -7.73 -28.88 -7.77
C GLY A 232 -7.61 -27.61 -8.60
N GLU A 233 -7.67 -26.47 -7.91
CA GLU A 233 -7.56 -25.15 -8.54
C GLU A 233 -6.52 -24.29 -7.83
N GLN A 234 -5.62 -23.70 -8.60
CA GLN A 234 -4.59 -22.83 -8.04
C GLN A 234 -5.22 -21.86 -7.04
N THR A 235 -6.12 -21.02 -7.55
CA THR A 235 -6.83 -20.04 -6.73
C THR A 235 -7.95 -19.44 -7.57
N ASP A 236 -9.13 -19.34 -6.98
CA ASP A 236 -10.29 -18.76 -7.66
C ASP A 236 -11.18 -18.30 -6.52
N VAL A 237 -11.43 -17.00 -6.49
CA VAL A 237 -12.21 -16.42 -5.42
C VAL A 237 -13.25 -15.44 -5.93
N PRO A 238 -14.20 -15.06 -5.09
CA PRO A 238 -15.21 -14.11 -5.55
C PRO A 238 -14.56 -12.71 -5.63
N GLU A 239 -15.21 -11.78 -6.33
CA GLU A 239 -14.70 -10.41 -6.46
C GLU A 239 -15.14 -9.59 -5.26
N SER A 240 -14.43 -8.50 -4.99
CA SER A 240 -14.77 -7.65 -3.85
C SER A 240 -16.21 -7.16 -3.85
N ALA A 241 -16.81 -7.03 -5.03
CA ALA A 241 -18.19 -6.58 -5.05
C ALA A 241 -19.07 -7.64 -4.38
N ASP A 242 -18.73 -8.91 -4.58
CA ASP A 242 -19.52 -10.00 -4.01
C ASP A 242 -19.62 -9.93 -2.49
N TRP A 243 -18.63 -9.32 -1.84
CA TRP A 243 -18.68 -9.21 -0.38
C TRP A 243 -19.97 -8.53 0.04
N TYR A 244 -20.49 -7.67 -0.81
CA TYR A 244 -21.69 -6.92 -0.50
C TYR A 244 -22.93 -7.79 -0.58
N ASN A 245 -22.74 -9.03 -1.02
CA ASN A 245 -23.84 -9.98 -1.13
C ASN A 245 -23.89 -10.91 0.08
N SER A 246 -22.88 -10.82 0.93
CA SER A 246 -22.83 -11.65 2.13
C SER A 246 -23.50 -10.94 3.30
N SER A 247 -24.08 -11.70 4.21
CA SER A 247 -24.74 -11.10 5.36
C SER A 247 -23.97 -11.44 6.63
N TYR A 248 -22.87 -12.19 6.48
CA TYR A 248 -22.01 -12.55 7.61
C TYR A 248 -20.57 -12.72 7.11
N ILE A 249 -19.63 -12.00 7.72
CA ILE A 249 -18.26 -12.08 7.27
C ILE A 249 -17.20 -12.07 8.37
N ILE A 250 -16.20 -12.93 8.21
CA ILE A 250 -15.10 -13.03 9.14
C ILE A 250 -13.79 -12.76 8.40
N ALA A 251 -13.10 -11.69 8.81
CA ALA A 251 -11.80 -11.34 8.23
C ALA A 251 -10.84 -12.09 9.15
N TRP A 252 -10.18 -13.11 8.60
CA TRP A 252 -9.26 -13.93 9.38
C TRP A 252 -7.85 -13.79 8.83
N GLY A 253 -6.98 -13.10 9.58
CA GLY A 253 -5.62 -12.91 9.12
C GLY A 253 -5.62 -12.15 7.82
N SER A 254 -6.50 -11.15 7.74
CA SER A 254 -6.63 -10.32 6.56
C SER A 254 -6.88 -8.88 6.97
N ASN A 255 -5.84 -8.06 6.90
CA ASN A 255 -5.91 -6.65 7.27
C ASN A 255 -6.47 -5.85 6.08
N VAL A 256 -7.72 -6.17 5.73
CA VAL A 256 -8.43 -5.58 4.60
C VAL A 256 -8.24 -4.08 4.36
N PRO A 257 -8.51 -3.25 5.37
CA PRO A 257 -8.36 -1.80 5.18
C PRO A 257 -6.96 -1.33 4.85
N GLN A 258 -5.96 -2.14 5.16
CA GLN A 258 -4.58 -1.77 4.90
C GLN A 258 -3.96 -2.49 3.71
N THR A 259 -4.36 -3.74 3.47
CA THR A 259 -3.80 -4.51 2.36
C THR A 259 -4.71 -4.73 1.16
N ARG A 260 -5.96 -4.30 1.28
CA ARG A 260 -6.94 -4.43 0.21
C ARG A 260 -7.63 -3.07 0.17
N THR A 261 -6.86 -2.03 0.43
CA THR A 261 -7.36 -0.66 0.50
C THR A 261 -8.45 -0.27 -0.51
N PRO A 262 -8.16 -0.28 -1.82
CA PRO A 262 -9.16 0.08 -2.82
C PRO A 262 -10.48 -0.68 -2.77
N ASP A 263 -10.51 -1.83 -2.11
CA ASP A 263 -11.75 -2.60 -2.03
C ASP A 263 -12.41 -2.54 -0.65
N ALA A 264 -11.71 -1.96 0.32
CA ALA A 264 -12.21 -1.85 1.69
C ALA A 264 -13.62 -1.30 1.83
N HIS A 265 -14.04 -0.42 0.94
CA HIS A 265 -15.36 0.15 1.12
C HIS A 265 -16.46 -0.87 0.98
N PHE A 266 -16.23 -1.91 0.19
CA PHE A 266 -17.28 -2.92 0.06
C PHE A 266 -17.54 -3.55 1.42
N PHE A 267 -16.48 -3.68 2.20
CA PHE A 267 -16.56 -4.24 3.53
C PHE A 267 -17.20 -3.23 4.50
N THR A 268 -16.81 -1.96 4.45
CA THR A 268 -17.39 -0.99 5.39
C THR A 268 -18.85 -0.66 5.07
N GLU A 269 -19.19 -0.72 3.79
CA GLU A 269 -20.54 -0.41 3.35
C GLU A 269 -21.51 -1.57 3.52
N VAL A 270 -21.03 -2.81 3.39
CA VAL A 270 -21.94 -3.97 3.54
C VAL A 270 -22.42 -4.02 4.98
N ARG A 271 -21.75 -3.32 5.87
CA ARG A 271 -22.16 -3.28 7.26
C ARG A 271 -23.51 -2.55 7.39
N TYR A 272 -23.70 -1.53 6.58
CA TYR A 272 -24.94 -0.78 6.62
C TYR A 272 -26.08 -1.58 6.03
N LYS A 273 -25.76 -2.69 5.37
CA LYS A 273 -26.79 -3.52 4.76
C LYS A 273 -27.31 -4.52 5.79
N GLY A 274 -26.72 -4.48 6.98
CA GLY A 274 -27.12 -5.38 8.04
C GLY A 274 -26.19 -6.57 8.27
N THR A 275 -25.10 -6.61 7.53
CA THR A 275 -24.13 -7.70 7.66
C THR A 275 -23.29 -7.55 8.92
N LYS A 276 -23.03 -8.67 9.60
CA LYS A 276 -22.20 -8.63 10.80
C LYS A 276 -20.75 -8.94 10.40
N THR A 277 -19.82 -8.19 10.95
CA THR A 277 -18.40 -8.40 10.64
C THR A 277 -17.59 -8.78 11.87
N VAL A 278 -16.66 -9.71 11.69
CA VAL A 278 -15.81 -10.17 12.78
C VAL A 278 -14.36 -10.17 12.33
N ALA A 279 -13.49 -9.59 13.14
CA ALA A 279 -12.06 -9.54 12.83
C ALA A 279 -11.35 -10.54 13.74
N VAL A 280 -10.48 -11.38 13.17
CA VAL A 280 -9.74 -12.36 13.94
C VAL A 280 -8.25 -12.12 13.75
N THR A 281 -7.67 -11.33 14.65
CA THR A 281 -6.25 -11.01 14.61
C THR A 281 -5.68 -10.97 16.02
N PRO A 282 -4.42 -11.40 16.21
CA PRO A 282 -3.80 -11.39 17.54
C PRO A 282 -3.52 -9.99 18.06
N ASP A 283 -3.33 -9.04 17.15
CA ASP A 283 -3.06 -7.66 17.53
C ASP A 283 -4.27 -6.84 17.15
N TYR A 284 -4.37 -5.64 17.70
CA TYR A 284 -5.49 -4.79 17.34
C TYR A 284 -5.05 -4.16 16.00
N ALA A 285 -5.43 -4.82 14.92
CA ALA A 285 -5.08 -4.37 13.58
C ALA A 285 -6.12 -3.40 13.04
N GLU A 286 -5.79 -2.74 11.93
CA GLU A 286 -6.74 -1.80 11.33
C GLU A 286 -8.06 -2.51 11.07
N ILE A 287 -8.00 -3.73 10.57
CA ILE A 287 -9.21 -4.51 10.29
C ILE A 287 -10.16 -4.54 11.51
N ALA A 288 -9.61 -4.57 12.71
CA ALA A 288 -10.44 -4.59 13.92
C ALA A 288 -11.30 -3.35 14.04
N LYS A 289 -10.72 -2.19 13.76
CA LYS A 289 -11.42 -0.91 13.84
C LYS A 289 -12.76 -0.87 13.09
N LEU A 290 -12.92 -1.70 12.07
CA LEU A 290 -14.14 -1.72 11.27
C LEU A 290 -15.02 -2.94 11.49
N CYS A 291 -14.91 -3.58 12.64
CA CYS A 291 -15.74 -4.75 12.89
C CYS A 291 -16.64 -4.63 14.11
N ASP A 292 -17.56 -5.58 14.25
CA ASP A 292 -18.50 -5.55 15.36
C ASP A 292 -17.97 -6.40 16.49
N LEU A 293 -17.02 -7.26 16.17
CA LEU A 293 -16.43 -8.14 17.18
C LEU A 293 -14.98 -8.35 16.86
N TRP A 294 -14.14 -8.38 17.88
CA TRP A 294 -12.71 -8.60 17.68
C TRP A 294 -12.21 -9.77 18.53
N LEU A 295 -11.71 -10.82 17.86
CA LEU A 295 -11.16 -11.99 18.55
C LEU A 295 -9.66 -11.99 18.35
N ALA A 296 -8.90 -12.18 19.43
CA ALA A 296 -7.45 -12.18 19.31
C ALA A 296 -6.83 -13.51 19.74
N PRO A 297 -6.88 -14.52 18.88
CA PRO A 297 -6.29 -15.80 19.25
C PRO A 297 -4.77 -15.70 19.21
N LYS A 298 -4.09 -16.68 19.80
CA LYS A 298 -2.64 -16.71 19.78
C LYS A 298 -2.22 -17.02 18.33
N GLN A 299 -1.29 -16.24 17.80
CA GLN A 299 -0.85 -16.46 16.42
C GLN A 299 -0.38 -17.89 16.13
N GLY A 300 -0.88 -18.45 15.04
CA GLY A 300 -0.52 -19.79 14.64
C GLY A 300 -1.53 -20.83 15.08
N THR A 301 -2.30 -20.49 16.11
CA THR A 301 -3.27 -21.40 16.68
C THR A 301 -4.61 -21.42 15.98
N ASP A 302 -4.78 -20.55 14.99
CA ASP A 302 -6.05 -20.44 14.26
C ASP A 302 -6.76 -21.75 13.86
N ALA A 303 -6.00 -22.74 13.38
CA ALA A 303 -6.62 -24.00 13.00
C ALA A 303 -7.40 -24.60 14.20
N ALA A 304 -6.99 -24.23 15.41
CA ALA A 304 -7.64 -24.73 16.61
C ALA A 304 -9.08 -24.19 16.68
N MET A 305 -9.20 -22.88 16.51
CA MET A 305 -10.51 -22.21 16.54
C MET A 305 -11.38 -22.79 15.45
N ALA A 306 -10.81 -22.91 14.25
CA ALA A 306 -11.52 -23.47 13.10
C ALA A 306 -12.08 -24.86 13.42
N LEU A 307 -11.28 -25.69 14.07
CA LEU A 307 -11.73 -27.02 14.41
C LEU A 307 -12.91 -26.97 15.38
N ALA A 308 -12.75 -26.20 16.46
CA ALA A 308 -13.82 -26.07 17.46
C ALA A 308 -15.13 -25.58 16.83
N MET A 309 -15.04 -24.55 15.98
CA MET A 309 -16.24 -24.03 15.33
C MET A 309 -16.84 -25.10 14.42
N GLY A 310 -15.99 -25.84 13.71
CA GLY A 310 -16.48 -26.89 12.85
C GLY A 310 -17.23 -27.89 13.69
N HIS A 311 -16.76 -28.07 14.93
CA HIS A 311 -17.37 -29.00 15.86
C HIS A 311 -18.79 -28.57 16.18
N VAL A 312 -18.92 -27.37 16.76
CA VAL A 312 -20.21 -26.79 17.11
C VAL A 312 -21.20 -26.87 15.94
N MET A 313 -20.72 -26.55 14.75
CA MET A 313 -21.55 -26.58 13.54
C MET A 313 -22.04 -27.98 13.20
N LEU A 314 -21.12 -28.93 13.13
CA LEU A 314 -21.46 -30.31 12.82
C LEU A 314 -22.44 -30.86 13.85
N ARG A 315 -22.27 -30.40 15.09
CA ARG A 315 -23.11 -30.86 16.18
C ARG A 315 -24.51 -30.27 16.16
N GLU A 316 -24.59 -28.94 16.02
CA GLU A 316 -25.88 -28.27 16.04
C GLU A 316 -26.62 -28.11 14.70
N PHE A 317 -25.94 -28.35 13.58
CA PHE A 317 -26.59 -28.20 12.28
C PHE A 317 -26.53 -29.43 11.39
N HIS A 318 -25.83 -30.47 11.85
CA HIS A 318 -25.72 -31.69 11.07
C HIS A 318 -26.16 -32.93 11.84
N LEU A 319 -26.00 -32.86 13.16
CA LEU A 319 -26.37 -33.97 14.03
C LEU A 319 -27.69 -33.73 14.77
N ASP A 320 -27.68 -32.86 15.77
CA ASP A 320 -28.90 -32.59 16.52
C ASP A 320 -30.06 -32.24 15.59
N ASN A 321 -30.14 -30.98 15.18
CA ASN A 321 -31.21 -30.57 14.29
C ASN A 321 -30.63 -30.34 12.88
N PRO A 322 -30.63 -31.41 12.04
CA PRO A 322 -30.10 -31.33 10.68
C PRO A 322 -30.66 -30.18 9.86
N SER A 323 -29.90 -29.78 8.84
CA SER A 323 -30.30 -28.69 7.95
C SER A 323 -30.48 -29.21 6.54
N GLN A 324 -31.68 -29.07 5.99
CA GLN A 324 -31.95 -29.55 4.64
C GLN A 324 -30.97 -28.97 3.64
N TYR A 325 -30.69 -27.68 3.76
CA TYR A 325 -29.75 -27.06 2.84
C TYR A 325 -28.35 -27.64 3.03
N PHE A 326 -27.84 -27.62 4.26
CA PHE A 326 -26.50 -28.13 4.52
C PHE A 326 -26.30 -29.57 4.11
N THR A 327 -27.27 -30.42 4.44
CA THR A 327 -27.17 -31.84 4.11
C THR A 327 -27.13 -32.12 2.60
N ASP A 328 -28.11 -31.62 1.87
CA ASP A 328 -28.11 -31.84 0.43
C ASP A 328 -26.80 -31.36 -0.16
N TYR A 329 -26.35 -30.19 0.28
CA TYR A 329 -25.12 -29.59 -0.22
C TYR A 329 -23.93 -30.54 -0.13
N VAL A 330 -23.58 -30.97 1.08
CA VAL A 330 -22.44 -31.88 1.26
C VAL A 330 -22.67 -33.21 0.56
N ARG A 331 -23.93 -33.62 0.47
CA ARG A 331 -24.28 -34.86 -0.18
C ARG A 331 -23.85 -34.83 -1.66
N ARG A 332 -24.27 -33.76 -2.34
CA ARG A 332 -23.99 -33.57 -3.78
C ARG A 332 -22.64 -32.94 -4.18
N TYR A 333 -21.99 -32.19 -3.28
CA TYR A 333 -20.75 -31.54 -3.70
C TYR A 333 -19.46 -31.88 -2.97
N THR A 334 -19.51 -32.78 -2.00
CA THR A 334 -18.29 -33.15 -1.29
C THR A 334 -18.00 -34.63 -1.51
N ASP A 335 -16.87 -35.08 -1.00
CA ASP A 335 -16.49 -36.48 -1.14
C ASP A 335 -16.91 -37.23 0.12
N MET A 336 -17.69 -36.56 0.98
CA MET A 336 -18.12 -37.16 2.23
C MET A 336 -18.80 -38.52 2.08
N PRO A 337 -19.69 -38.67 1.09
CA PRO A 337 -20.34 -39.97 0.92
C PRO A 337 -19.43 -41.05 0.32
N MET A 338 -18.23 -40.66 -0.11
CA MET A 338 -17.27 -41.60 -0.68
C MET A 338 -16.69 -42.59 0.34
N LEU A 339 -16.36 -43.79 -0.13
CA LEU A 339 -15.84 -44.85 0.74
C LEU A 339 -14.33 -44.91 0.92
N VAL A 340 -13.90 -44.97 2.17
CA VAL A 340 -12.49 -45.05 2.50
C VAL A 340 -12.17 -46.45 3.05
N MET A 341 -11.10 -47.03 2.55
CA MET A 341 -10.66 -48.35 2.99
C MET A 341 -9.84 -48.26 4.27
N LEU A 342 -10.08 -49.19 5.18
CA LEU A 342 -9.37 -49.22 6.46
C LEU A 342 -8.21 -50.20 6.43
N GLU A 343 -7.04 -49.74 6.84
CA GLU A 343 -5.85 -50.58 6.88
C GLU A 343 -5.78 -51.21 8.26
N GLU A 344 -4.95 -52.25 8.40
CA GLU A 344 -4.83 -52.92 9.67
C GLU A 344 -3.60 -52.49 10.48
N ARG A 345 -3.78 -52.50 11.79
CA ARG A 345 -2.72 -52.13 12.73
C ARG A 345 -2.73 -53.10 13.91
N ASP A 346 -2.48 -52.61 15.12
CA ASP A 346 -2.48 -53.45 16.32
C ASP A 346 -3.66 -53.22 17.24
N GLY A 347 -4.78 -53.87 16.95
CA GLY A 347 -5.95 -53.73 17.79
C GLY A 347 -6.84 -52.60 17.31
N TYR A 348 -6.34 -51.88 16.30
CA TYR A 348 -7.07 -50.76 15.71
C TYR A 348 -6.76 -50.66 14.22
N TYR A 349 -7.56 -49.89 13.51
CA TYR A 349 -7.37 -49.69 12.08
C TYR A 349 -6.91 -48.26 11.80
N ALA A 350 -6.60 -47.97 10.54
CA ALA A 350 -6.16 -46.64 10.14
C ALA A 350 -6.72 -46.31 8.77
N ALA A 351 -7.15 -45.07 8.58
CA ALA A 351 -7.69 -44.64 7.30
C ALA A 351 -6.67 -44.87 6.20
N GLY A 352 -7.08 -45.59 5.16
CA GLY A 352 -6.17 -45.85 4.06
C GLY A 352 -6.58 -45.01 2.86
N ARG A 353 -6.35 -45.53 1.66
CA ARG A 353 -6.73 -44.80 0.46
C ARG A 353 -8.24 -44.95 0.25
N MET A 354 -8.78 -44.20 -0.72
CA MET A 354 -10.20 -44.27 -1.01
C MET A 354 -10.50 -45.48 -1.89
N LEU A 355 -11.69 -46.04 -1.75
CA LEU A 355 -12.09 -47.21 -2.53
C LEU A 355 -12.36 -46.81 -3.98
N ARG A 356 -11.72 -47.50 -4.91
CA ARG A 356 -11.87 -47.24 -6.34
C ARG A 356 -12.67 -48.34 -7.02
N ALA A 357 -13.39 -48.00 -8.09
CA ALA A 357 -14.20 -48.96 -8.82
C ALA A 357 -13.39 -50.21 -9.22
N ALA A 358 -12.08 -50.05 -9.37
CA ALA A 358 -11.21 -51.15 -9.75
C ALA A 358 -11.12 -52.22 -8.68
N ASP A 359 -11.24 -51.81 -7.42
CA ASP A 359 -11.16 -52.76 -6.31
C ASP A 359 -12.29 -53.78 -6.33
N LEU A 360 -13.49 -53.34 -6.72
CA LEU A 360 -14.65 -54.22 -6.77
C LEU A 360 -14.58 -55.28 -7.87
N VAL A 361 -15.33 -56.37 -7.68
CA VAL A 361 -15.36 -57.50 -8.62
C VAL A 361 -15.71 -57.15 -10.05
N ASP A 362 -16.95 -56.72 -10.27
CA ASP A 362 -17.39 -56.37 -11.61
C ASP A 362 -16.65 -55.10 -12.07
N ALA A 363 -15.96 -54.46 -11.14
CA ALA A 363 -15.23 -53.22 -11.39
C ALA A 363 -16.29 -52.13 -11.61
N LEU A 364 -17.51 -52.44 -11.18
CA LEU A 364 -18.65 -51.53 -11.30
C LEU A 364 -19.00 -51.13 -12.73
N GLY A 365 -18.55 -51.91 -13.70
CA GLY A 365 -18.84 -51.62 -15.10
C GLY A 365 -17.81 -50.70 -15.72
N GLN A 366 -17.28 -49.80 -14.89
CA GLN A 366 -16.27 -48.85 -15.31
C GLN A 366 -15.00 -49.54 -15.73
N GLU A 367 -14.81 -49.74 -17.03
CA GLU A 367 -13.60 -50.39 -17.49
C GLU A 367 -12.53 -49.37 -17.93
N ASN A 368 -12.93 -48.11 -18.06
CA ASN A 368 -12.01 -47.03 -18.45
C ASN A 368 -11.60 -46.26 -17.19
N ASN A 369 -10.32 -46.36 -16.84
CA ASN A 369 -9.79 -45.68 -15.65
C ASN A 369 -10.59 -46.08 -14.40
N PRO A 370 -10.80 -47.40 -14.18
CA PRO A 370 -11.56 -47.83 -13.00
C PRO A 370 -10.83 -47.53 -11.70
N GLU A 371 -9.50 -47.65 -11.74
CA GLU A 371 -8.70 -47.37 -10.56
C GLU A 371 -8.74 -45.87 -10.21
N TRP A 372 -9.32 -45.07 -11.11
CA TRP A 372 -9.41 -43.63 -10.90
C TRP A 372 -10.82 -43.13 -10.63
N LYS A 373 -11.71 -44.01 -10.20
CA LYS A 373 -13.08 -43.62 -9.91
C LYS A 373 -13.46 -44.05 -8.51
N THR A 374 -13.93 -43.09 -7.72
CA THR A 374 -14.33 -43.33 -6.34
C THR A 374 -15.66 -44.07 -6.23
N VAL A 375 -15.95 -44.55 -5.03
CA VAL A 375 -17.18 -45.31 -4.78
C VAL A 375 -17.95 -44.82 -3.55
N ALA A 376 -19.26 -45.00 -3.58
CA ALA A 376 -20.10 -44.62 -2.47
C ALA A 376 -21.36 -45.49 -2.50
N PHE A 377 -22.18 -45.39 -1.47
CA PHE A 377 -23.42 -46.16 -1.39
C PHE A 377 -24.62 -45.25 -1.59
N ASN A 378 -25.67 -45.77 -2.21
CA ASN A 378 -26.88 -44.98 -2.40
C ASN A 378 -27.85 -45.21 -1.25
N THR A 379 -28.98 -44.52 -1.28
CA THR A 379 -29.98 -44.65 -0.22
C THR A 379 -30.59 -46.04 -0.12
N ASN A 380 -30.23 -46.90 -1.08
CA ASN A 380 -30.74 -48.26 -1.11
C ASN A 380 -29.64 -49.30 -0.90
N GLY A 381 -28.63 -48.93 -0.11
CA GLY A 381 -27.53 -49.84 0.16
C GLY A 381 -26.66 -50.17 -1.04
N GLU A 382 -27.22 -50.17 -2.25
CA GLU A 382 -26.44 -50.51 -3.44
C GLU A 382 -25.21 -49.61 -3.57
N MET A 383 -24.09 -50.23 -3.89
CA MET A 383 -22.82 -49.54 -4.06
C MET A 383 -22.78 -48.93 -5.46
N VAL A 384 -22.05 -47.82 -5.61
CA VAL A 384 -21.96 -47.16 -6.92
C VAL A 384 -20.76 -46.23 -7.10
N ALA A 385 -20.39 -46.02 -8.37
CA ALA A 385 -19.30 -45.14 -8.74
C ALA A 385 -19.97 -43.99 -9.51
N PRO A 386 -20.39 -42.95 -8.78
CA PRO A 386 -21.06 -41.77 -9.35
C PRO A 386 -20.21 -40.95 -10.31
N ASN A 387 -20.89 -40.19 -11.17
CA ASN A 387 -20.24 -39.36 -12.17
C ASN A 387 -19.33 -38.32 -11.54
N GLY A 388 -18.56 -37.64 -12.38
CA GLY A 388 -17.69 -36.60 -11.88
C GLY A 388 -16.27 -36.92 -11.50
N SER A 389 -16.03 -38.11 -10.93
CA SER A 389 -14.67 -38.45 -10.54
C SER A 389 -13.68 -38.27 -11.70
N ILE A 390 -12.46 -37.83 -11.36
CA ILE A 390 -11.41 -37.56 -12.34
C ILE A 390 -11.23 -38.69 -13.35
N GLY A 391 -11.82 -39.84 -13.06
CA GLY A 391 -11.70 -40.97 -13.96
C GLY A 391 -12.44 -40.77 -15.26
N PHE A 392 -13.44 -39.92 -15.25
CA PHE A 392 -14.25 -39.66 -16.44
C PHE A 392 -13.76 -38.50 -17.30
N ARG A 393 -12.83 -37.73 -16.78
CA ARG A 393 -12.31 -36.58 -17.49
C ARG A 393 -11.57 -36.96 -18.77
N TRP A 394 -10.89 -38.11 -18.76
CA TRP A 394 -10.14 -38.55 -19.93
C TRP A 394 -10.59 -39.95 -20.37
N GLY A 395 -10.34 -40.27 -21.63
CA GLY A 395 -10.71 -41.57 -22.14
C GLY A 395 -12.19 -41.87 -22.30
N GLU A 396 -13.02 -40.83 -22.32
CA GLU A 396 -14.47 -40.98 -22.48
C GLU A 396 -15.07 -39.59 -22.39
N LYS A 397 -16.32 -39.45 -22.85
CA LYS A 397 -16.95 -38.14 -22.83
C LYS A 397 -18.45 -38.12 -22.52
N GLY A 398 -18.84 -37.23 -21.60
CA GLY A 398 -20.23 -37.08 -21.25
C GLY A 398 -20.61 -37.43 -19.84
N LYS A 399 -19.64 -37.85 -19.03
CA LYS A 399 -19.92 -38.23 -17.66
C LYS A 399 -19.13 -37.48 -16.62
N TRP A 400 -18.35 -36.48 -17.05
CA TRP A 400 -17.58 -35.69 -16.11
C TRP A 400 -18.42 -34.48 -15.67
N ASN A 401 -19.41 -34.74 -14.84
CA ASN A 401 -20.30 -33.71 -14.33
C ASN A 401 -20.77 -34.09 -12.94
N LEU A 402 -21.27 -33.12 -12.18
CA LEU A 402 -21.75 -33.39 -10.85
C LEU A 402 -23.23 -33.73 -10.76
N GLU A 403 -23.77 -34.32 -11.84
CA GLU A 403 -25.17 -34.73 -11.80
C GLU A 403 -25.12 -35.94 -10.87
N GLN A 404 -26.12 -36.11 -10.01
CA GLN A 404 -26.11 -37.24 -9.11
C GLN A 404 -26.59 -38.52 -9.82
N ARG A 405 -25.79 -39.00 -10.77
CA ARG A 405 -26.12 -40.20 -11.52
C ARG A 405 -25.11 -41.33 -11.34
N ASP A 406 -25.55 -42.55 -11.65
CA ASP A 406 -24.70 -43.72 -11.54
C ASP A 406 -23.73 -43.79 -12.72
N GLY A 407 -22.44 -43.85 -12.41
CA GLY A 407 -21.43 -43.90 -13.44
C GLY A 407 -21.61 -45.04 -14.42
N LYS A 408 -22.30 -46.10 -14.01
CA LYS A 408 -22.50 -47.25 -14.89
C LYS A 408 -23.87 -47.30 -15.60
N THR A 409 -24.95 -47.14 -14.83
CA THR A 409 -26.29 -47.20 -15.40
C THR A 409 -26.87 -45.84 -15.79
N GLY A 410 -26.17 -44.76 -15.48
CA GLY A 410 -26.66 -43.43 -15.81
C GLY A 410 -28.10 -43.21 -15.36
N GLU A 411 -28.34 -43.45 -14.07
CA GLU A 411 -29.66 -43.32 -13.47
C GLU A 411 -29.59 -42.37 -12.27
N GLU A 412 -30.71 -41.77 -11.91
CA GLU A 412 -30.77 -40.87 -10.76
C GLU A 412 -30.63 -41.66 -9.46
N THR A 413 -29.43 -41.67 -8.90
CA THR A 413 -29.17 -42.40 -7.66
C THR A 413 -28.59 -41.55 -6.54
N GLU A 414 -29.38 -41.38 -5.49
CA GLU A 414 -28.99 -40.60 -4.31
C GLU A 414 -27.92 -41.32 -3.50
N LEU A 415 -26.87 -40.60 -3.10
CA LEU A 415 -25.80 -41.20 -2.30
C LEU A 415 -26.12 -41.04 -0.82
N GLN A 416 -25.56 -41.91 0.01
CA GLN A 416 -25.83 -41.83 1.44
C GLN A 416 -24.56 -41.43 2.19
N LEU A 417 -24.74 -40.65 3.26
CA LEU A 417 -23.63 -40.15 4.04
C LEU A 417 -23.04 -41.11 5.07
N SER A 418 -23.72 -41.29 6.19
CA SER A 418 -23.22 -42.17 7.24
C SER A 418 -23.70 -43.62 7.16
N LEU A 419 -22.78 -44.55 7.41
CA LEU A 419 -23.08 -45.97 7.40
C LEU A 419 -23.84 -46.32 8.67
N LEU A 420 -23.69 -45.48 9.70
CA LEU A 420 -24.36 -45.68 10.99
C LEU A 420 -25.82 -46.02 10.74
N GLY A 421 -26.22 -47.20 11.17
CA GLY A 421 -27.59 -47.64 10.96
C GLY A 421 -27.63 -48.71 9.89
N SER A 422 -26.48 -49.32 9.65
CA SER A 422 -26.37 -50.36 8.64
C SER A 422 -24.95 -50.93 8.61
N GLN A 423 -24.19 -50.71 9.68
CA GLN A 423 -22.83 -51.19 9.75
C GLN A 423 -22.75 -52.61 10.31
N ASP A 424 -21.98 -53.44 9.63
CA ASP A 424 -21.79 -54.84 10.02
C ASP A 424 -21.20 -54.88 11.43
N GLU A 425 -20.15 -54.08 11.64
CA GLU A 425 -19.50 -54.02 12.93
C GLU A 425 -18.98 -52.61 13.21
N ILE A 426 -18.45 -52.42 14.41
CA ILE A 426 -17.90 -51.13 14.82
C ILE A 426 -16.39 -51.25 14.96
N ALA A 427 -15.65 -50.69 14.01
CA ALA A 427 -14.19 -50.74 14.05
C ALA A 427 -13.63 -49.56 14.81
N GLU A 428 -12.45 -49.73 15.40
CA GLU A 428 -11.82 -48.64 16.14
C GLU A 428 -10.65 -48.12 15.31
N VAL A 429 -10.80 -46.87 14.84
CA VAL A 429 -9.77 -46.26 14.01
C VAL A 429 -8.91 -45.22 14.73
N GLY A 430 -7.61 -45.25 14.46
CA GLY A 430 -6.71 -44.32 15.10
C GLY A 430 -6.44 -43.09 14.24
N PHE A 431 -6.57 -41.92 14.86
CA PHE A 431 -6.31 -40.65 14.19
C PHE A 431 -5.13 -40.01 14.91
N PRO A 432 -4.26 -39.31 14.16
CA PRO A 432 -3.11 -38.67 14.82
C PRO A 432 -3.55 -37.39 15.55
N TYR A 433 -2.75 -36.97 16.53
CA TYR A 433 -3.03 -35.78 17.30
C TYR A 433 -1.72 -35.10 17.68
N PHE A 434 -1.54 -33.86 17.23
CA PHE A 434 -0.30 -33.14 17.52
C PHE A 434 -0.52 -31.99 18.48
N GLY A 435 -1.76 -31.81 18.92
CA GLY A 435 -2.06 -30.72 19.84
C GLY A 435 -1.21 -30.72 21.09
N GLY A 436 -0.52 -31.84 21.32
CA GLY A 436 0.31 -31.94 22.50
C GLY A 436 1.74 -31.50 22.31
N ASP A 437 2.17 -31.35 21.06
CA ASP A 437 3.54 -30.93 20.82
C ASP A 437 3.63 -29.41 20.69
N GLY A 438 4.79 -28.91 20.28
CA GLY A 438 4.94 -27.48 20.12
C GLY A 438 6.08 -26.92 20.94
N THR A 439 6.36 -25.64 20.76
CA THR A 439 7.44 -24.99 21.49
C THR A 439 6.87 -24.49 22.81
N GLU A 440 7.69 -23.75 23.57
CA GLU A 440 7.29 -23.22 24.87
C GLU A 440 6.43 -21.96 24.79
N HIS A 441 6.41 -21.33 23.62
CA HIS A 441 5.64 -20.10 23.47
C HIS A 441 4.17 -20.28 23.11
N PHE A 442 3.74 -21.53 23.00
CA PHE A 442 2.34 -21.81 22.68
C PHE A 442 1.80 -22.84 23.66
N ASN A 443 0.57 -22.65 24.10
CA ASN A 443 -0.04 -23.60 25.02
C ASN A 443 -0.24 -24.92 24.30
N LYS A 444 -0.29 -26.00 25.06
CA LYS A 444 -0.47 -27.34 24.50
C LYS A 444 -1.52 -28.08 25.32
N VAL A 445 -2.05 -29.15 24.75
CA VAL A 445 -3.04 -29.95 25.45
C VAL A 445 -2.71 -31.41 25.23
N GLU A 446 -2.23 -32.05 26.30
CA GLU A 446 -1.85 -33.45 26.26
C GLU A 446 -3.07 -34.37 26.23
N LEU A 447 -3.08 -35.27 25.25
CA LEU A 447 -4.14 -36.26 25.13
C LEU A 447 -3.43 -37.55 24.81
N GLU A 448 -3.20 -37.81 23.53
CA GLU A 448 -2.51 -39.01 23.07
C GLU A 448 -2.13 -38.76 21.62
N ASN A 449 -0.94 -39.18 21.22
CA ASN A 449 -0.51 -38.99 19.84
C ASN A 449 -1.47 -39.64 18.88
N VAL A 450 -2.18 -40.67 19.36
CA VAL A 450 -3.17 -41.37 18.55
C VAL A 450 -4.46 -41.48 19.33
N LEU A 451 -5.57 -41.18 18.67
CA LEU A 451 -6.87 -41.23 19.30
C LEU A 451 -7.72 -42.29 18.66
N LEU A 452 -8.19 -43.23 19.46
CA LEU A 452 -9.03 -44.30 18.93
C LEU A 452 -10.51 -43.90 18.98
N HIS A 453 -11.15 -43.99 17.83
CA HIS A 453 -12.58 -43.66 17.72
C HIS A 453 -13.30 -44.90 17.19
N LYS A 454 -14.57 -45.04 17.53
CA LYS A 454 -15.35 -46.18 17.07
C LYS A 454 -16.14 -45.77 15.82
N LEU A 455 -15.70 -46.24 14.67
CA LEU A 455 -16.34 -45.94 13.39
C LEU A 455 -17.25 -47.07 12.89
N PRO A 456 -18.42 -46.72 12.32
CA PRO A 456 -19.31 -47.76 11.81
C PRO A 456 -18.75 -48.19 10.45
N VAL A 457 -18.56 -49.50 10.26
CA VAL A 457 -18.00 -49.99 9.00
C VAL A 457 -18.75 -51.14 8.36
N LYS A 458 -18.33 -51.46 7.13
CA LYS A 458 -18.92 -52.55 6.36
C LYS A 458 -17.81 -53.34 5.69
N ARG A 459 -17.96 -54.66 5.71
CA ARG A 459 -16.98 -55.55 5.11
C ARG A 459 -17.39 -55.83 3.67
N LEU A 460 -16.45 -55.67 2.75
CA LEU A 460 -16.71 -55.88 1.32
C LEU A 460 -15.80 -56.94 0.72
N GLN A 461 -16.28 -57.59 -0.33
CA GLN A 461 -15.48 -58.61 -1.01
C GLN A 461 -14.72 -58.00 -2.19
N LEU A 462 -13.43 -57.74 -1.99
CA LEU A 462 -12.60 -57.17 -3.04
C LEU A 462 -12.51 -58.14 -4.22
N ALA A 463 -12.29 -57.59 -5.41
CA ALA A 463 -12.20 -58.37 -6.63
C ALA A 463 -10.99 -59.29 -6.70
N ASP A 464 -9.94 -58.96 -5.96
CA ASP A 464 -8.73 -59.76 -5.97
C ASP A 464 -8.77 -60.92 -5.00
N GLY A 465 -9.97 -61.24 -4.50
CA GLY A 465 -10.11 -62.34 -3.57
C GLY A 465 -10.26 -61.95 -2.11
N SER A 466 -9.27 -61.28 -1.56
CA SER A 466 -9.33 -60.87 -0.15
C SER A 466 -10.49 -59.92 0.12
N THR A 467 -10.65 -59.54 1.39
CA THR A 467 -11.72 -58.64 1.78
C THR A 467 -11.15 -57.57 2.72
N ALA A 468 -11.84 -56.43 2.81
CA ALA A 468 -11.42 -55.35 3.68
C ALA A 468 -12.62 -54.59 4.22
N LEU A 469 -12.36 -53.63 5.09
CA LEU A 469 -13.42 -52.82 5.70
C LEU A 469 -13.48 -51.41 5.11
N VAL A 470 -14.68 -50.86 5.00
CA VAL A 470 -14.86 -49.52 4.44
C VAL A 470 -15.74 -48.60 5.29
N THR A 471 -15.54 -47.30 5.12
CA THR A 471 -16.32 -46.29 5.84
C THR A 471 -16.26 -44.95 5.10
N THR A 472 -17.35 -44.18 5.16
CA THR A 472 -17.39 -42.90 4.45
C THR A 472 -16.60 -41.77 5.10
N VAL A 473 -16.11 -40.87 4.25
CA VAL A 473 -15.35 -39.71 4.68
C VAL A 473 -16.18 -38.94 5.71
N TYR A 474 -17.49 -38.97 5.53
CA TYR A 474 -18.41 -38.29 6.42
C TYR A 474 -18.23 -38.85 7.84
N ASP A 475 -18.14 -40.17 7.94
CA ASP A 475 -17.96 -40.82 9.24
C ASP A 475 -16.63 -40.46 9.89
N LEU A 476 -15.54 -40.61 9.14
CA LEU A 476 -14.21 -40.29 9.65
C LEU A 476 -14.15 -38.83 10.09
N THR A 477 -14.80 -37.98 9.32
CA THR A 477 -14.83 -36.56 9.61
C THR A 477 -15.50 -36.26 10.95
N LEU A 478 -16.64 -36.90 11.21
CA LEU A 478 -17.33 -36.69 12.47
C LEU A 478 -16.50 -37.31 13.60
N ALA A 479 -15.77 -38.36 13.28
CA ALA A 479 -14.93 -39.00 14.28
C ALA A 479 -13.73 -38.09 14.56
N ASN A 480 -13.14 -37.60 13.49
CA ASN A 480 -11.98 -36.72 13.58
C ASN A 480 -12.25 -35.46 14.41
N TYR A 481 -13.48 -34.95 14.35
CA TYR A 481 -13.83 -33.75 15.12
C TYR A 481 -14.24 -34.10 16.55
N GLY A 482 -14.46 -35.39 16.80
CA GLY A 482 -14.82 -35.83 18.13
C GLY A 482 -16.30 -35.73 18.47
N LEU A 483 -17.17 -36.04 17.51
CA LEU A 483 -18.61 -35.98 17.74
C LEU A 483 -19.14 -37.31 18.25
N GLU A 484 -19.72 -37.30 19.44
CA GLU A 484 -20.28 -38.53 20.02
C GLU A 484 -21.51 -38.95 19.24
N ARG A 485 -21.44 -40.11 18.61
CA ARG A 485 -22.54 -40.63 17.82
C ARG A 485 -23.32 -41.76 18.50
N GLY A 486 -23.07 -41.97 19.78
CA GLY A 486 -23.80 -43.01 20.51
C GLY A 486 -23.16 -44.38 20.66
N LEU A 487 -21.90 -44.52 20.26
CA LEU A 487 -21.19 -45.78 20.37
C LEU A 487 -20.34 -45.77 21.63
N ASN A 488 -20.48 -44.71 22.41
CA ASN A 488 -19.73 -44.52 23.65
C ASN A 488 -18.23 -44.52 23.39
N ASP A 489 -17.73 -43.39 22.93
CA ASP A 489 -16.31 -43.25 22.64
C ASP A 489 -15.67 -42.46 23.77
N VAL A 490 -14.55 -42.96 24.29
CA VAL A 490 -13.87 -42.28 25.38
C VAL A 490 -13.19 -41.00 24.87
N ASN A 491 -12.76 -41.00 23.62
CA ASN A 491 -12.10 -39.84 23.03
C ASN A 491 -13.08 -38.82 22.43
N CYS A 492 -14.38 -39.12 22.48
CA CYS A 492 -15.41 -38.21 21.98
C CYS A 492 -15.91 -37.33 23.12
N ALA A 493 -16.36 -36.13 22.79
CA ALA A 493 -16.84 -35.19 23.80
C ALA A 493 -18.28 -35.45 24.19
N THR A 494 -18.61 -35.04 25.42
CA THR A 494 -19.97 -35.20 25.96
C THR A 494 -20.67 -33.85 26.07
N SER A 495 -19.88 -32.77 26.07
CA SER A 495 -20.40 -31.41 26.14
C SER A 495 -19.33 -30.50 25.55
N TYR A 496 -19.70 -29.26 25.23
CA TYR A 496 -18.73 -28.34 24.66
C TYR A 496 -17.62 -28.01 25.64
N ASP A 497 -17.87 -28.22 26.94
CA ASP A 497 -16.87 -27.93 27.97
C ASP A 497 -15.93 -29.11 28.20
N ASP A 498 -16.25 -30.24 27.58
CA ASP A 498 -15.45 -31.47 27.66
C ASP A 498 -14.15 -31.22 26.88
N VAL A 499 -13.00 -31.39 27.50
CA VAL A 499 -11.75 -31.16 26.78
C VAL A 499 -11.25 -32.37 25.98
N LYS A 500 -11.87 -32.62 24.84
CA LYS A 500 -11.49 -33.73 23.98
C LYS A 500 -11.00 -33.23 22.63
N ALA A 501 -10.89 -34.15 21.68
CA ALA A 501 -10.43 -33.85 20.33
C ALA A 501 -11.25 -32.81 19.60
N TYR A 502 -10.85 -31.55 19.75
CA TYR A 502 -11.45 -30.39 19.06
C TYR A 502 -12.80 -29.86 19.51
N THR A 503 -12.90 -29.51 20.79
CA THR A 503 -14.11 -28.92 21.33
C THR A 503 -13.80 -27.48 21.71
N PRO A 504 -14.83 -26.66 21.95
CA PRO A 504 -14.61 -25.26 22.31
C PRO A 504 -13.67 -25.11 23.51
N ALA A 505 -13.92 -25.89 24.56
CA ALA A 505 -13.07 -25.84 25.76
C ALA A 505 -11.63 -26.16 25.37
N TRP A 506 -11.47 -27.12 24.48
CA TRP A 506 -10.15 -27.53 24.02
C TRP A 506 -9.39 -26.39 23.34
N ALA A 507 -10.06 -25.71 22.43
CA ALA A 507 -9.45 -24.60 21.69
C ALA A 507 -9.22 -23.38 22.57
N GLU A 508 -10.06 -23.19 23.58
CA GLU A 508 -9.88 -22.07 24.48
C GLU A 508 -8.50 -22.16 25.10
N GLN A 509 -8.05 -23.39 25.35
CA GLN A 509 -6.74 -23.59 25.96
C GLN A 509 -5.62 -23.31 25.00
N ILE A 510 -5.74 -23.81 23.76
CA ILE A 510 -4.74 -23.63 22.72
C ILE A 510 -4.69 -22.22 22.14
N THR A 511 -5.86 -21.64 21.89
CA THR A 511 -5.99 -20.31 21.30
C THR A 511 -6.07 -19.14 22.28
N GLY A 512 -6.77 -19.36 23.41
CA GLY A 512 -6.93 -18.31 24.41
C GLY A 512 -8.21 -17.50 24.16
N VAL A 513 -9.06 -18.00 23.29
CA VAL A 513 -10.30 -17.35 22.94
C VAL A 513 -11.43 -18.02 23.70
N SER A 514 -12.04 -17.29 24.63
CA SER A 514 -13.15 -17.83 25.43
C SER A 514 -13.96 -18.83 24.64
N ARG A 515 -14.29 -19.95 25.27
CA ARG A 515 -15.06 -20.99 24.63
C ARG A 515 -16.40 -20.45 24.17
N SER A 516 -17.03 -19.63 24.99
CA SER A 516 -18.34 -19.10 24.62
C SER A 516 -18.28 -18.25 23.35
N GLN A 517 -17.21 -17.48 23.18
CA GLN A 517 -17.07 -16.65 21.99
C GLN A 517 -17.06 -17.54 20.75
N ILE A 518 -16.35 -18.65 20.84
CA ILE A 518 -16.24 -19.59 19.73
C ILE A 518 -17.60 -20.19 19.41
N ILE A 519 -18.28 -20.67 20.46
CA ILE A 519 -19.59 -21.28 20.30
C ILE A 519 -20.59 -20.33 19.67
N ARG A 520 -20.53 -19.07 20.08
CA ARG A 520 -21.44 -18.06 19.57
C ARG A 520 -21.27 -17.83 18.08
N ILE A 521 -20.09 -17.36 17.70
CA ILE A 521 -19.81 -17.08 16.30
C ILE A 521 -20.04 -18.28 15.39
N ALA A 522 -19.65 -19.48 15.83
CA ALA A 522 -19.88 -20.67 15.02
C ALA A 522 -21.39 -20.81 14.79
N ARG A 523 -22.16 -20.63 15.86
CA ARG A 523 -23.60 -20.75 15.79
C ARG A 523 -24.21 -19.69 14.85
N GLU A 524 -23.76 -18.44 14.98
CA GLU A 524 -24.23 -17.35 14.14
C GLU A 524 -23.87 -17.53 12.68
N PHE A 525 -22.60 -17.82 12.42
CA PHE A 525 -22.11 -18.03 11.06
C PHE A 525 -22.97 -19.11 10.39
N ALA A 526 -23.07 -20.27 11.03
CA ALA A 526 -23.84 -21.38 10.47
C ALA A 526 -25.33 -21.06 10.34
N ASP A 527 -25.89 -20.40 11.34
CA ASP A 527 -27.30 -20.04 11.29
C ASP A 527 -27.51 -19.19 10.04
N ASN A 528 -26.72 -18.12 9.90
CA ASN A 528 -26.81 -17.21 8.75
C ASN A 528 -26.74 -18.01 7.46
N ALA A 529 -25.74 -18.87 7.34
CA ALA A 529 -25.58 -19.68 6.13
C ALA A 529 -26.85 -20.50 5.85
N ASP A 530 -27.51 -20.94 6.91
CA ASP A 530 -28.73 -21.70 6.76
C ASP A 530 -29.86 -20.80 6.24
N LYS A 531 -30.16 -19.72 6.97
CA LYS A 531 -31.21 -18.76 6.59
C LYS A 531 -31.06 -18.22 5.18
N THR A 532 -29.83 -17.99 4.74
CA THR A 532 -29.59 -17.39 3.44
C THR A 532 -29.11 -18.31 2.35
N HIS A 533 -28.95 -19.58 2.68
CA HIS A 533 -28.46 -20.54 1.71
C HIS A 533 -27.02 -20.23 1.29
N GLY A 534 -26.13 -20.28 2.26
CA GLY A 534 -24.72 -20.06 2.02
C GLY A 534 -24.16 -18.67 1.93
N ARG A 535 -24.94 -17.64 2.29
CA ARG A 535 -24.40 -16.29 2.19
C ARG A 535 -23.55 -15.87 3.40
N SER A 536 -22.59 -16.74 3.74
CA SER A 536 -21.65 -16.50 4.83
C SER A 536 -20.28 -16.56 4.19
N MET A 537 -19.40 -15.65 4.57
CA MET A 537 -18.09 -15.61 3.94
C MET A 537 -16.94 -15.41 4.90
N ILE A 538 -15.75 -15.85 4.48
CA ILE A 538 -14.55 -15.68 5.28
C ILE A 538 -13.43 -15.13 4.41
N ILE A 539 -12.92 -13.96 4.79
CA ILE A 539 -11.83 -13.34 4.06
C ILE A 539 -10.56 -13.69 4.82
N VAL A 540 -9.69 -14.46 4.17
CA VAL A 540 -8.44 -14.86 4.81
C VAL A 540 -7.25 -14.40 4.00
N GLY A 541 -6.14 -14.09 4.67
CA GLY A 541 -4.96 -13.64 3.96
C GLY A 541 -3.67 -14.22 4.51
N ALA A 542 -2.56 -13.57 4.21
CA ALA A 542 -1.24 -14.02 4.67
C ALA A 542 -1.18 -14.22 6.18
N GLY A 543 -2.12 -13.64 6.91
CA GLY A 543 -2.13 -13.80 8.36
C GLY A 543 -2.08 -15.28 8.72
N LEU A 544 -2.72 -16.11 7.89
CA LEU A 544 -2.75 -17.55 8.11
C LEU A 544 -1.88 -18.32 7.10
N ASN A 545 -1.88 -17.88 5.85
CA ASN A 545 -1.15 -18.57 4.79
C ASN A 545 0.39 -18.57 4.85
N HIS A 546 0.98 -17.79 5.74
CA HIS A 546 2.43 -17.74 5.80
C HIS A 546 3.08 -18.52 6.95
N TRP A 547 2.32 -19.46 7.50
CA TRP A 547 2.79 -20.33 8.57
C TRP A 547 3.15 -21.67 7.92
N TYR A 548 4.10 -22.38 8.50
CA TYR A 548 4.51 -23.66 7.94
C TYR A 548 3.30 -24.57 7.70
N HIS A 549 2.27 -24.48 8.54
CA HIS A 549 1.09 -25.31 8.39
C HIS A 549 -0.09 -24.59 7.77
N LEU A 550 0.19 -23.69 6.84
CA LEU A 550 -0.84 -22.93 6.15
C LEU A 550 -1.97 -23.85 5.70
N ASP A 551 -1.64 -25.08 5.31
CA ASP A 551 -2.65 -26.03 4.85
C ASP A 551 -3.69 -26.33 5.89
N MET A 552 -3.23 -26.54 7.12
CA MET A 552 -4.16 -26.84 8.18
C MET A 552 -4.99 -25.59 8.50
N ASN A 553 -4.33 -24.44 8.62
CA ASN A 553 -5.06 -23.22 8.92
C ASN A 553 -6.18 -23.00 7.91
N TYR A 554 -5.88 -23.23 6.63
CA TYR A 554 -6.88 -23.04 5.59
C TYR A 554 -7.96 -24.14 5.53
N ARG A 555 -7.54 -25.41 5.57
CA ARG A 555 -8.53 -26.47 5.51
C ARG A 555 -9.45 -26.32 6.71
N GLY A 556 -8.95 -25.67 7.75
CA GLY A 556 -9.76 -25.44 8.92
C GLY A 556 -10.92 -24.57 8.46
N LEU A 557 -10.58 -23.38 7.97
CA LEU A 557 -11.60 -22.44 7.49
C LEU A 557 -12.45 -23.02 6.38
N ILE A 558 -11.84 -23.78 5.47
CA ILE A 558 -12.57 -24.35 4.35
C ILE A 558 -13.66 -25.34 4.72
N ASN A 559 -13.39 -26.23 5.66
CA ASN A 559 -14.42 -27.21 6.07
C ASN A 559 -15.65 -26.49 6.63
N MET A 560 -15.43 -25.40 7.33
CA MET A 560 -16.53 -24.61 7.89
C MET A 560 -17.43 -24.12 6.75
N LEU A 561 -16.80 -23.56 5.73
CA LEU A 561 -17.52 -23.02 4.59
C LEU A 561 -18.27 -24.09 3.84
N ILE A 562 -17.70 -25.29 3.80
CA ILE A 562 -18.37 -26.39 3.11
C ILE A 562 -19.53 -26.95 3.93
N PHE A 563 -19.34 -27.11 5.24
CA PHE A 563 -20.42 -27.64 6.10
C PHE A 563 -21.63 -26.70 6.09
N CYS A 564 -21.46 -25.49 5.58
CA CYS A 564 -22.57 -24.54 5.56
C CYS A 564 -22.93 -24.26 4.11
N GLY A 565 -22.39 -25.06 3.21
CA GLY A 565 -22.66 -24.89 1.80
C GLY A 565 -22.55 -23.46 1.33
N CYS A 566 -21.41 -22.82 1.61
CA CYS A 566 -21.20 -21.43 1.21
C CYS A 566 -20.43 -21.29 -0.10
N VAL A 567 -19.61 -22.30 -0.43
CA VAL A 567 -18.83 -22.27 -1.66
C VAL A 567 -19.72 -22.44 -2.90
N GLY A 568 -19.52 -21.59 -3.88
CA GLY A 568 -20.32 -21.63 -5.10
C GLY A 568 -21.64 -20.89 -4.94
N GLN A 569 -21.74 -20.14 -3.84
CA GLN A 569 -22.94 -19.37 -3.53
C GLN A 569 -22.64 -17.90 -3.42
N SER A 570 -23.26 -17.10 -4.28
CA SER A 570 -23.05 -15.66 -4.28
C SER A 570 -23.29 -15.13 -2.87
N GLY A 571 -22.28 -14.45 -2.32
CA GLY A 571 -22.40 -13.91 -0.98
C GLY A 571 -21.76 -14.82 0.04
N GLY A 572 -21.10 -15.87 -0.43
CA GLY A 572 -20.46 -16.78 0.49
C GLY A 572 -19.24 -17.42 -0.13
N GLY A 573 -18.47 -18.13 0.67
CA GLY A 573 -17.29 -18.80 0.14
C GLY A 573 -15.97 -18.50 0.80
N TRP A 574 -14.92 -18.98 0.14
CA TRP A 574 -13.56 -18.82 0.60
C TRP A 574 -12.90 -17.67 -0.17
N ALA A 575 -12.73 -16.53 0.49
CA ALA A 575 -12.11 -15.36 -0.13
C ALA A 575 -10.64 -15.24 0.26
N HIS A 576 -9.78 -15.75 -0.61
CA HIS A 576 -8.34 -15.72 -0.39
C HIS A 576 -7.69 -14.60 -1.18
N TYR A 577 -7.34 -13.52 -0.49
CA TYR A 577 -6.71 -12.39 -1.14
C TYR A 577 -5.31 -12.15 -0.61
N VAL A 578 -4.34 -12.28 -1.49
CA VAL A 578 -2.94 -12.09 -1.17
C VAL A 578 -2.31 -11.28 -2.31
N GLY A 579 -1.63 -11.96 -3.22
CA GLY A 579 -1.02 -11.28 -4.35
C GLY A 579 -1.99 -11.18 -5.51
N GLN A 580 -1.64 -10.35 -6.50
CA GLN A 580 -2.47 -10.13 -7.69
C GLN A 580 -2.26 -11.25 -8.71
N GLU A 581 -2.64 -12.47 -8.35
CA GLU A 581 -2.42 -13.61 -9.23
C GLU A 581 -3.48 -13.91 -10.30
N LYS A 582 -4.57 -13.16 -10.33
CA LYS A 582 -5.60 -13.46 -11.32
C LYS A 582 -5.44 -12.79 -12.67
N LEU A 583 -4.43 -13.22 -13.42
CA LEU A 583 -4.21 -12.70 -14.76
C LEU A 583 -5.36 -13.39 -15.49
N ARG A 584 -6.42 -12.63 -15.73
CA ARG A 584 -7.62 -13.16 -16.36
C ARG A 584 -7.53 -13.71 -17.78
N PRO A 585 -6.93 -12.97 -18.72
CA PRO A 585 -6.81 -13.45 -20.11
C PRO A 585 -5.75 -14.54 -20.27
N GLN A 586 -5.73 -15.47 -19.32
CA GLN A 586 -4.79 -16.59 -19.25
C GLN A 586 -4.34 -17.22 -20.58
N THR A 587 -5.21 -18.04 -21.16
CA THR A 587 -4.90 -18.75 -22.39
C THR A 587 -4.53 -17.90 -23.59
N GLY A 588 -4.65 -16.59 -23.46
CA GLY A 588 -4.29 -15.73 -24.57
C GLY A 588 -2.95 -15.07 -24.29
N TRP A 589 -2.49 -15.25 -23.07
CA TRP A 589 -1.22 -14.69 -22.61
C TRP A 589 -0.09 -15.71 -22.54
N GLN A 590 -0.43 -16.95 -22.19
CA GLN A 590 0.57 -18.02 -22.07
C GLN A 590 1.36 -18.24 -23.34
N PRO A 591 0.69 -18.34 -24.49
CA PRO A 591 1.46 -18.54 -25.71
C PRO A 591 2.44 -17.38 -25.99
N LEU A 592 2.09 -16.19 -25.54
CA LEU A 592 2.94 -15.02 -25.76
C LEU A 592 4.15 -15.02 -24.85
N ALA A 593 3.92 -15.25 -23.56
CA ALA A 593 4.99 -15.23 -22.57
C ALA A 593 5.96 -16.41 -22.63
N PHE A 594 5.44 -17.58 -23.00
CA PHE A 594 6.29 -18.77 -23.06
C PHE A 594 6.56 -19.30 -24.47
N ALA A 595 6.33 -18.43 -25.46
CA ALA A 595 6.56 -18.74 -26.86
C ALA A 595 5.98 -20.08 -27.29
N LEU A 596 4.81 -20.41 -26.77
CA LEU A 596 4.17 -21.68 -27.10
C LEU A 596 3.60 -21.64 -28.51
N ASP A 597 3.75 -20.50 -29.17
CA ASP A 597 3.28 -20.32 -30.53
C ASP A 597 4.39 -20.81 -31.48
N TRP A 598 5.57 -21.03 -30.92
CA TRP A 598 6.72 -21.48 -31.71
C TRP A 598 7.25 -22.84 -31.26
N GLN A 599 7.39 -23.02 -29.96
CA GLN A 599 7.94 -24.24 -29.41
C GLN A 599 7.10 -24.76 -28.25
N ARG A 600 7.25 -26.06 -27.97
CA ARG A 600 6.49 -26.72 -26.92
C ARG A 600 7.25 -27.93 -26.38
N PRO A 601 7.43 -28.04 -25.05
CA PRO A 601 6.98 -27.08 -24.03
C PRO A 601 8.14 -26.19 -23.58
N ALA A 602 7.86 -25.35 -22.60
CA ALA A 602 8.87 -24.43 -22.06
C ALA A 602 9.37 -24.93 -20.70
N ARG A 603 10.47 -24.35 -20.23
CA ARG A 603 11.06 -24.77 -18.96
C ARG A 603 10.57 -24.02 -17.71
N HIS A 604 9.49 -24.52 -17.10
CA HIS A 604 8.97 -23.91 -15.88
C HIS A 604 9.63 -24.55 -14.67
N MET A 605 9.87 -23.74 -13.64
CA MET A 605 10.52 -24.23 -12.44
C MET A 605 9.89 -23.60 -11.21
N ASN A 606 9.70 -24.40 -10.15
CA ASN A 606 9.13 -23.87 -8.92
C ASN A 606 10.28 -23.27 -8.11
N SER A 607 10.25 -21.95 -7.94
CA SER A 607 11.31 -21.22 -7.24
C SER A 607 11.77 -21.67 -5.86
N THR A 608 10.84 -22.09 -5.01
CA THR A 608 11.21 -22.53 -3.68
C THR A 608 12.28 -23.62 -3.71
N SER A 609 12.00 -24.72 -4.42
CA SER A 609 12.96 -25.82 -4.54
C SER A 609 14.24 -25.35 -5.21
N TYR A 610 14.07 -24.42 -6.14
CA TYR A 610 15.17 -23.89 -6.88
C TYR A 610 16.15 -23.17 -5.97
N PHE A 611 15.66 -22.22 -5.18
CA PHE A 611 16.53 -21.45 -4.29
C PHE A 611 16.98 -22.26 -3.09
N TYR A 612 16.12 -23.16 -2.64
CA TYR A 612 16.45 -24.00 -1.50
C TYR A 612 17.76 -24.70 -1.83
N ASN A 613 17.83 -25.17 -3.07
CA ASN A 613 19.02 -25.88 -3.54
C ASN A 613 20.23 -25.01 -3.91
N HIS A 614 20.05 -24.12 -4.88
CA HIS A 614 21.15 -23.29 -5.34
C HIS A 614 21.57 -22.22 -4.36
N SER A 615 20.70 -21.88 -3.42
CA SER A 615 21.05 -20.89 -2.42
C SER A 615 21.69 -21.68 -1.29
N SER A 616 21.67 -23.01 -1.45
CA SER A 616 22.24 -24.00 -0.54
C SER A 616 21.72 -23.94 0.88
N GLN A 617 20.49 -23.48 1.02
CA GLN A 617 19.86 -23.37 2.33
C GLN A 617 19.56 -24.74 2.93
N TRP A 618 19.64 -25.80 2.11
CA TRP A 618 19.38 -27.14 2.61
C TRP A 618 20.57 -27.56 3.50
N ARG A 619 21.73 -26.95 3.26
CA ARG A 619 22.93 -27.25 4.04
C ARG A 619 22.83 -26.75 5.47
N TYR A 620 21.70 -26.15 5.85
CA TYR A 620 21.52 -25.64 7.20
C TYR A 620 20.21 -26.09 7.79
N GLU A 621 19.54 -27.02 7.13
CA GLU A 621 18.24 -27.49 7.60
C GLU A 621 18.24 -27.96 9.06
N THR A 622 17.15 -27.63 9.76
CA THR A 622 17.00 -28.00 11.17
C THR A 622 15.81 -28.93 11.31
N VAL A 623 14.84 -28.77 10.42
CA VAL A 623 13.63 -29.58 10.44
C VAL A 623 13.92 -30.94 9.76
N THR A 624 13.35 -32.01 10.29
CA THR A 624 13.55 -33.33 9.70
C THR A 624 12.19 -33.91 9.35
N ALA A 625 12.10 -34.57 8.21
CA ALA A 625 10.82 -35.14 7.79
C ALA A 625 10.31 -36.08 8.86
N GLU A 626 11.24 -36.65 9.62
CA GLU A 626 10.87 -37.59 10.67
C GLU A 626 9.88 -36.95 11.65
N GLU A 627 10.22 -35.76 12.15
CA GLU A 627 9.36 -35.08 13.10
C GLU A 627 8.05 -34.52 12.53
N LEU A 628 7.76 -34.84 11.28
CA LEU A 628 6.53 -34.37 10.66
C LEU A 628 5.72 -35.63 10.36
N LEU A 629 6.38 -36.78 10.45
CA LEU A 629 5.74 -38.06 10.19
C LEU A 629 4.56 -38.29 11.13
N SER A 630 3.57 -39.01 10.63
CA SER A 630 2.39 -39.34 11.43
C SER A 630 2.83 -40.40 12.41
N PRO A 631 2.16 -40.51 13.55
CA PRO A 631 2.59 -41.55 14.48
C PRO A 631 2.27 -42.93 13.90
N MET A 632 1.28 -42.96 13.02
CA MET A 632 0.85 -44.21 12.40
C MET A 632 1.55 -44.52 11.07
N ALA A 633 2.70 -43.92 10.84
CA ALA A 633 3.45 -44.15 9.61
C ALA A 633 4.73 -44.96 9.85
N ASP A 634 5.16 -45.71 8.83
CA ASP A 634 6.36 -46.53 8.90
C ASP A 634 7.64 -45.69 8.75
N LYS A 635 8.06 -45.07 9.85
CA LYS A 635 9.25 -44.22 9.85
C LYS A 635 10.42 -44.64 8.96
N SER A 636 10.69 -45.94 8.91
CA SER A 636 11.81 -46.45 8.11
C SER A 636 11.63 -46.29 6.60
N ARG A 637 10.41 -45.96 6.17
CA ARG A 637 10.13 -45.78 4.75
C ARG A 637 10.35 -44.35 4.26
N TYR A 638 10.46 -43.40 5.19
CA TYR A 638 10.65 -42.00 4.85
C TYR A 638 11.91 -41.38 5.45
N THR A 639 13.04 -42.01 5.20
CA THR A 639 14.29 -41.50 5.72
C THR A 639 14.88 -40.46 4.78
N GLY A 640 15.90 -39.76 5.27
CA GLY A 640 16.55 -38.75 4.46
C GLY A 640 16.21 -37.31 4.75
N HIS A 641 17.09 -36.44 4.28
CA HIS A 641 16.98 -34.99 4.41
C HIS A 641 15.76 -34.54 3.61
N LEU A 642 15.23 -33.37 3.91
CA LEU A 642 14.07 -32.88 3.17
C LEU A 642 14.39 -32.79 1.67
N ILE A 643 15.57 -32.28 1.34
CA ILE A 643 15.96 -32.16 -0.05
C ILE A 643 15.99 -33.52 -0.77
N ASP A 644 16.06 -34.61 -0.01
CA ASP A 644 16.07 -35.95 -0.61
C ASP A 644 14.69 -36.30 -1.12
N PHE A 645 13.67 -35.74 -0.49
CA PHE A 645 12.29 -36.00 -0.90
C PHE A 645 12.03 -35.20 -2.17
N ASN A 646 12.67 -34.04 -2.28
CA ASN A 646 12.48 -33.21 -3.45
C ASN A 646 13.06 -33.91 -4.68
N VAL A 647 14.30 -34.39 -4.53
CA VAL A 647 14.99 -35.08 -5.60
C VAL A 647 14.22 -36.31 -6.10
N ARG A 648 13.60 -37.05 -5.17
CA ARG A 648 12.82 -38.22 -5.55
C ARG A 648 11.62 -37.78 -6.33
N ALA A 649 10.92 -36.78 -5.82
CA ALA A 649 9.74 -36.24 -6.46
C ALA A 649 10.08 -35.77 -7.87
N GLU A 650 11.27 -35.21 -8.03
CA GLU A 650 11.69 -34.72 -9.34
C GLU A 650 11.86 -35.85 -10.36
N ARG A 651 12.44 -36.96 -9.95
CA ARG A 651 12.66 -38.09 -10.85
C ARG A 651 11.40 -38.93 -11.06
N MET A 652 10.43 -38.79 -10.16
CA MET A 652 9.18 -39.52 -10.29
C MET A 652 8.19 -38.69 -11.10
N GLY A 653 8.70 -37.62 -11.72
CA GLY A 653 7.87 -36.73 -12.53
C GLY A 653 6.87 -35.87 -11.78
N TRP A 654 7.11 -35.66 -10.49
CA TRP A 654 6.22 -34.87 -9.65
C TRP A 654 6.47 -33.37 -9.72
N LEU A 655 7.71 -32.95 -9.49
CA LEU A 655 8.08 -31.53 -9.52
C LEU A 655 9.11 -31.28 -10.62
N PRO A 656 9.18 -30.04 -11.13
CA PRO A 656 10.13 -29.68 -12.19
C PRO A 656 11.57 -29.63 -11.70
N SER A 657 12.51 -29.54 -12.63
CA SER A 657 13.94 -29.47 -12.30
C SER A 657 14.64 -28.35 -13.05
N ALA A 658 15.74 -27.85 -12.49
CA ALA A 658 16.50 -26.79 -13.14
C ALA A 658 17.82 -26.50 -12.44
N PRO A 659 18.95 -26.79 -13.10
CA PRO A 659 19.05 -27.37 -14.44
C PRO A 659 18.46 -28.78 -14.40
N GLN A 660 17.97 -29.27 -15.52
CA GLN A 660 17.35 -30.58 -15.53
C GLN A 660 18.33 -31.74 -15.45
N LEU A 661 19.14 -31.92 -16.50
CA LEU A 661 20.10 -32.99 -16.52
C LEU A 661 21.49 -32.49 -16.19
N GLY A 662 22.30 -33.36 -15.58
CA GLY A 662 23.65 -33.01 -15.21
C GLY A 662 24.57 -32.96 -16.41
N THR A 663 23.98 -32.93 -17.60
CA THR A 663 24.74 -32.88 -18.85
C THR A 663 24.03 -31.94 -19.83
N ASN A 664 24.81 -31.14 -20.57
CA ASN A 664 24.25 -30.19 -21.54
C ASN A 664 23.15 -30.85 -22.36
N PRO A 665 21.89 -30.40 -22.20
CA PRO A 665 20.80 -31.01 -22.97
C PRO A 665 20.82 -30.83 -24.49
N LEU A 666 21.67 -29.95 -24.99
CA LEU A 666 21.75 -29.76 -26.44
C LEU A 666 22.61 -30.84 -27.12
N THR A 667 23.36 -31.58 -26.33
CA THR A 667 24.25 -32.61 -26.85
C THR A 667 23.67 -34.04 -26.83
N ILE A 668 22.64 -34.25 -26.02
CA ILE A 668 22.00 -35.56 -25.92
C ILE A 668 21.55 -36.11 -27.28
N ALA A 669 21.15 -35.21 -28.17
CA ALA A 669 20.69 -35.63 -29.50
C ALA A 669 21.87 -36.04 -30.37
N GLY A 670 23.00 -35.37 -30.17
CA GLY A 670 24.19 -35.68 -30.95
C GLY A 670 24.85 -36.98 -30.52
N GLU A 671 24.46 -37.50 -29.37
CA GLU A 671 25.04 -38.74 -28.87
C GLU A 671 24.07 -39.89 -29.11
N ALA A 672 22.78 -39.56 -29.21
CA ALA A 672 21.77 -40.57 -29.46
C ALA A 672 21.85 -41.02 -30.91
N GLU A 673 22.33 -40.13 -31.79
CA GLU A 673 22.45 -40.44 -33.20
C GLU A 673 23.60 -41.41 -33.43
N LYS A 674 24.71 -41.19 -32.74
CA LYS A 674 25.86 -42.07 -32.86
C LYS A 674 25.54 -43.42 -32.25
N ALA A 675 24.76 -43.42 -31.17
CA ALA A 675 24.37 -44.66 -30.50
C ALA A 675 23.31 -45.41 -31.30
N GLY A 676 22.87 -44.81 -32.42
CA GLY A 676 21.89 -45.45 -33.28
C GLY A 676 20.43 -45.45 -32.85
N MET A 677 20.14 -44.87 -31.70
CA MET A 677 18.76 -44.83 -31.21
C MET A 677 18.25 -43.38 -31.17
N ASN A 678 16.94 -43.21 -31.17
CA ASN A 678 16.38 -41.87 -31.14
C ASN A 678 16.64 -41.24 -29.76
N PRO A 679 16.75 -39.91 -29.70
CA PRO A 679 17.02 -39.10 -28.50
C PRO A 679 16.22 -39.39 -27.24
N VAL A 680 14.93 -39.69 -27.39
CA VAL A 680 14.09 -39.96 -26.23
C VAL A 680 14.54 -41.25 -25.53
N ASP A 681 14.44 -42.38 -26.23
CA ASP A 681 14.81 -43.67 -25.67
C ASP A 681 16.27 -43.77 -25.24
N TYR A 682 17.12 -42.91 -25.80
CA TYR A 682 18.53 -42.91 -25.43
C TYR A 682 18.70 -42.24 -24.08
N THR A 683 17.75 -41.38 -23.73
CA THR A 683 17.79 -40.67 -22.45
C THR A 683 17.24 -41.59 -21.34
N VAL A 684 16.17 -42.32 -21.65
CA VAL A 684 15.59 -43.24 -20.67
C VAL A 684 16.60 -44.30 -20.27
N LYS A 685 17.37 -44.76 -21.26
CA LYS A 685 18.39 -45.78 -21.06
C LYS A 685 19.54 -45.24 -20.24
N SER A 686 19.99 -44.04 -20.59
CA SER A 686 21.11 -43.42 -19.90
C SER A 686 20.76 -43.08 -18.44
N LEU A 687 19.48 -42.76 -18.20
CA LEU A 687 19.04 -42.44 -16.85
C LEU A 687 19.02 -43.69 -15.98
N LYS A 688 18.66 -44.82 -16.58
CA LYS A 688 18.62 -46.09 -15.87
C LYS A 688 20.04 -46.55 -15.57
N GLU A 689 20.92 -46.42 -16.55
CA GLU A 689 22.30 -46.83 -16.41
C GLU A 689 23.13 -45.87 -15.58
N GLY A 690 22.58 -44.70 -15.28
CA GLY A 690 23.30 -43.73 -14.48
C GLY A 690 24.37 -42.99 -15.26
N SER A 691 24.37 -43.14 -16.58
CA SER A 691 25.33 -42.46 -17.44
C SER A 691 24.94 -40.99 -17.54
N ILE A 692 23.63 -40.73 -17.50
CA ILE A 692 23.07 -39.37 -17.53
C ILE A 692 22.28 -39.23 -16.24
N ARG A 693 22.66 -38.30 -15.37
CA ARG A 693 21.97 -38.12 -14.10
C ARG A 693 21.18 -36.81 -14.00
N PHE A 694 20.18 -36.78 -13.11
CA PHE A 694 19.41 -35.56 -12.88
C PHE A 694 20.40 -34.63 -12.18
N ALA A 695 20.43 -33.36 -12.59
CA ALA A 695 21.36 -32.39 -12.02
C ALA A 695 21.16 -32.19 -10.52
N ALA A 696 19.91 -32.35 -10.08
CA ALA A 696 19.56 -32.19 -8.67
C ALA A 696 20.42 -33.00 -7.71
N GLU A 697 20.84 -34.19 -8.14
CA GLU A 697 21.66 -35.06 -7.31
C GLU A 697 23.07 -34.56 -7.06
N GLN A 698 23.57 -33.67 -7.92
CA GLN A 698 24.92 -33.14 -7.75
C GLN A 698 24.98 -31.65 -8.07
N PRO A 699 24.28 -30.84 -7.27
CA PRO A 699 24.19 -29.38 -7.40
C PRO A 699 25.47 -28.58 -7.32
N GLU A 700 26.57 -29.19 -6.87
CA GLU A 700 27.83 -28.46 -6.73
C GLU A 700 29.00 -28.97 -7.57
N ASN A 701 28.72 -29.93 -8.45
CA ASN A 701 29.75 -30.49 -9.31
C ASN A 701 30.31 -29.51 -10.34
N GLY A 702 29.90 -28.25 -10.25
CA GLY A 702 30.38 -27.22 -11.16
C GLY A 702 29.67 -27.06 -12.51
N LYS A 703 28.62 -27.83 -12.73
CA LYS A 703 27.91 -27.76 -14.00
C LYS A 703 26.41 -27.87 -13.84
N ASN A 704 25.95 -27.94 -12.60
CA ASN A 704 24.53 -28.07 -12.37
C ASN A 704 23.92 -26.90 -11.61
N HIS A 705 24.58 -25.75 -11.67
CA HIS A 705 24.09 -24.56 -11.01
C HIS A 705 23.89 -23.43 -12.02
N PRO A 706 22.82 -22.64 -11.87
CA PRO A 706 22.57 -21.53 -12.80
C PRO A 706 23.74 -20.52 -12.83
N ARG A 707 23.97 -19.94 -14.00
CA ARG A 707 25.06 -18.99 -14.17
C ARG A 707 24.62 -17.61 -14.60
N ASN A 708 23.50 -17.54 -15.31
CA ASN A 708 23.00 -16.24 -15.75
C ASN A 708 21.59 -16.03 -15.20
N LEU A 709 21.37 -14.90 -14.55
CA LEU A 709 20.06 -14.61 -14.00
C LEU A 709 19.54 -13.20 -14.31
N PHE A 710 18.34 -13.16 -14.88
CA PHE A 710 17.66 -11.92 -15.24
C PHE A 710 16.58 -11.66 -14.19
N ILE A 711 16.61 -10.46 -13.61
CA ILE A 711 15.62 -10.10 -12.61
C ILE A 711 14.89 -8.86 -13.06
N TRP A 712 13.58 -8.94 -13.23
CA TRP A 712 12.83 -7.76 -13.62
C TRP A 712 11.45 -7.83 -12.99
N ARG A 713 10.95 -6.69 -12.52
CA ARG A 713 9.64 -6.61 -11.87
C ARG A 713 9.70 -7.40 -10.58
N SER A 714 10.87 -7.31 -9.94
CA SER A 714 11.16 -8.00 -8.69
C SER A 714 12.35 -7.38 -7.94
N ASN A 715 12.35 -7.52 -6.62
CA ASN A 715 13.45 -7.03 -5.81
C ASN A 715 13.89 -8.22 -4.99
N LEU A 716 13.94 -9.37 -5.66
CA LEU A 716 14.34 -10.65 -5.07
C LEU A 716 15.32 -10.55 -3.91
N LEU A 717 16.46 -9.91 -4.14
CA LEU A 717 17.48 -9.74 -3.12
C LEU A 717 17.25 -8.49 -2.27
N GLY A 718 16.09 -8.37 -1.65
CA GLY A 718 15.79 -7.21 -0.81
C GLY A 718 14.34 -7.22 -0.36
N SER A 719 13.61 -8.22 -0.83
CA SER A 719 12.21 -8.36 -0.50
C SER A 719 11.92 -9.84 -0.37
N SER A 720 11.31 -10.41 -1.41
CA SER A 720 10.92 -11.81 -1.42
C SER A 720 11.99 -12.86 -1.12
N GLY A 721 13.26 -12.48 -1.19
CA GLY A 721 14.33 -13.45 -0.94
C GLY A 721 14.47 -14.08 0.44
N LYS A 722 13.69 -15.12 0.73
CA LYS A 722 13.81 -15.80 2.02
C LYS A 722 15.24 -16.35 2.10
N GLY A 723 15.93 -16.07 3.19
CA GLY A 723 17.29 -16.55 3.30
C GLY A 723 18.24 -15.61 2.58
N HIS A 724 17.99 -14.31 2.76
CA HIS A 724 18.79 -13.25 2.15
C HIS A 724 20.30 -13.47 2.35
N GLU A 725 20.71 -13.80 3.56
CA GLU A 725 22.12 -14.02 3.83
C GLU A 725 22.68 -15.23 3.08
N PHE A 726 21.86 -16.26 2.89
CA PHE A 726 22.29 -17.46 2.18
C PHE A 726 22.42 -17.15 0.68
N MET A 727 21.57 -16.27 0.17
CA MET A 727 21.64 -15.92 -1.24
C MET A 727 22.88 -15.10 -1.52
N LEU A 728 23.20 -14.19 -0.61
CA LEU A 728 24.38 -13.35 -0.75
C LEU A 728 25.67 -14.16 -0.73
N LYS A 729 25.69 -15.22 0.07
CA LYS A 729 26.88 -16.05 0.20
C LYS A 729 27.07 -17.07 -0.92
N TYR A 730 26.00 -17.78 -1.25
CA TYR A 730 26.12 -18.80 -2.28
C TYR A 730 25.85 -18.35 -3.71
N LEU A 731 24.72 -17.70 -3.98
CA LEU A 731 24.44 -17.25 -5.33
C LEU A 731 25.29 -16.08 -5.78
N LEU A 732 25.61 -15.17 -4.87
CA LEU A 732 26.40 -14.01 -5.24
C LEU A 732 27.91 -14.09 -4.97
N GLY A 733 28.30 -14.76 -3.89
CA GLY A 733 29.71 -14.89 -3.59
C GLY A 733 30.27 -13.65 -2.95
N THR A 734 29.43 -12.97 -2.16
CA THR A 734 29.85 -11.75 -1.47
C THR A 734 29.77 -11.95 0.04
N GLU A 735 30.21 -10.95 0.80
CA GLU A 735 30.16 -11.02 2.25
C GLU A 735 28.70 -11.22 2.69
N HIS A 736 28.49 -12.08 3.69
CA HIS A 736 27.16 -12.34 4.19
C HIS A 736 27.19 -12.27 5.71
N GLY A 737 26.01 -12.41 6.32
CA GLY A 737 25.91 -12.36 7.77
C GLY A 737 25.28 -13.59 8.40
N ILE A 738 25.51 -14.76 7.80
CA ILE A 738 24.97 -15.99 8.36
C ILE A 738 25.67 -16.23 9.70
N GLN A 739 24.90 -16.62 10.71
CA GLN A 739 25.45 -16.82 12.05
C GLN A 739 25.69 -18.25 12.48
N GLY A 740 24.91 -19.19 11.95
CA GLY A 740 25.08 -20.59 12.32
C GLY A 740 26.02 -21.44 11.49
N LYS A 741 26.23 -22.67 11.96
CA LYS A 741 27.10 -23.63 11.28
C LYS A 741 26.18 -24.44 10.37
N ASP A 742 26.77 -25.23 9.49
CA ASP A 742 25.98 -26.07 8.59
C ASP A 742 26.07 -27.54 9.02
N LEU A 743 25.19 -28.39 8.50
CA LEU A 743 25.20 -29.82 8.84
C LEU A 743 26.62 -30.38 8.96
N GLY A 744 27.51 -29.94 8.08
CA GLY A 744 28.89 -30.40 8.10
C GLY A 744 29.68 -29.99 9.33
N GLN A 745 29.61 -28.72 9.69
CA GLN A 745 30.31 -28.18 10.87
C GLN A 745 29.70 -28.64 12.20
N GLN A 746 28.42 -28.99 12.17
CA GLN A 746 27.71 -29.48 13.36
C GLN A 746 27.82 -30.99 13.40
N GLY A 747 28.15 -31.58 12.26
CA GLY A 747 28.27 -33.03 12.18
C GLY A 747 26.92 -33.74 12.07
N GLY A 748 25.91 -33.06 11.56
CA GLY A 748 24.60 -33.66 11.42
C GLY A 748 24.60 -34.69 10.30
N VAL A 749 23.46 -35.32 10.04
CA VAL A 749 23.39 -36.33 8.99
C VAL A 749 23.16 -35.73 7.60
N LYS A 750 24.01 -36.16 6.67
CA LYS A 750 23.99 -35.73 5.29
C LYS A 750 22.89 -36.41 4.48
N PRO A 751 22.38 -35.73 3.44
CA PRO A 751 21.33 -36.28 2.58
C PRO A 751 21.73 -37.59 1.92
N GLU A 752 20.76 -38.47 1.71
CA GLU A 752 21.00 -39.76 1.10
C GLU A 752 20.65 -39.77 -0.39
N GLU A 753 20.60 -38.60 -1.01
CA GLU A 753 20.27 -38.50 -2.42
C GLU A 753 21.10 -37.43 -3.09
N VAL A 754 21.85 -36.67 -2.29
CA VAL A 754 22.64 -35.56 -2.82
C VAL A 754 24.07 -35.52 -2.29
N ASP A 755 25.01 -35.25 -3.18
CA ASP A 755 26.42 -35.18 -2.81
C ASP A 755 26.67 -34.11 -1.75
N TRP A 756 27.51 -34.46 -0.79
CA TRP A 756 27.85 -33.53 0.26
C TRP A 756 29.31 -33.15 0.09
N GLN A 757 29.64 -31.93 0.49
CA GLN A 757 31.01 -31.48 0.46
C GLN A 757 31.07 -30.40 1.53
N ASP A 758 32.16 -30.39 2.29
CA ASP A 758 32.31 -29.45 3.38
C ASP A 758 32.31 -27.99 2.97
N ASN A 759 33.05 -27.67 1.92
CA ASN A 759 33.10 -26.29 1.46
C ASN A 759 32.10 -26.10 0.33
N GLY A 760 30.98 -25.44 0.65
CA GLY A 760 29.96 -25.21 -0.36
C GLY A 760 30.45 -24.33 -1.49
N LEU A 761 29.84 -24.49 -2.66
CA LEU A 761 30.20 -23.69 -3.82
C LEU A 761 29.57 -22.29 -3.71
N GLU A 762 30.41 -21.27 -3.74
CA GLU A 762 29.94 -19.89 -3.65
C GLU A 762 30.05 -19.14 -4.97
N GLY A 763 29.32 -18.01 -5.05
CA GLY A 763 29.35 -17.19 -6.26
C GLY A 763 28.95 -17.92 -7.53
N LYS A 764 28.02 -18.85 -7.39
CA LYS A 764 27.52 -19.62 -8.51
C LYS A 764 27.13 -18.76 -9.71
N LEU A 765 26.37 -17.70 -9.47
CA LEU A 765 25.92 -16.83 -10.56
C LEU A 765 27.05 -16.04 -11.22
N ASP A 766 27.15 -16.20 -12.53
CA ASP A 766 28.17 -15.54 -13.34
C ASP A 766 27.75 -14.15 -13.76
N LEU A 767 26.48 -14.00 -14.11
CA LEU A 767 25.98 -12.69 -14.51
C LEU A 767 24.56 -12.48 -13.99
N VAL A 768 24.38 -11.38 -13.26
CA VAL A 768 23.09 -10.99 -12.71
C VAL A 768 22.68 -9.66 -13.32
N VAL A 769 21.58 -9.69 -14.06
CA VAL A 769 21.09 -8.49 -14.71
C VAL A 769 19.74 -8.13 -14.15
N THR A 770 19.64 -6.89 -13.66
CA THR A 770 18.41 -6.40 -13.09
C THR A 770 17.90 -5.21 -13.89
N LEU A 771 16.59 -5.24 -14.20
CA LEU A 771 15.90 -4.18 -14.93
C LEU A 771 14.97 -3.49 -13.92
N ASP A 772 15.14 -2.19 -13.71
CA ASP A 772 14.30 -1.44 -12.78
C ASP A 772 14.39 0.05 -13.10
N PHE A 773 13.47 0.85 -12.56
CA PHE A 773 13.47 2.29 -12.81
C PHE A 773 14.08 3.04 -11.65
N ARG A 774 14.20 2.37 -10.51
CA ARG A 774 14.80 2.96 -9.32
C ARG A 774 15.92 2.05 -8.89
N LEU A 775 16.91 2.59 -8.19
CA LEU A 775 18.01 1.75 -7.75
C LEU A 775 17.59 1.01 -6.48
N SER A 776 17.10 -0.22 -6.64
CA SER A 776 16.66 -1.05 -5.53
C SER A 776 17.83 -1.77 -4.87
N SER A 777 17.51 -2.63 -3.90
CA SER A 777 18.51 -3.39 -3.20
C SER A 777 19.06 -4.45 -4.13
N THR A 778 18.18 -5.02 -4.95
CA THR A 778 18.63 -6.03 -5.90
C THR A 778 19.64 -5.40 -6.86
N CYS A 779 19.28 -4.25 -7.42
CA CYS A 779 20.18 -3.54 -8.34
C CYS A 779 21.55 -3.29 -7.70
N LEU A 780 21.54 -2.82 -6.46
CA LEU A 780 22.76 -2.51 -5.74
C LEU A 780 23.74 -3.68 -5.71
N TYR A 781 23.21 -4.90 -5.75
CA TYR A 781 24.04 -6.11 -5.73
C TYR A 781 24.15 -6.79 -7.08
N SER A 782 23.76 -6.11 -8.15
CA SER A 782 23.82 -6.69 -9.48
C SER A 782 25.14 -6.40 -10.17
N ASP A 783 25.29 -6.96 -11.37
CA ASP A 783 26.48 -6.74 -12.17
C ASP A 783 26.16 -5.69 -13.23
N ILE A 784 24.94 -5.75 -13.74
CA ILE A 784 24.46 -4.83 -14.78
C ILE A 784 23.03 -4.40 -14.49
N ILE A 785 22.80 -3.09 -14.48
CA ILE A 785 21.47 -2.54 -14.23
C ILE A 785 20.91 -1.93 -15.51
N LEU A 786 19.73 -2.36 -15.93
CA LEU A 786 19.11 -1.81 -17.13
C LEU A 786 17.97 -0.89 -16.75
N PRO A 787 18.07 0.40 -17.12
CA PRO A 787 17.00 1.35 -16.79
C PRO A 787 15.70 1.09 -17.53
N THR A 788 14.71 0.57 -16.82
CA THR A 788 13.43 0.30 -17.43
C THR A 788 12.52 1.52 -17.26
N ALA A 789 11.49 1.57 -18.09
CA ALA A 789 10.53 2.65 -18.06
C ALA A 789 9.51 2.47 -16.93
N THR A 790 9.08 3.58 -16.34
CA THR A 790 8.09 3.59 -15.26
C THR A 790 6.73 3.24 -15.86
N TRP A 791 5.75 2.97 -15.01
CA TRP A 791 4.42 2.59 -15.53
C TRP A 791 3.72 3.71 -16.29
N TYR A 792 4.20 4.94 -16.13
CA TYR A 792 3.58 6.06 -16.82
C TYR A 792 4.30 6.38 -18.12
N GLU A 793 5.25 5.54 -18.50
CA GLU A 793 6.03 5.76 -19.72
C GLU A 793 6.03 4.56 -20.67
N LYS A 794 5.04 3.67 -20.54
CA LYS A 794 4.97 2.50 -21.42
C LYS A 794 3.56 1.96 -21.50
N ASP A 795 3.27 1.17 -22.52
CA ASP A 795 1.94 0.59 -22.70
C ASP A 795 1.89 -0.88 -22.27
N ASP A 796 0.82 -1.25 -21.57
CA ASP A 796 0.65 -2.62 -21.09
C ASP A 796 -0.75 -2.80 -20.54
N MET A 797 -1.10 -4.04 -20.17
CA MET A 797 -2.42 -4.32 -19.62
C MET A 797 -2.38 -4.86 -18.20
N ASN A 798 -3.46 -4.66 -17.45
CA ASN A 798 -3.53 -5.07 -16.05
C ASN A 798 -4.90 -5.59 -15.68
N THR A 799 -4.96 -6.69 -14.91
CA THR A 799 -6.24 -7.25 -14.45
C THR A 799 -6.08 -7.72 -13.00
N SER A 800 -7.18 -7.96 -12.29
CA SER A 800 -7.09 -8.40 -10.90
C SER A 800 -8.18 -9.37 -10.41
N ASP A 801 -7.99 -9.89 -9.20
CA ASP A 801 -8.93 -10.81 -8.59
C ASP A 801 -10.14 -10.06 -8.06
N MET A 802 -9.91 -8.82 -7.62
CA MET A 802 -10.96 -7.99 -7.03
C MET A 802 -12.08 -7.52 -7.95
N HIS A 803 -11.79 -7.32 -9.22
CA HIS A 803 -12.79 -6.87 -10.17
C HIS A 803 -12.59 -7.48 -11.56
N PRO A 804 -13.60 -7.38 -12.44
CA PRO A 804 -13.56 -7.92 -13.78
C PRO A 804 -13.14 -6.97 -14.91
N PHE A 805 -12.47 -5.89 -14.56
CA PHE A 805 -12.08 -4.93 -15.59
C PHE A 805 -10.65 -5.09 -16.12
N ILE A 806 -10.46 -4.98 -17.43
CA ILE A 806 -9.11 -5.07 -17.94
C ILE A 806 -8.69 -3.72 -18.51
N HIS A 807 -8.07 -2.88 -17.69
CA HIS A 807 -7.63 -1.57 -18.16
C HIS A 807 -6.15 -1.55 -18.53
N PRO A 808 -5.64 -0.43 -19.08
CA PRO A 808 -4.23 -0.35 -19.49
C PRO A 808 -3.23 0.47 -18.68
N LEU A 809 -1.98 0.42 -19.18
CA LEU A 809 -0.87 1.21 -18.67
C LEU A 809 -0.53 1.97 -19.95
N SER A 810 -0.30 3.28 -19.87
CA SER A 810 0.02 4.03 -21.07
C SER A 810 1.18 4.98 -20.84
N ALA A 811 1.75 5.48 -21.92
CA ALA A 811 2.85 6.41 -21.78
C ALA A 811 2.31 7.84 -21.82
N ALA A 812 2.48 8.56 -20.72
CA ALA A 812 2.04 9.94 -20.66
C ALA A 812 3.11 10.71 -21.41
N VAL A 813 4.32 10.15 -21.40
CA VAL A 813 5.48 10.72 -22.09
C VAL A 813 6.41 9.57 -22.47
N ASP A 814 7.38 9.83 -23.33
CA ASP A 814 8.35 8.82 -23.75
C ASP A 814 9.26 8.58 -22.55
N PRO A 815 9.83 7.36 -22.43
CA PRO A 815 10.72 7.09 -21.29
C PRO A 815 11.81 8.17 -21.14
N ALA A 816 12.03 8.61 -19.92
CA ALA A 816 13.02 9.64 -19.64
C ALA A 816 14.45 9.13 -19.76
N TRP A 817 15.37 10.06 -20.00
CA TRP A 817 16.78 9.72 -20.14
C TRP A 817 17.00 8.51 -21.06
N GLU A 818 17.87 7.58 -20.72
CA GLU A 818 18.08 6.44 -21.62
C GLU A 818 17.20 5.22 -21.32
N ALA A 819 16.08 5.43 -20.65
CA ALA A 819 15.22 4.31 -20.29
C ALA A 819 14.46 3.68 -21.46
N LYS A 820 14.01 2.44 -21.27
CA LYS A 820 13.26 1.68 -22.28
C LYS A 820 12.27 0.76 -21.59
N SER A 821 11.21 0.38 -22.30
CA SER A 821 10.22 -0.53 -21.72
C SER A 821 10.79 -1.94 -21.64
N ASP A 822 10.34 -2.71 -20.65
CA ASP A 822 10.82 -4.08 -20.50
C ASP A 822 10.76 -4.81 -21.85
N TRP A 823 9.69 -4.59 -22.60
CA TRP A 823 9.53 -5.21 -23.92
C TRP A 823 10.59 -4.80 -24.95
N GLU A 824 10.99 -3.53 -24.91
CA GLU A 824 12.00 -3.04 -25.86
C GLU A 824 13.39 -3.48 -25.43
N ILE A 825 13.56 -3.73 -24.14
CA ILE A 825 14.85 -4.16 -23.64
C ILE A 825 15.11 -5.60 -24.08
N TYR A 826 14.11 -6.47 -23.89
CA TYR A 826 14.28 -7.86 -24.28
C TYR A 826 14.25 -8.05 -25.79
N LYS A 827 13.63 -7.11 -26.51
CA LYS A 827 13.58 -7.23 -27.96
C LYS A 827 15.00 -6.94 -28.47
N ALA A 828 15.63 -5.90 -27.93
CA ALA A 828 16.98 -5.52 -28.31
C ALA A 828 17.98 -6.61 -27.94
N ILE A 829 17.76 -7.27 -26.82
CA ILE A 829 18.64 -8.33 -26.39
C ILE A 829 18.44 -9.55 -27.29
N ALA A 830 17.19 -9.82 -27.69
CA ALA A 830 16.93 -10.95 -28.57
C ALA A 830 17.57 -10.67 -29.94
N LYS A 831 17.68 -9.41 -30.29
CA LYS A 831 18.28 -9.02 -31.55
C LYS A 831 19.79 -9.23 -31.49
N LYS A 832 20.44 -8.68 -30.46
CA LYS A 832 21.88 -8.84 -30.35
C LYS A 832 22.26 -10.30 -30.14
N PHE A 833 21.37 -11.06 -29.52
CA PHE A 833 21.62 -12.47 -29.29
C PHE A 833 21.69 -13.18 -30.64
N SER A 834 20.68 -12.94 -31.47
CA SER A 834 20.61 -13.60 -32.78
C SER A 834 21.81 -13.39 -33.67
N GLU A 835 22.60 -12.35 -33.41
CA GLU A 835 23.76 -12.15 -34.25
C GLU A 835 25.03 -12.61 -33.55
N VAL A 836 25.07 -12.51 -32.22
CA VAL A 836 26.24 -12.97 -31.51
C VAL A 836 26.31 -14.50 -31.46
N CYS A 837 25.14 -15.15 -31.51
CA CYS A 837 25.12 -16.61 -31.46
C CYS A 837 25.50 -17.27 -32.78
N VAL A 838 25.80 -16.46 -33.80
CA VAL A 838 26.14 -17.00 -35.11
C VAL A 838 27.51 -17.70 -35.13
N GLY A 839 27.48 -19.01 -35.37
CA GLY A 839 28.71 -19.79 -35.41
C GLY A 839 28.95 -20.51 -34.09
N HIS A 840 28.04 -20.33 -33.15
CA HIS A 840 28.13 -20.97 -31.84
C HIS A 840 26.93 -21.87 -31.67
N LEU A 841 25.76 -21.34 -32.00
CA LEU A 841 24.52 -22.09 -31.90
C LEU A 841 23.80 -21.97 -33.23
N GLY A 842 23.21 -23.07 -33.70
CA GLY A 842 22.51 -23.03 -34.97
C GLY A 842 21.12 -23.58 -34.75
N LYS A 843 20.68 -24.50 -35.59
CA LYS A 843 19.37 -25.11 -35.43
C LYS A 843 19.66 -26.36 -34.60
N GLU A 844 19.54 -26.21 -33.28
CA GLU A 844 19.81 -27.29 -32.33
C GLU A 844 18.61 -28.13 -31.94
N THR A 845 18.90 -29.32 -31.42
CA THR A 845 17.86 -30.23 -30.93
C THR A 845 18.11 -30.28 -29.44
N ASP A 846 17.08 -29.99 -28.66
CA ASP A 846 17.19 -29.94 -27.21
C ASP A 846 16.25 -30.95 -26.53
N ILE A 847 16.74 -31.59 -25.48
CA ILE A 847 15.96 -32.55 -24.71
C ILE A 847 15.41 -31.83 -23.50
N VAL A 848 14.10 -31.84 -23.35
CA VAL A 848 13.48 -31.17 -22.22
C VAL A 848 12.60 -32.09 -21.37
N THR A 849 12.86 -32.13 -20.07
CA THR A 849 12.05 -32.94 -19.18
C THR A 849 10.83 -32.09 -18.80
N LEU A 850 9.72 -32.74 -18.51
CA LEU A 850 8.48 -32.06 -18.17
C LEU A 850 7.72 -32.92 -17.17
N PRO A 851 7.49 -32.40 -15.96
CA PRO A 851 6.77 -33.16 -14.94
C PRO A 851 5.32 -33.49 -15.31
N ILE A 852 4.77 -34.55 -14.73
CA ILE A 852 3.40 -34.92 -15.03
C ILE A 852 2.52 -33.70 -14.76
N GLN A 853 1.88 -33.19 -15.81
CA GLN A 853 1.04 -32.01 -15.74
C GLN A 853 -0.38 -32.23 -15.24
N HIS A 854 -0.85 -31.34 -14.38
CA HIS A 854 -2.20 -31.36 -13.85
C HIS A 854 -3.06 -31.01 -15.05
N ASP A 855 -4.37 -31.14 -14.95
CA ASP A 855 -5.25 -30.83 -16.07
C ASP A 855 -4.89 -31.54 -17.39
N SER A 856 -3.88 -32.39 -17.41
CA SER A 856 -3.55 -33.12 -18.63
C SER A 856 -4.00 -34.57 -18.46
N ALA A 857 -3.75 -35.40 -19.47
CA ALA A 857 -4.16 -36.79 -19.39
C ALA A 857 -3.24 -37.54 -18.44
N ALA A 858 -1.97 -37.17 -18.45
CA ALA A 858 -0.97 -37.82 -17.61
C ALA A 858 -1.14 -37.63 -16.11
N GLU A 859 -2.13 -36.85 -15.68
CA GLU A 859 -2.33 -36.62 -14.24
C GLU A 859 -2.81 -37.87 -13.51
N LEU A 860 -3.17 -38.90 -14.26
CA LEU A 860 -3.62 -40.17 -13.67
C LEU A 860 -2.43 -41.11 -13.68
N ALA A 861 -1.32 -40.66 -13.09
CA ALA A 861 -0.08 -41.42 -13.03
C ALA A 861 -0.08 -42.62 -12.09
N GLN A 862 0.21 -42.38 -10.81
CA GLN A 862 0.28 -43.45 -9.83
C GLN A 862 -0.93 -43.41 -8.88
N PRO A 863 -1.99 -44.16 -9.21
CA PRO A 863 -3.25 -44.27 -8.46
C PRO A 863 -3.31 -44.89 -7.07
N LEU A 864 -2.62 -46.00 -6.84
CA LEU A 864 -2.69 -46.65 -5.54
C LEU A 864 -1.52 -46.47 -4.58
N ASP A 865 -0.29 -46.45 -5.08
CA ASP A 865 0.86 -46.29 -4.21
C ASP A 865 1.94 -45.36 -4.79
N VAL A 866 3.15 -45.46 -4.24
CA VAL A 866 4.27 -44.63 -4.70
C VAL A 866 5.47 -45.48 -5.08
N LYS A 867 5.68 -45.63 -6.37
CA LYS A 867 6.80 -46.43 -6.88
C LYS A 867 7.96 -45.60 -7.43
N ASP A 868 9.13 -45.78 -6.83
CA ASP A 868 10.35 -45.08 -7.23
C ASP A 868 11.09 -45.98 -8.20
N TRP A 869 11.13 -45.61 -9.48
CA TRP A 869 11.83 -46.45 -10.45
C TRP A 869 13.32 -46.60 -10.10
N LYS A 870 13.89 -45.63 -9.39
CA LYS A 870 15.31 -45.71 -9.03
C LYS A 870 15.59 -46.75 -7.93
N LYS A 871 14.56 -47.07 -7.14
CA LYS A 871 14.70 -48.09 -6.10
C LYS A 871 14.20 -49.42 -6.69
N GLY A 872 14.08 -49.44 -8.02
CA GLY A 872 13.62 -50.63 -8.73
C GLY A 872 12.18 -50.98 -8.47
N GLU A 873 11.48 -50.15 -7.71
CA GLU A 873 10.08 -50.40 -7.38
C GLU A 873 9.13 -50.40 -8.58
N CYS A 874 9.69 -50.26 -9.76
CA CYS A 874 8.91 -50.26 -11.01
C CYS A 874 9.77 -49.78 -12.17
N ASP A 875 9.18 -49.74 -13.36
CA ASP A 875 9.92 -49.31 -14.53
C ASP A 875 9.87 -47.80 -14.75
N LEU A 876 10.89 -47.27 -15.43
CA LEU A 876 10.96 -45.85 -15.72
C LEU A 876 10.16 -45.54 -16.99
N ILE A 877 8.88 -45.26 -16.81
CA ILE A 877 7.97 -44.94 -17.91
C ILE A 877 7.71 -43.43 -17.89
N PRO A 878 8.46 -42.66 -18.68
CA PRO A 878 8.26 -41.20 -18.73
C PRO A 878 6.79 -40.83 -18.91
N GLY A 879 6.36 -39.79 -18.22
CA GLY A 879 4.97 -39.38 -18.33
C GLY A 879 4.06 -40.10 -17.36
N LYS A 880 4.61 -41.07 -16.63
CA LYS A 880 3.81 -41.81 -15.67
C LYS A 880 4.50 -41.98 -14.32
N THR A 881 5.74 -42.46 -14.34
CA THR A 881 6.48 -42.65 -13.10
C THR A 881 7.80 -41.90 -13.18
N ALA A 882 7.84 -40.92 -14.06
CA ALA A 882 9.02 -40.09 -14.28
C ALA A 882 8.55 -38.96 -15.20
N PRO A 883 9.35 -37.89 -15.30
CA PRO A 883 8.94 -36.79 -16.18
C PRO A 883 8.88 -37.17 -17.65
N HIS A 884 8.13 -36.40 -18.44
CA HIS A 884 8.05 -36.62 -19.89
C HIS A 884 9.41 -36.20 -20.41
N ILE A 885 9.81 -36.72 -21.57
CA ILE A 885 11.09 -36.32 -22.14
C ILE A 885 10.78 -35.82 -23.53
N MET A 886 10.84 -34.50 -23.68
CA MET A 886 10.52 -33.84 -24.93
C MET A 886 11.70 -33.47 -25.81
N VAL A 887 11.40 -33.35 -27.10
CA VAL A 887 12.38 -32.97 -28.10
C VAL A 887 11.94 -31.61 -28.66
N VAL A 888 12.72 -30.57 -28.36
CA VAL A 888 12.41 -29.23 -28.82
C VAL A 888 13.46 -28.76 -29.81
N GLU A 889 13.01 -28.15 -30.90
CA GLU A 889 13.93 -27.62 -31.91
C GLU A 889 14.15 -26.13 -31.67
N ARG A 890 15.40 -25.70 -31.65
CA ARG A 890 15.70 -24.28 -31.41
C ARG A 890 16.57 -23.63 -32.48
N ASP A 891 15.99 -22.66 -33.19
CA ASP A 891 16.68 -21.92 -34.24
C ASP A 891 17.26 -20.70 -33.55
N TYR A 892 18.36 -20.90 -32.83
CA TYR A 892 18.98 -19.81 -32.10
C TYR A 892 19.21 -18.55 -32.94
N PRO A 893 19.63 -18.70 -34.19
CA PRO A 893 19.85 -17.51 -35.02
C PRO A 893 18.57 -16.76 -35.40
N ALA A 894 17.42 -17.41 -35.21
CA ALA A 894 16.13 -16.80 -35.54
C ALA A 894 15.34 -16.36 -34.30
N THR A 895 16.05 -16.27 -33.17
CA THR A 895 15.41 -15.86 -31.93
C THR A 895 14.67 -14.54 -32.10
N TYR A 896 15.39 -13.51 -32.54
CA TYR A 896 14.79 -12.21 -32.72
C TYR A 896 13.58 -12.20 -33.66
N GLU A 897 13.62 -13.00 -34.73
CA GLU A 897 12.47 -13.03 -35.65
C GLU A 897 11.25 -13.65 -34.98
N ARG A 898 11.46 -14.74 -34.24
CA ARG A 898 10.36 -15.43 -33.56
C ARG A 898 9.77 -14.57 -32.45
N PHE A 899 10.65 -13.90 -31.71
CA PHE A 899 10.24 -13.03 -30.61
C PHE A 899 9.31 -11.94 -31.16
N THR A 900 9.63 -11.40 -32.33
CA THR A 900 8.85 -10.36 -32.96
C THR A 900 7.77 -10.84 -33.91
N SER A 901 7.27 -12.06 -33.73
CA SER A 901 6.19 -12.56 -34.57
C SER A 901 5.40 -13.69 -33.91
N ILE A 902 4.11 -13.75 -34.19
CA ILE A 902 3.28 -14.81 -33.62
C ILE A 902 3.50 -16.08 -34.42
N GLY A 903 4.09 -17.09 -33.77
CA GLY A 903 4.40 -18.35 -34.40
C GLY A 903 3.28 -19.16 -35.04
N PRO A 904 3.65 -20.19 -35.81
CA PRO A 904 2.74 -21.11 -36.51
C PRO A 904 1.99 -22.12 -35.67
N LEU A 905 2.53 -22.49 -34.52
CA LEU A 905 1.87 -23.48 -33.66
C LEU A 905 0.43 -23.13 -33.28
N MET A 906 0.08 -21.85 -33.27
CA MET A 906 -1.27 -21.46 -32.93
C MET A 906 -2.24 -21.95 -33.99
N GLU A 907 -1.75 -22.03 -35.22
CA GLU A 907 -2.56 -22.47 -36.35
C GLU A 907 -2.50 -23.99 -36.54
N LYS A 908 -1.29 -24.54 -36.43
CA LYS A 908 -1.06 -25.97 -36.61
C LYS A 908 -1.74 -26.82 -35.54
N ILE A 909 -1.34 -26.63 -34.30
CA ILE A 909 -1.86 -27.38 -33.15
C ILE A 909 -3.16 -26.81 -32.55
N GLY A 910 -3.17 -25.50 -32.31
CA GLY A 910 -4.33 -24.87 -31.72
C GLY A 910 -3.92 -24.14 -30.45
N ASN A 911 -4.89 -23.83 -29.61
CA ASN A 911 -4.61 -23.11 -28.37
C ASN A 911 -5.55 -23.63 -27.29
N GLY A 912 -5.16 -23.48 -26.02
CA GLY A 912 -6.01 -23.95 -24.95
C GLY A 912 -5.43 -23.89 -23.54
N GLY A 913 -6.16 -24.42 -22.58
CA GLY A 913 -5.69 -24.42 -21.20
C GLY A 913 -6.73 -25.02 -20.28
N LYS A 914 -6.27 -25.45 -19.10
CA LYS A 914 -7.15 -26.05 -18.09
C LYS A 914 -7.92 -27.28 -18.59
N GLY A 915 -7.29 -28.10 -19.42
CA GLY A 915 -7.93 -29.30 -19.90
C GLY A 915 -8.55 -29.29 -21.29
N ILE A 916 -9.10 -28.15 -21.69
CA ILE A 916 -9.74 -28.05 -23.00
C ILE A 916 -8.83 -27.47 -24.08
N ALA A 917 -9.27 -27.61 -25.34
CA ALA A 917 -8.51 -27.09 -26.48
C ALA A 917 -9.45 -26.73 -27.64
N TRP A 918 -9.21 -25.59 -28.26
CA TRP A 918 -10.06 -25.12 -29.37
C TRP A 918 -9.23 -24.67 -30.57
N ASN A 919 -9.92 -24.50 -31.70
CA ASN A 919 -9.28 -24.05 -32.94
C ASN A 919 -9.24 -22.52 -32.90
N THR A 920 -8.09 -21.93 -33.21
CA THR A 920 -8.00 -20.48 -33.15
C THR A 920 -7.46 -19.83 -34.44
N GLN A 921 -7.87 -20.36 -35.58
CA GLN A 921 -7.42 -19.83 -36.87
C GLN A 921 -8.02 -18.47 -37.21
N SER A 922 -9.34 -18.35 -37.09
CA SER A 922 -9.98 -17.07 -37.41
C SER A 922 -9.31 -15.94 -36.63
N GLU A 923 -8.87 -16.22 -35.42
CA GLU A 923 -8.21 -15.21 -34.59
C GLU A 923 -6.89 -14.76 -35.22
N MET A 924 -6.18 -15.70 -35.82
CA MET A 924 -4.92 -15.37 -36.45
C MET A 924 -5.13 -14.53 -37.70
N ASP A 925 -6.20 -14.79 -38.44
CA ASP A 925 -6.47 -14.00 -39.63
C ASP A 925 -6.72 -12.56 -39.22
N LEU A 926 -7.46 -12.39 -38.14
CA LEU A 926 -7.77 -11.07 -37.61
C LEU A 926 -6.48 -10.39 -37.16
N LEU A 927 -5.62 -11.15 -36.50
CA LEU A 927 -4.34 -10.64 -36.02
C LEU A 927 -3.39 -10.25 -37.14
N ARG A 928 -3.62 -10.79 -38.34
CA ARG A 928 -2.74 -10.43 -39.45
C ARG A 928 -3.10 -9.06 -39.99
N LYS A 929 -4.36 -8.67 -39.83
CA LYS A 929 -4.84 -7.37 -40.30
C LYS A 929 -4.53 -6.27 -39.27
N LEU A 930 -4.54 -6.64 -37.99
CA LEU A 930 -4.24 -5.70 -36.92
C LEU A 930 -2.77 -5.38 -36.75
N ASN A 931 -1.96 -6.43 -36.69
CA ASN A 931 -0.53 -6.27 -36.48
C ASN A 931 0.29 -6.24 -37.75
N TYR A 932 -0.35 -6.52 -38.88
CA TYR A 932 0.34 -6.58 -40.18
C TYR A 932 1.15 -7.86 -40.17
N THR A 933 1.99 -8.07 -41.16
CA THR A 933 2.77 -9.31 -41.21
C THR A 933 4.20 -9.10 -41.68
N LYS A 934 5.05 -10.05 -41.35
CA LYS A 934 6.47 -9.99 -41.76
C LYS A 934 6.61 -10.08 -43.28
N ALA A 935 7.44 -9.20 -43.84
CA ALA A 935 7.68 -9.17 -45.29
C ALA A 935 8.35 -10.44 -45.80
N GLU A 936 9.36 -10.91 -45.06
CA GLU A 936 10.08 -12.13 -45.40
C GLU A 936 10.79 -12.70 -44.18
N GLY A 937 11.97 -13.27 -44.39
CA GLY A 937 12.74 -13.87 -43.32
C GLY A 937 12.09 -15.17 -42.87
N PRO A 938 12.57 -15.77 -41.77
CA PRO A 938 12.02 -17.02 -41.24
C PRO A 938 10.53 -16.96 -40.85
N ALA A 939 10.07 -15.78 -40.45
CA ALA A 939 8.68 -15.62 -40.03
C ALA A 939 7.76 -14.99 -41.08
N LYS A 940 8.15 -15.04 -42.35
CA LYS A 940 7.36 -14.47 -43.41
C LYS A 940 5.88 -14.88 -43.38
N GLY A 941 4.99 -13.90 -43.50
CA GLY A 941 3.56 -14.18 -43.50
C GLY A 941 2.88 -14.28 -42.14
N GLN A 942 3.67 -14.34 -41.07
CA GLN A 942 3.09 -14.45 -39.73
C GLN A 942 2.85 -13.06 -39.11
N PRO A 943 1.78 -12.93 -38.31
CA PRO A 943 1.46 -11.65 -37.67
C PRO A 943 2.68 -11.11 -36.91
N MET A 944 2.78 -9.80 -36.84
CA MET A 944 3.88 -9.13 -36.16
C MET A 944 3.71 -8.85 -34.68
N LEU A 945 4.84 -8.60 -34.03
CA LEU A 945 4.91 -8.26 -32.62
C LEU A 945 6.11 -7.36 -32.39
N ASN A 946 6.12 -6.20 -33.03
CA ASN A 946 7.23 -5.26 -32.89
C ASN A 946 7.08 -4.38 -31.67
N THR A 947 5.83 -4.09 -31.30
CA THR A 947 5.55 -3.22 -30.17
C THR A 947 4.72 -3.87 -29.08
N ALA A 948 4.67 -3.22 -27.93
CA ALA A 948 3.90 -3.74 -26.81
C ALA A 948 2.43 -3.85 -27.17
N ILE A 949 1.93 -2.90 -27.97
CA ILE A 949 0.53 -2.92 -28.36
C ILE A 949 0.21 -4.14 -29.20
N ASP A 950 1.11 -4.49 -30.12
CA ASP A 950 0.92 -5.66 -30.97
C ASP A 950 0.69 -6.86 -30.05
N ALA A 951 1.52 -6.94 -29.02
CA ALA A 951 1.46 -8.01 -28.04
C ALA A 951 0.14 -7.97 -27.27
N ALA A 952 -0.20 -6.80 -26.77
CA ALA A 952 -1.44 -6.65 -26.02
C ALA A 952 -2.60 -7.15 -26.87
N GLU A 953 -2.60 -6.76 -28.15
CA GLU A 953 -3.63 -7.16 -29.09
C GLU A 953 -3.69 -8.67 -29.33
N MET A 954 -2.54 -9.33 -29.22
CA MET A 954 -2.48 -10.78 -29.40
C MET A 954 -3.21 -11.43 -28.23
N ILE A 955 -2.91 -10.93 -27.04
CA ILE A 955 -3.52 -11.42 -25.81
C ILE A 955 -5.04 -11.24 -25.82
N LEU A 956 -5.50 -10.09 -26.27
CA LEU A 956 -6.94 -9.84 -26.29
C LEU A 956 -7.71 -10.65 -27.33
N THR A 957 -7.06 -10.99 -28.43
CA THR A 957 -7.71 -11.73 -29.51
C THR A 957 -7.75 -13.24 -29.30
N LEU A 958 -6.74 -13.79 -28.65
CA LEU A 958 -6.67 -15.24 -28.44
C LEU A 958 -7.38 -15.67 -27.17
N ALA A 959 -7.50 -14.75 -26.21
CA ALA A 959 -8.13 -15.08 -24.94
C ALA A 959 -9.64 -15.12 -25.00
N PRO A 960 -10.26 -16.16 -24.41
CA PRO A 960 -11.72 -16.29 -24.39
C PRO A 960 -12.34 -15.28 -23.45
N GLU A 961 -11.53 -14.75 -22.53
CA GLU A 961 -12.01 -13.76 -21.57
C GLU A 961 -12.25 -12.40 -22.23
N THR A 962 -11.52 -12.11 -23.29
CA THR A 962 -11.67 -10.82 -23.99
C THR A 962 -12.18 -10.91 -25.45
N ASN A 963 -12.56 -12.11 -25.88
CA ASN A 963 -13.06 -12.32 -27.23
C ASN A 963 -14.22 -13.33 -27.17
N GLY A 964 -15.44 -12.81 -27.21
CA GLY A 964 -16.62 -13.66 -27.13
C GLY A 964 -16.69 -14.78 -28.16
N GLN A 965 -16.01 -14.59 -29.28
CA GLN A 965 -16.00 -15.60 -30.33
C GLN A 965 -15.24 -16.81 -29.78
N VAL A 966 -14.06 -16.55 -29.25
CA VAL A 966 -13.23 -17.59 -28.68
C VAL A 966 -13.92 -18.13 -27.42
N ALA A 967 -14.65 -17.28 -26.73
CA ALA A 967 -15.32 -17.70 -25.52
C ALA A 967 -16.36 -18.79 -25.80
N VAL A 968 -16.95 -18.76 -26.99
CA VAL A 968 -17.95 -19.77 -27.34
C VAL A 968 -17.28 -21.10 -27.68
N LYS A 969 -16.15 -21.04 -28.38
CA LYS A 969 -15.43 -22.24 -28.74
C LYS A 969 -14.86 -22.91 -27.48
N ALA A 970 -14.54 -22.09 -26.50
CA ALA A 970 -13.99 -22.57 -25.23
C ALA A 970 -15.03 -23.31 -24.40
N TRP A 971 -16.25 -22.79 -24.37
CA TRP A 971 -17.31 -23.44 -23.61
C TRP A 971 -17.80 -24.67 -24.37
N ALA A 972 -17.53 -24.69 -25.67
CA ALA A 972 -17.94 -25.83 -26.47
C ALA A 972 -17.04 -27.00 -26.15
N ALA A 973 -15.75 -26.74 -26.10
CA ALA A 973 -14.76 -27.76 -25.80
C ALA A 973 -14.98 -28.42 -24.44
N LEU A 974 -15.42 -27.63 -23.47
CA LEU A 974 -15.66 -28.15 -22.13
C LEU A 974 -16.99 -28.90 -22.06
N SER A 975 -17.91 -28.55 -22.96
CA SER A 975 -19.20 -29.20 -23.00
C SER A 975 -19.04 -30.65 -23.44
N GLU A 976 -17.96 -30.92 -24.17
CA GLU A 976 -17.68 -32.27 -24.64
C GLU A 976 -17.41 -33.17 -23.44
N PHE A 977 -16.55 -32.69 -22.54
CA PHE A 977 -16.17 -33.40 -21.32
C PHE A 977 -17.37 -33.61 -20.39
N THR A 978 -18.05 -32.52 -20.08
CA THR A 978 -19.19 -32.56 -19.17
C THR A 978 -20.41 -33.28 -19.73
N GLY A 979 -20.75 -32.98 -20.97
CA GLY A 979 -21.92 -33.60 -21.56
C GLY A 979 -23.12 -32.70 -21.35
N ARG A 980 -22.88 -31.52 -20.77
CA ARG A 980 -23.91 -30.51 -20.51
C ARG A 980 -23.59 -29.31 -21.37
N ASP A 981 -24.60 -28.54 -21.76
CA ASP A 981 -24.35 -27.37 -22.59
C ASP A 981 -23.98 -26.12 -21.80
N HIS A 982 -22.86 -25.52 -22.17
CA HIS A 982 -22.36 -24.33 -21.49
C HIS A 982 -22.23 -23.11 -22.37
N THR A 983 -22.31 -23.32 -23.69
CA THR A 983 -22.18 -22.22 -24.62
C THR A 983 -23.10 -21.05 -24.28
N HIS A 984 -24.18 -21.34 -23.55
CA HIS A 984 -25.14 -20.31 -23.15
C HIS A 984 -24.57 -19.38 -22.08
N LEU A 985 -23.31 -19.59 -21.70
CA LEU A 985 -22.70 -18.75 -20.69
C LEU A 985 -21.92 -17.61 -21.36
N ALA A 986 -21.82 -17.68 -22.68
CA ALA A 986 -21.12 -16.68 -23.45
C ALA A 986 -21.83 -16.28 -24.76
N LEU A 987 -22.81 -17.07 -25.18
CA LEU A 987 -23.48 -16.77 -26.44
C LEU A 987 -23.91 -15.32 -26.63
N ASN A 988 -24.59 -14.74 -25.65
CA ASN A 988 -25.05 -13.37 -25.78
C ASN A 988 -23.95 -12.27 -25.61
N LYS A 989 -22.72 -12.64 -25.92
CA LYS A 989 -21.56 -11.75 -25.86
C LYS A 989 -20.59 -12.22 -26.93
N GLU A 990 -21.07 -13.11 -27.80
CA GLU A 990 -20.24 -13.65 -28.85
C GLU A 990 -19.63 -12.61 -29.78
N ASP A 991 -20.32 -11.51 -30.00
CA ASP A 991 -19.78 -10.48 -30.86
C ASP A 991 -18.94 -9.45 -30.09
N GLU A 992 -18.51 -9.82 -28.89
CA GLU A 992 -17.71 -8.91 -28.07
C GLU A 992 -16.22 -9.12 -28.27
N LYS A 993 -15.51 -8.05 -28.59
CA LYS A 993 -14.08 -8.10 -28.80
C LYS A 993 -13.42 -6.88 -28.16
N ILE A 994 -12.59 -7.13 -27.16
CA ILE A 994 -11.93 -6.04 -26.49
C ILE A 994 -10.65 -5.64 -27.21
N ARG A 995 -10.49 -4.33 -27.44
CA ARG A 995 -9.34 -3.78 -28.13
C ARG A 995 -8.53 -2.89 -27.19
N PHE A 996 -7.22 -2.87 -27.37
CA PHE A 996 -6.37 -2.06 -26.51
C PHE A 996 -6.80 -0.61 -26.47
N ARG A 997 -7.13 -0.04 -27.62
CA ARG A 997 -7.55 1.35 -27.68
C ARG A 997 -8.93 1.58 -27.09
N ASP A 998 -9.71 0.50 -26.98
CA ASP A 998 -11.05 0.55 -26.40
C ASP A 998 -10.94 0.70 -24.90
N ILE A 999 -10.03 -0.05 -24.28
CA ILE A 999 -9.88 0.04 -22.84
C ILE A 999 -9.08 1.27 -22.43
N GLN A 1000 -8.37 1.88 -23.36
CA GLN A 1000 -7.62 3.10 -23.06
C GLN A 1000 -8.65 4.20 -22.85
N ALA A 1001 -9.81 4.05 -23.50
CA ALA A 1001 -10.88 5.03 -23.40
C ALA A 1001 -11.77 4.77 -22.20
N GLN A 1002 -11.97 3.49 -21.87
CA GLN A 1002 -12.76 3.11 -20.71
C GLN A 1002 -12.61 1.63 -20.40
N PRO A 1003 -12.19 1.29 -19.16
CA PRO A 1003 -12.00 -0.08 -18.70
C PRO A 1003 -13.19 -0.95 -19.08
N ARG A 1004 -12.92 -2.16 -19.54
CA ARG A 1004 -14.00 -3.06 -19.96
C ARG A 1004 -14.14 -4.36 -19.15
N LYS A 1005 -15.37 -4.76 -18.92
CA LYS A 1005 -15.65 -6.00 -18.20
C LYS A 1005 -15.41 -7.22 -19.11
N ILE A 1006 -14.84 -8.29 -18.54
CA ILE A 1006 -14.55 -9.50 -19.31
C ILE A 1006 -15.74 -10.45 -19.51
N ILE A 1007 -15.51 -11.48 -20.33
CA ILE A 1007 -16.53 -12.47 -20.63
C ILE A 1007 -16.35 -13.77 -19.83
N SER A 1008 -17.47 -14.37 -19.43
CA SER A 1008 -17.43 -15.61 -18.68
C SER A 1008 -16.63 -16.64 -19.47
N SER A 1009 -15.75 -17.34 -18.77
CA SER A 1009 -14.90 -18.32 -19.43
C SER A 1009 -14.71 -19.56 -18.56
N PRO A 1010 -14.53 -20.74 -19.20
CA PRO A 1010 -14.33 -21.99 -18.48
C PRO A 1010 -13.04 -21.99 -17.68
N THR A 1011 -12.15 -21.06 -17.97
CA THR A 1011 -10.88 -20.95 -17.26
C THR A 1011 -11.14 -20.59 -15.80
N TRP A 1012 -12.35 -20.10 -15.54
CA TRP A 1012 -12.74 -19.70 -14.19
C TRP A 1012 -14.11 -20.26 -13.81
N SER A 1013 -14.41 -20.28 -12.52
CA SER A 1013 -15.68 -20.83 -12.06
C SER A 1013 -16.72 -19.81 -11.65
N GLY A 1014 -16.37 -18.53 -11.72
CA GLY A 1014 -17.33 -17.49 -11.37
C GLY A 1014 -17.91 -16.93 -12.65
N LEU A 1015 -19.03 -16.22 -12.55
CA LEU A 1015 -19.62 -15.67 -13.76
C LEU A 1015 -19.54 -14.17 -13.90
N GLU A 1016 -19.63 -13.71 -15.15
CA GLU A 1016 -19.61 -12.30 -15.50
C GLU A 1016 -21.00 -12.04 -16.07
N ASP A 1017 -21.94 -11.80 -15.18
CA ASP A 1017 -23.32 -11.56 -15.58
C ASP A 1017 -23.70 -10.21 -14.98
N GLU A 1018 -24.91 -9.75 -15.27
CA GLU A 1018 -25.36 -8.46 -14.73
C GLU A 1018 -26.35 -8.66 -13.58
N HIS A 1019 -26.67 -9.91 -13.29
CA HIS A 1019 -27.60 -10.25 -12.22
C HIS A 1019 -26.95 -10.95 -11.04
N VAL A 1020 -25.80 -11.59 -11.28
CA VAL A 1020 -25.09 -12.28 -10.19
C VAL A 1020 -23.61 -11.89 -10.23
N SER A 1021 -23.02 -11.63 -9.06
CA SER A 1021 -21.62 -11.24 -8.99
C SER A 1021 -20.70 -12.43 -9.24
N TYR A 1022 -19.42 -12.15 -9.47
CA TYR A 1022 -18.45 -13.21 -9.73
C TYR A 1022 -18.08 -13.94 -8.46
N ASN A 1023 -18.55 -15.18 -8.33
CA ASN A 1023 -18.28 -15.99 -7.16
C ASN A 1023 -17.58 -17.30 -7.54
N ALA A 1024 -16.46 -17.58 -6.91
CA ALA A 1024 -15.71 -18.78 -7.21
C ALA A 1024 -16.50 -20.06 -6.92
N GLY A 1025 -16.48 -21.00 -7.85
CA GLY A 1025 -17.20 -22.25 -7.66
C GLY A 1025 -18.65 -22.22 -8.09
N TYR A 1026 -19.12 -21.04 -8.47
CA TYR A 1026 -20.51 -20.88 -8.89
C TYR A 1026 -20.86 -21.81 -10.05
N THR A 1027 -19.92 -22.01 -10.97
CA THR A 1027 -20.15 -22.88 -12.10
C THR A 1027 -20.21 -24.32 -11.63
N ASN A 1028 -19.24 -24.76 -10.84
CA ASN A 1028 -19.26 -26.12 -10.33
C ASN A 1028 -20.63 -26.44 -9.71
N VAL A 1029 -21.08 -25.55 -8.83
CA VAL A 1029 -22.37 -25.76 -8.17
C VAL A 1029 -23.61 -25.53 -9.02
N HIS A 1030 -23.59 -24.51 -9.88
CA HIS A 1030 -24.75 -24.20 -10.70
C HIS A 1030 -24.73 -24.77 -12.12
N GLU A 1031 -23.57 -25.27 -12.55
CA GLU A 1031 -23.44 -25.86 -13.88
C GLU A 1031 -23.10 -27.34 -13.76
N LEU A 1032 -22.96 -27.82 -12.53
CA LEU A 1032 -22.63 -29.21 -12.28
C LEU A 1032 -21.31 -29.60 -12.95
N ILE A 1033 -20.39 -28.65 -13.02
CA ILE A 1033 -19.08 -28.89 -13.59
C ILE A 1033 -18.23 -29.37 -12.42
N PRO A 1034 -17.54 -30.50 -12.59
CA PRO A 1034 -16.70 -31.07 -11.52
C PRO A 1034 -15.47 -30.25 -11.14
N TRP A 1035 -15.03 -30.44 -9.90
CA TRP A 1035 -13.84 -29.80 -9.40
C TRP A 1035 -12.73 -30.71 -9.91
N ARG A 1036 -11.66 -30.15 -10.44
CA ARG A 1036 -10.57 -30.96 -10.97
C ARG A 1036 -9.82 -31.76 -9.88
N THR A 1037 -10.60 -32.52 -9.11
CA THR A 1037 -10.11 -33.36 -8.03
C THR A 1037 -10.33 -34.83 -8.38
N LEU A 1038 -9.78 -35.73 -7.56
CA LEU A 1038 -9.95 -37.17 -7.78
C LEU A 1038 -11.41 -37.58 -7.84
N SER A 1039 -12.20 -37.16 -6.85
CA SER A 1039 -13.62 -37.50 -6.79
C SER A 1039 -14.56 -36.56 -7.57
N GLY A 1040 -13.98 -35.48 -8.11
CA GLY A 1040 -14.77 -34.51 -8.85
C GLY A 1040 -15.57 -33.61 -7.92
N ARG A 1041 -15.50 -33.91 -6.63
CA ARG A 1041 -16.20 -33.12 -5.63
C ARG A 1041 -15.17 -32.38 -4.78
N GLN A 1042 -15.62 -31.58 -3.82
CA GLN A 1042 -14.67 -30.88 -2.97
C GLN A 1042 -14.05 -31.91 -2.02
N GLN A 1043 -12.74 -32.11 -2.15
CA GLN A 1043 -12.01 -33.08 -1.34
C GLN A 1043 -11.81 -32.70 0.11
N LEU A 1044 -12.39 -33.48 1.02
CA LEU A 1044 -12.23 -33.26 2.45
C LEU A 1044 -11.21 -34.27 2.97
N TYR A 1045 -11.07 -35.36 2.23
CA TYR A 1045 -10.13 -36.43 2.59
C TYR A 1045 -9.04 -36.61 1.54
N GLN A 1046 -7.78 -36.43 1.95
CA GLN A 1046 -6.64 -36.60 1.07
C GLN A 1046 -6.11 -38.01 1.29
N ASP A 1047 -6.29 -38.88 0.30
CA ASP A 1047 -5.88 -40.29 0.44
C ASP A 1047 -4.50 -40.64 -0.12
N HIS A 1048 -3.82 -39.69 -0.75
CA HIS A 1048 -2.49 -39.99 -1.30
C HIS A 1048 -1.56 -40.47 -0.19
N GLN A 1049 -0.80 -41.50 -0.49
CA GLN A 1049 0.14 -42.08 0.46
C GLN A 1049 0.86 -41.04 1.32
N TRP A 1050 1.72 -40.25 0.70
CA TRP A 1050 2.48 -39.23 1.43
C TRP A 1050 1.60 -38.35 2.32
N MET A 1051 0.37 -38.13 1.91
CA MET A 1051 -0.53 -37.32 2.72
C MET A 1051 -0.92 -38.10 3.98
N ARG A 1052 -1.31 -39.36 3.81
CA ARG A 1052 -1.73 -40.20 4.93
C ARG A 1052 -0.61 -40.38 5.95
N ASP A 1053 0.61 -40.57 5.46
CA ASP A 1053 1.75 -40.79 6.33
C ASP A 1053 2.32 -39.54 6.99
N PHE A 1054 1.93 -38.37 6.50
CA PHE A 1054 2.40 -37.14 7.09
C PHE A 1054 1.28 -36.56 7.92
N GLY A 1055 0.30 -37.41 8.22
CA GLY A 1055 -0.84 -37.04 9.04
C GLY A 1055 -1.69 -35.90 8.52
N GLU A 1056 -1.78 -35.76 7.20
CA GLU A 1056 -2.56 -34.69 6.61
C GLU A 1056 -3.78 -35.18 5.85
N SER A 1057 -4.12 -36.46 5.94
CA SER A 1057 -5.29 -36.98 5.21
C SER A 1057 -6.57 -36.24 5.63
N LEU A 1058 -6.66 -35.91 6.92
CA LEU A 1058 -7.79 -35.15 7.45
C LEU A 1058 -7.15 -33.98 8.20
N LEU A 1059 -7.87 -32.87 8.33
CA LEU A 1059 -7.31 -31.72 9.04
C LEU A 1059 -7.12 -32.04 10.50
N VAL A 1060 -6.03 -31.54 11.06
CA VAL A 1060 -5.72 -31.76 12.46
C VAL A 1060 -4.88 -30.58 12.89
N TYR A 1061 -5.01 -30.17 14.15
CA TYR A 1061 -4.22 -29.06 14.63
C TYR A 1061 -2.75 -29.45 14.65
N ARG A 1062 -1.92 -28.59 14.08
CA ARG A 1062 -0.48 -28.79 14.02
C ARG A 1062 0.14 -27.49 14.52
N PRO A 1063 0.65 -27.50 15.76
CA PRO A 1063 1.26 -26.28 16.29
C PRO A 1063 2.37 -25.72 15.41
N PRO A 1064 2.79 -24.47 15.68
CA PRO A 1064 3.86 -23.82 14.92
C PRO A 1064 5.17 -24.59 15.15
N ILE A 1065 5.88 -24.92 14.07
CA ILE A 1065 7.13 -25.66 14.18
C ILE A 1065 8.26 -24.88 14.85
N ASP A 1066 9.32 -25.59 15.19
CA ASP A 1066 10.48 -25.00 15.83
C ASP A 1066 11.61 -25.01 14.77
N THR A 1067 12.13 -23.82 14.46
CA THR A 1067 13.20 -23.71 13.47
C THR A 1067 14.55 -23.79 14.14
N ARG A 1068 14.55 -23.72 15.47
CA ARG A 1068 15.77 -23.80 16.26
C ARG A 1068 16.86 -22.83 15.77
N SER A 1069 16.49 -21.59 15.49
CA SER A 1069 17.47 -20.63 14.99
C SER A 1069 17.84 -19.57 16.01
N VAL A 1070 17.43 -19.76 17.25
CA VAL A 1070 17.71 -18.78 18.29
C VAL A 1070 18.60 -19.28 19.42
N LYS A 1071 18.25 -20.43 19.98
CA LYS A 1071 19.01 -20.99 21.09
C LYS A 1071 20.51 -21.21 20.83
N GLU A 1072 20.89 -21.42 19.58
CA GLU A 1072 22.29 -21.67 19.26
C GLU A 1072 23.13 -20.41 19.11
N VAL A 1073 22.50 -19.24 19.19
CA VAL A 1073 23.25 -18.01 19.02
C VAL A 1073 22.99 -16.93 20.05
N ILE A 1074 21.87 -17.02 20.76
CA ILE A 1074 21.57 -16.00 21.75
C ILE A 1074 22.62 -15.94 22.85
N GLY A 1075 23.09 -14.72 23.14
CA GLY A 1075 24.08 -14.53 24.18
C GLY A 1075 25.52 -14.59 23.71
N GLN A 1076 25.75 -15.17 22.55
CA GLN A 1076 27.10 -15.30 22.01
C GLN A 1076 27.85 -13.99 21.87
N LYS A 1077 27.31 -13.07 21.07
CA LYS A 1077 27.97 -11.79 20.87
C LYS A 1077 27.32 -10.65 21.64
N SER A 1078 27.23 -10.81 22.96
CA SER A 1078 26.62 -9.80 23.82
C SER A 1078 27.23 -8.41 23.68
N ASN A 1079 26.38 -7.39 23.81
CA ASN A 1079 26.82 -6.00 23.72
C ASN A 1079 26.54 -5.27 25.03
N GLY A 1080 26.04 -6.01 26.02
CA GLY A 1080 25.77 -5.42 27.32
C GLY A 1080 24.30 -5.17 27.63
N ASN A 1081 23.45 -5.28 26.62
CA ASN A 1081 22.02 -5.05 26.82
C ASN A 1081 21.26 -6.36 26.75
N GLN A 1082 20.22 -6.46 27.56
CA GLN A 1082 19.41 -7.66 27.62
C GLN A 1082 18.88 -8.05 26.24
N GLU A 1083 18.84 -9.35 26.00
CA GLU A 1083 18.36 -9.89 24.74
C GLU A 1083 17.15 -10.76 25.05
N LYS A 1084 16.24 -10.92 24.11
CA LYS A 1084 15.06 -11.74 24.38
C LYS A 1084 14.55 -12.37 23.08
N ALA A 1085 14.01 -13.58 23.18
CA ALA A 1085 13.49 -14.31 22.02
C ALA A 1085 11.99 -14.07 21.80
N LEU A 1086 11.68 -13.47 20.64
CA LEU A 1086 10.31 -13.15 20.26
C LEU A 1086 9.94 -13.73 18.90
N ASN A 1087 8.64 -14.00 18.71
CA ASN A 1087 8.11 -14.52 17.45
C ASN A 1087 8.14 -13.36 16.45
N PHE A 1088 8.86 -13.57 15.36
CA PHE A 1088 9.03 -12.56 14.32
C PHE A 1088 7.99 -12.66 13.20
N LEU A 1089 7.01 -11.76 13.22
CA LEU A 1089 5.96 -11.74 12.19
C LEU A 1089 6.21 -10.61 11.19
N THR A 1090 5.82 -10.84 9.95
CA THR A 1090 6.03 -9.86 8.89
C THR A 1090 4.82 -9.57 8.01
N PRO A 1091 3.73 -9.09 8.60
CA PRO A 1091 2.56 -8.80 7.76
C PRO A 1091 2.96 -7.67 6.80
N HIS A 1092 2.16 -7.43 5.76
CA HIS A 1092 2.52 -6.41 4.80
C HIS A 1092 2.33 -4.98 5.24
N GLN A 1093 3.34 -4.15 4.93
CA GLN A 1093 3.32 -2.77 5.38
C GLN A 1093 2.30 -1.79 4.80
N LYS A 1094 2.21 -0.65 5.46
CA LYS A 1094 1.27 0.40 5.10
C LYS A 1094 1.92 1.47 4.23
N TRP A 1095 3.25 1.51 4.22
CA TRP A 1095 3.93 2.55 3.45
C TRP A 1095 4.70 2.07 2.23
N GLY A 1096 4.19 1.03 1.60
CA GLY A 1096 4.81 0.48 0.40
C GLY A 1096 4.02 -0.76 -0.01
N ILE A 1097 4.32 -1.30 -1.18
CA ILE A 1097 3.70 -2.55 -1.63
C ILE A 1097 4.94 -3.40 -1.73
N HIS A 1098 5.20 -4.21 -0.72
CA HIS A 1098 6.44 -4.98 -0.69
C HIS A 1098 7.50 -3.91 -0.56
N SER A 1099 8.54 -3.94 -1.37
CA SER A 1099 9.55 -2.91 -1.21
C SER A 1099 9.33 -1.70 -2.11
N THR A 1100 8.40 -1.81 -3.06
CA THR A 1100 8.16 -0.67 -3.93
C THR A 1100 7.57 0.45 -3.05
N TYR A 1101 7.97 1.68 -3.35
CA TYR A 1101 7.55 2.88 -2.60
C TYR A 1101 8.28 2.99 -1.27
N SER A 1102 8.95 1.92 -0.86
CA SER A 1102 9.65 1.94 0.41
C SER A 1102 10.80 2.96 0.42
N ASP A 1103 11.23 3.39 -0.76
CA ASP A 1103 12.31 4.38 -0.84
C ASP A 1103 11.70 5.72 -1.20
N ASN A 1104 10.40 5.70 -1.50
CA ASN A 1104 9.62 6.87 -1.89
C ASN A 1104 9.41 7.85 -0.71
N LEU A 1105 10.00 9.04 -0.82
CA LEU A 1105 9.92 10.06 0.24
C LEU A 1105 8.54 10.37 0.85
N LEU A 1106 7.49 10.32 0.04
CA LEU A 1106 6.15 10.58 0.56
C LEU A 1106 5.83 9.46 1.54
N MET A 1107 6.11 8.22 1.12
CA MET A 1107 5.85 7.09 1.99
C MET A 1107 6.75 7.11 3.19
N LEU A 1108 8.01 7.49 3.01
CA LEU A 1108 8.93 7.57 4.14
C LEU A 1108 8.56 8.67 5.12
N THR A 1109 7.96 9.74 4.62
CA THR A 1109 7.60 10.82 5.53
C THR A 1109 6.32 10.51 6.27
N LEU A 1110 5.42 9.75 5.65
CA LEU A 1110 4.16 9.38 6.30
C LEU A 1110 4.35 8.20 7.25
N GLY A 1111 5.51 7.56 7.16
CA GLY A 1111 5.82 6.43 8.03
C GLY A 1111 6.77 6.91 9.12
N ARG A 1112 7.83 6.15 9.39
CA ARG A 1112 8.80 6.52 10.42
C ARG A 1112 10.15 6.96 9.84
N GLY A 1113 10.24 7.07 8.52
CA GLY A 1113 11.47 7.51 7.88
C GLY A 1113 12.52 6.44 7.65
N GLY A 1114 12.08 5.18 7.53
CA GLY A 1114 13.01 4.09 7.32
C GLY A 1114 12.56 2.80 7.97
N PRO A 1115 13.39 1.74 7.97
CA PRO A 1115 13.09 0.43 8.57
C PRO A 1115 12.81 0.49 10.07
N VAL A 1116 11.68 -0.09 10.49
CA VAL A 1116 11.31 -0.10 11.89
C VAL A 1116 10.67 -1.43 12.25
N VAL A 1117 10.63 -1.72 13.55
CA VAL A 1117 10.03 -2.95 14.02
C VAL A 1117 9.09 -2.60 15.15
N TRP A 1118 7.93 -3.24 15.18
CA TRP A 1118 6.96 -2.97 16.24
C TRP A 1118 7.12 -3.97 17.38
N LEU A 1119 7.06 -3.47 18.60
CA LEU A 1119 7.20 -4.28 19.81
C LEU A 1119 6.15 -3.88 20.82
N SER A 1120 5.73 -4.81 21.67
CA SER A 1120 4.74 -4.47 22.68
C SER A 1120 5.45 -3.60 23.72
N GLU A 1121 4.68 -2.87 24.51
CA GLU A 1121 5.23 -2.02 25.56
C GLU A 1121 5.99 -2.83 26.61
N ALA A 1122 5.47 -4.03 26.93
CA ALA A 1122 6.12 -4.88 27.91
C ALA A 1122 7.47 -5.36 27.38
N ASP A 1123 7.45 -6.00 26.22
CA ASP A 1123 8.69 -6.49 25.62
C ASP A 1123 9.69 -5.35 25.56
N ALA A 1124 9.27 -4.20 25.06
CA ALA A 1124 10.16 -3.05 24.97
C ALA A 1124 10.69 -2.61 26.33
N LYS A 1125 9.80 -2.30 27.27
CA LYS A 1125 10.21 -1.87 28.60
C LYS A 1125 11.11 -2.90 29.29
N ASP A 1126 10.86 -4.16 29.02
CA ASP A 1126 11.65 -5.23 29.62
C ASP A 1126 13.07 -5.30 29.03
N LEU A 1127 13.26 -4.76 27.83
CA LEU A 1127 14.58 -4.77 27.20
C LEU A 1127 15.22 -3.38 27.29
N GLY A 1128 14.53 -2.45 27.94
CA GLY A 1128 15.07 -1.11 28.09
C GLY A 1128 15.06 -0.35 26.77
N ILE A 1129 14.02 -0.62 25.97
CA ILE A 1129 13.85 0.01 24.68
C ILE A 1129 12.75 1.06 24.65
N ALA A 1130 13.15 2.28 24.32
CA ALA A 1130 12.21 3.39 24.23
C ALA A 1130 11.76 3.45 22.78
N ASP A 1131 10.70 4.21 22.53
CA ASP A 1131 10.18 4.35 21.17
C ASP A 1131 11.25 4.97 20.27
N ASN A 1132 11.39 4.42 19.07
CA ASN A 1132 12.34 4.90 18.07
C ASN A 1132 13.81 4.58 18.34
N ASP A 1133 14.09 3.76 19.34
CA ASP A 1133 15.46 3.41 19.66
C ASP A 1133 16.02 2.45 18.61
N TRP A 1134 17.33 2.53 18.35
CA TRP A 1134 17.97 1.62 17.41
C TRP A 1134 18.05 0.27 18.09
N ILE A 1135 17.54 -0.76 17.43
CA ILE A 1135 17.57 -2.10 17.99
C ILE A 1135 18.11 -3.07 16.97
N GLU A 1136 18.47 -4.25 17.43
CA GLU A 1136 19.01 -5.29 16.57
C GLU A 1136 18.11 -6.52 16.70
N VAL A 1137 17.93 -7.23 15.61
CA VAL A 1137 17.10 -8.42 15.58
C VAL A 1137 17.93 -9.45 14.83
N PHE A 1138 18.05 -10.66 15.37
CA PHE A 1138 18.87 -11.68 14.72
C PHE A 1138 18.70 -13.13 15.17
N ASN A 1139 19.29 -14.04 14.40
CA ASN A 1139 19.27 -15.46 14.70
C ASN A 1139 20.30 -16.19 13.85
N SER A 1140 20.15 -17.51 13.77
CA SER A 1140 21.06 -18.36 13.00
C SER A 1140 21.27 -17.83 11.60
N ASN A 1141 20.17 -17.43 10.97
CA ASN A 1141 20.15 -16.95 9.60
C ASN A 1141 20.78 -15.59 9.31
N GLY A 1142 20.81 -14.69 10.29
CA GLY A 1142 21.40 -13.40 10.03
C GLY A 1142 20.96 -12.35 11.02
N ALA A 1143 21.19 -11.08 10.68
CA ALA A 1143 20.82 -9.99 11.56
C ALA A 1143 20.36 -8.75 10.79
N LEU A 1144 19.41 -8.03 11.35
CA LEU A 1144 18.92 -6.81 10.73
C LEU A 1144 18.91 -5.71 11.77
N THR A 1145 18.91 -4.47 11.33
CA THR A 1145 18.87 -3.35 12.27
C THR A 1145 17.69 -2.45 11.94
N ALA A 1146 17.11 -1.83 12.96
CA ALA A 1146 15.98 -0.97 12.73
C ALA A 1146 15.65 -0.17 13.96
N ARG A 1147 14.76 0.80 13.80
CA ARG A 1147 14.33 1.59 14.93
C ARG A 1147 13.05 0.92 15.43
N ALA A 1148 12.79 1.06 16.71
CA ALA A 1148 11.63 0.44 17.31
C ALA A 1148 10.40 1.33 17.39
N VAL A 1149 9.25 0.67 17.26
CA VAL A 1149 7.96 1.31 17.38
C VAL A 1149 7.37 0.53 18.55
N VAL A 1150 7.20 1.19 19.69
CA VAL A 1150 6.64 0.53 20.87
C VAL A 1150 5.16 0.85 20.86
N SER A 1151 4.32 -0.18 20.92
CA SER A 1151 2.88 0.01 20.88
C SER A 1151 2.05 -0.96 21.69
N GLN A 1152 0.94 -0.46 22.20
CA GLN A 1152 0.02 -1.23 23.01
C GLN A 1152 -0.77 -2.26 22.22
N ARG A 1153 -0.86 -2.07 20.91
CA ARG A 1153 -1.65 -2.99 20.11
C ARG A 1153 -0.92 -4.25 19.70
N VAL A 1154 0.35 -4.36 20.11
CA VAL A 1154 1.13 -5.56 19.82
C VAL A 1154 1.12 -6.43 21.06
N PRO A 1155 0.56 -7.64 20.94
CA PRO A 1155 0.52 -8.53 22.11
C PRO A 1155 1.93 -8.94 22.52
N ALA A 1156 2.14 -9.09 23.83
CA ALA A 1156 3.45 -9.52 24.32
C ALA A 1156 3.81 -10.87 23.69
N GLY A 1157 5.10 -11.10 23.46
CA GLY A 1157 5.52 -12.35 22.87
C GLY A 1157 5.82 -12.28 21.37
N MET A 1158 5.39 -11.21 20.72
CA MET A 1158 5.67 -11.08 19.30
C MET A 1158 6.24 -9.73 18.96
N THR A 1159 6.87 -9.69 17.79
CA THR A 1159 7.48 -8.49 17.27
C THR A 1159 7.06 -8.43 15.80
N MET A 1160 6.90 -7.24 15.26
CA MET A 1160 6.49 -7.14 13.86
C MET A 1160 7.27 -6.13 13.04
N MET A 1161 7.78 -6.61 11.92
CA MET A 1161 8.49 -5.74 11.00
C MET A 1161 7.67 -5.88 9.75
N TYR A 1162 6.81 -4.90 9.51
CA TYR A 1162 5.96 -4.94 8.35
C TYR A 1162 6.78 -5.19 7.08
N HIS A 1163 6.29 -6.19 6.35
CA HIS A 1163 6.92 -6.68 5.15
C HIS A 1163 7.35 -5.71 4.06
N ALA A 1164 8.66 -5.80 3.84
CA ALA A 1164 9.45 -5.07 2.87
C ALA A 1164 9.72 -3.59 3.15
N GLN A 1165 10.90 -3.32 3.68
CA GLN A 1165 11.34 -1.97 3.98
C GLN A 1165 12.76 -1.90 3.43
N GLU A 1166 13.17 -3.02 2.85
CA GLU A 1166 14.47 -3.25 2.24
C GLU A 1166 15.77 -2.76 2.86
N ARG A 1167 16.84 -2.82 2.07
CA ARG A 1167 18.19 -2.51 2.53
C ARG A 1167 18.92 -1.29 1.96
N ILE A 1168 18.20 -0.27 1.51
CA ILE A 1168 18.88 0.88 0.94
C ILE A 1168 18.69 2.22 1.64
N VAL A 1169 17.71 2.30 2.55
CA VAL A 1169 17.44 3.54 3.23
C VAL A 1169 17.53 3.47 4.75
N ASN A 1170 18.23 4.46 5.33
CA ASN A 1170 18.40 4.61 6.76
C ASN A 1170 18.76 3.37 7.58
N LEU A 1171 19.86 2.69 7.21
CA LEU A 1171 20.30 1.48 7.90
C LEU A 1171 21.73 1.58 8.39
N PRO A 1172 21.94 1.49 9.70
CA PRO A 1172 23.29 1.57 10.23
C PRO A 1172 23.96 0.22 10.17
N GLY A 1173 25.21 0.18 10.60
CA GLY A 1173 25.96 -1.06 10.61
C GLY A 1173 25.56 -1.88 11.81
N SER A 1174 25.52 -3.20 11.60
CA SER A 1174 25.17 -4.16 12.63
C SER A 1174 26.35 -4.39 13.59
N GLU A 1175 26.06 -4.70 14.84
CA GLU A 1175 27.12 -4.98 15.82
C GLU A 1175 27.39 -6.49 15.80
N ILE A 1176 26.42 -7.25 15.31
CA ILE A 1176 26.52 -8.71 15.24
C ILE A 1176 27.32 -9.21 14.04
N THR A 1177 27.19 -8.53 12.89
CA THR A 1177 27.90 -8.95 11.68
C THR A 1177 28.99 -7.98 11.26
N GLN A 1178 28.94 -6.76 11.78
CA GLN A 1178 29.92 -5.73 11.44
C GLN A 1178 29.77 -5.31 9.98
N GLN A 1179 28.56 -5.47 9.47
CA GLN A 1179 28.23 -5.11 8.10
C GLN A 1179 26.96 -4.26 8.12
N ARG A 1180 26.59 -3.74 6.96
CA ARG A 1180 25.36 -2.96 6.87
C ARG A 1180 24.30 -3.87 7.46
N GLY A 1181 23.39 -3.30 8.25
CA GLY A 1181 22.34 -4.11 8.84
C GLY A 1181 21.62 -4.81 7.72
N GLY A 1182 21.06 -5.98 7.98
CA GLY A 1182 20.35 -6.72 6.95
C GLY A 1182 18.87 -6.40 6.92
N ILE A 1183 18.11 -7.15 6.11
CA ILE A 1183 16.67 -6.96 5.96
C ILE A 1183 15.87 -7.98 6.76
N HIS A 1184 14.54 -7.86 6.72
CA HIS A 1184 13.71 -8.79 7.46
C HIS A 1184 13.95 -10.23 7.03
N ASN A 1185 14.23 -10.46 5.75
CA ASN A 1185 14.50 -11.83 5.35
C ASN A 1185 15.96 -12.26 5.64
N SER A 1186 16.69 -11.41 6.36
CA SER A 1186 18.05 -11.77 6.76
C SER A 1186 17.92 -12.72 7.94
N VAL A 1187 16.72 -12.89 8.50
CA VAL A 1187 16.53 -13.79 9.63
C VAL A 1187 15.61 -14.98 9.34
N THR A 1188 15.21 -15.13 8.09
CA THR A 1188 14.35 -16.25 7.70
C THR A 1188 15.19 -17.25 6.89
N ARG A 1189 14.62 -18.42 6.64
CA ARG A 1189 15.32 -19.42 5.85
C ARG A 1189 14.26 -20.33 5.28
N ILE A 1190 14.45 -20.79 4.05
CA ILE A 1190 13.47 -21.69 3.45
C ILE A 1190 13.46 -23.05 4.16
N THR A 1191 12.25 -23.60 4.34
CA THR A 1191 12.07 -24.89 4.97
C THR A 1191 10.85 -25.51 4.33
N PRO A 1192 11.06 -26.41 3.36
CA PRO A 1192 10.02 -27.11 2.62
C PRO A 1192 9.19 -28.12 3.38
N LYS A 1193 7.98 -28.37 2.89
CA LYS A 1193 7.11 -29.36 3.50
C LYS A 1193 6.86 -30.42 2.44
N PRO A 1194 7.09 -31.69 2.79
CA PRO A 1194 6.90 -32.82 1.88
C PRO A 1194 5.55 -32.90 1.18
N THR A 1195 4.46 -32.74 1.94
CA THR A 1195 3.13 -32.84 1.34
C THR A 1195 2.95 -31.84 0.19
N HIS A 1196 3.84 -30.86 0.12
CA HIS A 1196 3.79 -29.84 -0.92
C HIS A 1196 4.63 -30.23 -2.14
N MET A 1197 5.00 -31.51 -2.21
CA MET A 1197 5.81 -32.01 -3.31
C MET A 1197 5.10 -33.15 -4.06
N ILE A 1198 3.94 -33.55 -3.57
CA ILE A 1198 3.20 -34.63 -4.20
C ILE A 1198 2.80 -34.26 -5.62
N GLY A 1199 3.15 -35.13 -6.58
CA GLY A 1199 2.81 -34.89 -7.97
C GLY A 1199 2.18 -36.12 -8.60
N GLY A 1200 1.93 -36.06 -9.91
CA GLY A 1200 1.34 -37.18 -10.62
C GLY A 1200 0.22 -37.90 -9.90
N TYR A 1201 -0.79 -37.15 -9.47
CA TYR A 1201 -1.91 -37.73 -8.74
C TYR A 1201 -3.11 -36.79 -8.82
N ALA A 1202 -3.90 -36.92 -9.88
CA ALA A 1202 -5.08 -36.09 -10.09
C ALA A 1202 -4.86 -34.62 -9.71
N HIS A 1203 -5.66 -34.11 -8.77
CA HIS A 1203 -5.56 -32.72 -8.34
C HIS A 1203 -4.19 -32.39 -7.74
N LEU A 1204 -3.41 -33.41 -7.41
CA LEU A 1204 -2.08 -33.17 -6.87
C LEU A 1204 -1.06 -33.50 -7.94
N ALA A 1205 -1.08 -32.72 -9.02
CA ALA A 1205 -0.16 -32.87 -10.13
C ALA A 1205 0.47 -31.50 -10.31
N TYR A 1206 1.62 -31.41 -10.96
CA TYR A 1206 2.28 -30.12 -11.12
C TYR A 1206 1.62 -29.16 -12.11
N GLY A 1207 1.98 -27.89 -11.94
CA GLY A 1207 1.49 -26.81 -12.77
C GLY A 1207 2.26 -25.56 -12.35
N PHE A 1208 2.65 -24.74 -13.32
CA PHE A 1208 3.37 -23.51 -13.00
C PHE A 1208 2.48 -22.70 -12.03
N ASN A 1209 2.99 -22.46 -10.82
CA ASN A 1209 2.27 -21.70 -9.79
C ASN A 1209 1.04 -22.42 -9.22
N TYR A 1210 0.81 -23.65 -9.65
CA TYR A 1210 -0.34 -24.41 -9.16
C TYR A 1210 -0.07 -25.17 -7.88
N TYR A 1211 1.07 -25.85 -7.82
CA TYR A 1211 1.45 -26.62 -6.65
C TYR A 1211 2.97 -26.59 -6.51
N GLY A 1212 3.46 -27.01 -5.36
CA GLY A 1212 4.90 -27.00 -5.15
C GLY A 1212 5.24 -26.43 -3.79
N THR A 1213 6.47 -26.65 -3.36
CA THR A 1213 6.90 -26.15 -2.06
C THR A 1213 6.64 -24.64 -1.95
N VAL A 1214 6.22 -24.19 -0.76
CA VAL A 1214 5.94 -22.78 -0.50
C VAL A 1214 6.95 -22.22 0.48
N GLY A 1215 7.21 -20.92 0.38
CA GLY A 1215 8.17 -20.27 1.25
C GLY A 1215 7.58 -19.58 2.46
N SER A 1216 7.02 -20.38 3.38
CA SER A 1216 6.43 -19.88 4.63
C SER A 1216 7.49 -19.19 5.49
N ASN A 1217 7.06 -18.37 6.45
CA ASN A 1217 8.03 -17.61 7.26
C ASN A 1217 7.57 -17.08 8.64
N ARG A 1218 6.29 -17.25 8.98
CA ARG A 1218 5.79 -16.72 10.26
C ARG A 1218 6.19 -17.50 11.53
N ASP A 1219 6.68 -18.73 11.37
CA ASP A 1219 7.06 -19.56 12.51
C ASP A 1219 8.40 -19.15 13.09
N GLU A 1220 9.10 -18.26 12.40
CA GLU A 1220 10.41 -17.80 12.81
C GLU A 1220 10.50 -17.02 14.12
N PHE A 1221 11.56 -17.27 14.87
CA PHE A 1221 11.83 -16.60 16.13
C PHE A 1221 13.13 -15.85 15.99
N VAL A 1222 13.23 -14.69 16.63
CA VAL A 1222 14.43 -13.88 16.55
C VAL A 1222 14.84 -13.43 17.94
N VAL A 1223 16.01 -12.82 18.00
CA VAL A 1223 16.51 -12.30 19.26
C VAL A 1223 16.50 -10.80 19.10
N VAL A 1224 15.86 -10.11 20.04
CA VAL A 1224 15.78 -8.66 19.99
C VAL A 1224 16.61 -8.08 21.12
N ARG A 1225 17.19 -6.91 20.90
CA ARG A 1225 17.97 -6.23 21.93
C ARG A 1225 18.27 -4.82 21.46
N LYS A 1226 18.45 -3.91 22.41
CA LYS A 1226 18.76 -2.51 22.07
C LYS A 1226 20.19 -2.45 21.56
N MET A 1227 20.47 -1.53 20.65
CA MET A 1227 21.83 -1.39 20.14
C MET A 1227 22.64 -0.51 21.07
N LYS A 1228 23.95 -0.52 20.89
CA LYS A 1228 24.83 0.28 21.73
C LYS A 1228 25.55 1.26 20.83
N ASN A 1229 26.39 0.73 19.95
CA ASN A 1229 27.14 1.55 19.02
C ASN A 1229 26.42 1.62 17.69
N ILE A 1230 26.09 2.84 17.28
CA ILE A 1230 25.44 3.05 16.00
C ILE A 1230 26.51 3.48 15.00
N ASP A 1231 27.15 2.52 14.33
CA ASP A 1231 28.20 2.83 13.35
C ASP A 1231 27.63 2.78 11.94
N TRP A 1232 27.79 3.86 11.18
CA TRP A 1232 27.26 3.88 9.83
C TRP A 1232 28.12 3.30 8.73
N LEU A 1233 29.41 3.10 9.01
CA LEU A 1233 30.30 2.50 8.02
C LEU A 1233 30.45 3.31 6.72
N ASP A 1234 30.32 4.63 6.79
CA ASP A 1234 30.45 5.42 5.58
C ASP A 1234 31.69 6.30 5.59
N GLY A 1235 32.41 6.32 6.72
CA GLY A 1235 33.61 7.14 6.80
C GLY A 1235 33.27 8.61 6.93
N GLU A 1236 32.03 8.88 7.32
CA GLU A 1236 31.56 10.25 7.49
C GLU A 1236 31.96 10.82 8.85
N GLY A 1237 32.05 9.93 9.86
CA GLY A 1237 32.40 10.37 11.20
C GLY A 1237 31.17 10.69 12.05
N ASN A 1238 29.99 10.56 11.46
CA ASN A 1238 28.73 10.84 12.15
C ASN A 1238 28.10 9.64 12.84
N ASP A 1239 28.83 9.00 13.76
CA ASP A 1239 28.30 7.84 14.46
C ASP A 1239 27.79 8.22 15.85
N GLN A 1240 26.84 7.43 16.36
CA GLN A 1240 26.26 7.70 17.67
C GLN A 1240 26.47 6.53 18.60
N VAL A 1241 26.07 6.73 19.87
CA VAL A 1241 26.17 5.71 20.90
C VAL A 1241 24.95 5.80 21.81
N GLN A 1242 24.21 4.70 21.94
CA GLN A 1242 23.03 4.67 22.79
C GLN A 1242 23.45 4.15 24.17
N GLU A 1243 23.10 4.88 25.23
CA GLU A 1243 23.48 4.45 26.57
C GLU A 1243 22.52 3.43 27.20
N SER A 1244 23.04 2.63 28.12
CA SER A 1244 22.23 1.60 28.81
C SER A 1244 21.52 0.68 27.83
N MET B 1 -30.54 39.56 8.14
CA MET B 1 -30.77 38.42 7.20
C MET B 1 -30.02 38.58 5.89
N LYS B 2 -28.85 37.97 5.82
CA LYS B 2 -28.03 38.00 4.60
C LYS B 2 -27.74 36.56 4.31
N ILE B 3 -28.38 36.02 3.29
CA ILE B 3 -28.15 34.64 2.92
C ILE B 3 -26.91 34.51 2.06
N ARG B 4 -26.10 33.50 2.39
CA ARG B 4 -24.87 33.24 1.66
C ARG B 4 -24.76 31.74 1.47
N SER B 5 -24.01 31.34 0.44
CA SER B 5 -23.80 29.93 0.14
C SER B 5 -22.35 29.51 0.38
N GLN B 6 -22.18 28.22 0.67
CA GLN B 6 -20.86 27.63 0.91
C GLN B 6 -20.99 26.13 0.72
N VAL B 7 -19.94 25.51 0.16
CA VAL B 7 -19.99 24.07 -0.04
C VAL B 7 -19.34 23.46 1.19
N GLY B 8 -20.15 22.85 2.03
CA GLY B 8 -19.64 22.22 3.22
C GLY B 8 -19.16 20.83 2.90
N MET B 9 -18.52 20.20 3.89
CA MET B 9 -18.00 18.85 3.74
C MET B 9 -18.35 18.03 4.98
N VAL B 10 -18.74 16.79 4.74
CA VAL B 10 -19.06 15.85 5.81
C VAL B 10 -18.26 14.58 5.59
N LEU B 11 -17.51 14.15 6.59
CA LEU B 11 -16.71 12.94 6.50
C LEU B 11 -17.29 11.87 7.39
N ASN B 12 -17.64 10.73 6.81
CA ASN B 12 -18.21 9.64 7.58
C ASN B 12 -17.06 8.86 8.22
N LEU B 13 -16.70 9.25 9.45
CA LEU B 13 -15.59 8.61 10.16
C LEU B 13 -15.77 7.12 10.35
N ASP B 14 -17.00 6.64 10.23
CA ASP B 14 -17.25 5.22 10.40
C ASP B 14 -16.62 4.42 9.25
N LYS B 15 -16.54 5.04 8.08
CA LYS B 15 -15.99 4.39 6.91
C LYS B 15 -14.51 4.67 6.64
N CYS B 16 -13.92 5.61 7.38
CA CYS B 16 -12.51 5.95 7.16
C CYS B 16 -11.59 4.81 7.53
N ILE B 17 -10.75 4.44 6.57
CA ILE B 17 -9.81 3.33 6.71
C ILE B 17 -8.39 3.75 7.03
N GLY B 18 -8.21 4.97 7.54
CA GLY B 18 -6.89 5.47 7.89
C GLY B 18 -5.80 5.24 6.85
N CYS B 19 -6.13 5.44 5.57
CA CYS B 19 -5.17 5.19 4.50
C CYS B 19 -4.27 6.36 4.09
N HIS B 20 -4.72 7.60 4.28
CA HIS B 20 -3.92 8.80 3.95
C HIS B 20 -3.85 9.19 2.47
N THR B 21 -4.53 8.45 1.60
CA THR B 21 -4.53 8.79 0.17
C THR B 21 -4.84 10.28 -0.01
N CYS B 22 -5.84 10.77 0.70
CA CYS B 22 -6.27 12.17 0.68
C CYS B 22 -5.12 13.15 0.93
N SER B 23 -4.27 12.82 1.89
CA SER B 23 -3.12 13.66 2.24
C SER B 23 -2.06 13.71 1.16
N VAL B 24 -1.80 12.57 0.55
CA VAL B 24 -0.79 12.46 -0.48
C VAL B 24 -1.16 13.22 -1.73
N THR B 25 -2.40 13.04 -2.20
CA THR B 25 -2.81 13.74 -3.40
C THR B 25 -2.76 15.25 -3.16
N CYS B 26 -3.14 15.72 -1.98
CA CYS B 26 -3.08 17.16 -1.69
C CYS B 26 -1.63 17.61 -1.71
N LYS B 27 -0.77 16.85 -1.07
CA LYS B 27 0.65 17.19 -1.02
C LYS B 27 1.28 17.29 -2.40
N ASN B 28 0.97 16.33 -3.27
CA ASN B 28 1.51 16.32 -4.63
C ASN B 28 1.13 17.59 -5.38
N VAL B 29 -0.14 17.94 -5.34
CA VAL B 29 -0.64 19.11 -6.05
C VAL B 29 -0.28 20.48 -5.47
N TRP B 30 -0.55 20.66 -4.17
CA TRP B 30 -0.37 21.98 -3.55
C TRP B 30 0.85 22.36 -2.71
N THR B 31 1.45 21.40 -2.02
CA THR B 31 2.55 21.72 -1.13
C THR B 31 3.88 21.00 -1.32
N SER B 32 4.27 20.74 -2.55
CA SER B 32 5.54 20.04 -2.75
C SER B 32 6.70 21.03 -2.88
N ARG B 33 6.40 22.32 -2.77
CA ARG B 33 7.42 23.36 -2.86
C ARG B 33 8.27 23.42 -1.61
N GLU B 34 9.46 23.96 -1.76
CA GLU B 34 10.36 24.15 -0.63
C GLU B 34 9.73 25.32 0.15
N GLY B 35 9.55 25.12 1.47
CA GLY B 35 8.96 26.15 2.30
C GLY B 35 7.70 25.66 2.96
N VAL B 36 6.98 24.79 2.25
CA VAL B 36 5.73 24.23 2.76
C VAL B 36 5.78 22.72 2.60
N GLU B 37 6.98 22.18 2.48
CA GLU B 37 7.14 20.73 2.31
C GLU B 37 6.77 19.98 3.58
N TYR B 38 6.64 20.71 4.68
CA TYR B 38 6.30 20.08 5.95
C TYR B 38 4.81 20.26 6.22
N ALA B 39 4.18 21.14 5.45
CA ALA B 39 2.75 21.41 5.64
C ALA B 39 1.87 20.35 5.02
N TRP B 40 0.83 19.96 5.72
CA TRP B 40 -0.08 18.96 5.21
C TRP B 40 -1.50 19.50 5.30
N PHE B 41 -1.88 20.31 4.32
CA PHE B 41 -3.19 20.91 4.32
C PHE B 41 -4.16 19.86 4.83
N ASN B 42 -4.15 18.68 4.21
CA ASN B 42 -4.99 17.60 4.67
C ASN B 42 -4.03 16.66 5.40
N ASN B 43 -4.41 16.20 6.58
CA ASN B 43 -3.56 15.26 7.29
C ASN B 43 -4.45 14.35 8.09
N VAL B 44 -4.02 13.13 8.31
CA VAL B 44 -4.84 12.22 9.09
C VAL B 44 -4.11 11.91 10.37
N GLU B 45 -4.86 11.78 11.46
CA GLU B 45 -4.27 11.51 12.77
C GLU B 45 -4.93 10.29 13.36
N THR B 46 -4.15 9.44 14.01
CA THR B 46 -4.71 8.27 14.66
C THR B 46 -5.02 8.73 16.08
N LYS B 47 -6.20 8.40 16.58
CA LYS B 47 -6.59 8.77 17.92
C LYS B 47 -6.80 7.50 18.73
N PRO B 48 -6.42 7.51 20.01
CA PRO B 48 -5.80 8.56 20.82
C PRO B 48 -4.44 9.01 20.30
N GLY B 49 -4.13 10.28 20.51
CA GLY B 49 -2.86 10.83 20.07
C GLY B 49 -2.88 12.34 20.26
N GLN B 50 -1.74 13.00 20.07
CA GLN B 50 -1.72 14.45 20.23
C GLN B 50 -1.78 15.19 18.90
N GLY B 51 -1.84 14.43 17.81
CA GLY B 51 -1.95 15.04 16.49
C GLY B 51 -0.78 15.83 15.97
N PHE B 52 -1.01 16.55 14.87
CA PHE B 52 0.00 17.36 14.18
C PHE B 52 -0.53 18.75 13.86
N PRO B 53 0.12 19.81 14.36
CA PRO B 53 1.32 19.79 15.21
C PRO B 53 0.95 19.25 16.57
N THR B 54 1.95 18.76 17.31
CA THR B 54 1.73 18.19 18.62
C THR B 54 0.87 18.99 19.57
N ASP B 55 -0.22 18.35 19.99
CA ASP B 55 -1.17 18.91 20.92
C ASP B 55 -1.92 20.16 20.42
N TRP B 56 -2.21 20.21 19.13
CA TRP B 56 -2.92 21.36 18.58
C TRP B 56 -4.26 21.59 19.26
N GLU B 57 -4.82 20.56 19.88
CA GLU B 57 -6.10 20.68 20.56
C GLU B 57 -6.01 21.37 21.91
N ASN B 58 -4.79 21.61 22.36
CA ASN B 58 -4.55 22.28 23.63
C ASN B 58 -4.58 23.81 23.47
N GLN B 59 -5.75 24.41 23.56
CA GLN B 59 -5.85 25.86 23.40
C GLN B 59 -5.22 26.66 24.55
N GLU B 60 -5.04 26.01 25.69
CA GLU B 60 -4.44 26.67 26.82
C GLU B 60 -2.97 26.95 26.49
N LYS B 61 -2.37 26.06 25.72
CA LYS B 61 -0.99 26.24 25.32
C LYS B 61 -0.85 27.08 24.04
N TYR B 62 -1.60 26.69 23.00
CA TYR B 62 -1.52 27.35 21.70
C TYR B 62 -2.32 28.65 21.50
N LYS B 63 -3.36 28.87 22.29
CA LYS B 63 -4.16 30.11 22.22
C LYS B 63 -5.04 30.31 21.00
N GLY B 64 -5.56 29.23 20.43
CA GLY B 64 -6.41 29.35 19.25
C GLY B 64 -7.88 29.60 19.49
N GLY B 65 -8.59 29.96 18.42
CA GLY B 65 -10.02 30.21 18.51
C GLY B 65 -10.45 31.45 19.27
N TRP B 66 -11.73 31.47 19.64
CA TRP B 66 -12.31 32.58 20.37
C TRP B 66 -12.68 32.29 21.82
N ILE B 67 -12.79 33.34 22.61
CA ILE B 67 -13.26 33.23 23.98
C ILE B 67 -14.43 34.20 24.07
N ARG B 68 -15.32 33.96 25.02
CA ARG B 68 -16.47 34.84 25.20
C ARG B 68 -16.25 35.60 26.51
N LYS B 69 -16.11 36.92 26.43
CA LYS B 69 -15.90 37.69 27.65
C LYS B 69 -17.15 37.66 28.55
N ILE B 70 -17.04 38.29 29.71
CA ILE B 70 -18.15 38.33 30.67
C ILE B 70 -19.30 39.19 30.17
N ASN B 71 -18.96 40.23 29.40
CA ASN B 71 -19.95 41.13 28.84
C ASN B 71 -20.66 40.52 27.62
N GLY B 72 -20.35 39.24 27.35
CA GLY B 72 -20.95 38.53 26.23
C GLY B 72 -20.31 38.73 24.85
N LYS B 73 -19.34 39.62 24.77
CA LYS B 73 -18.67 39.90 23.51
C LYS B 73 -17.56 38.91 23.14
N LEU B 74 -17.38 38.74 21.84
CA LEU B 74 -16.40 37.81 21.27
C LEU B 74 -15.01 38.40 21.10
N GLN B 75 -14.00 37.65 21.46
CA GLN B 75 -12.62 38.11 21.32
C GLN B 75 -11.66 36.94 21.07
N PRO B 76 -10.69 37.13 20.18
CA PRO B 76 -9.74 36.05 19.91
C PRO B 76 -8.97 35.74 21.18
N ARG B 77 -8.84 34.45 21.49
CA ARG B 77 -8.13 34.05 22.69
C ARG B 77 -6.72 34.67 22.74
N MET B 78 -6.15 34.98 21.58
CA MET B 78 -4.82 35.60 21.50
C MET B 78 -4.82 36.96 22.15
N GLY B 79 -5.96 37.62 22.11
CA GLY B 79 -6.10 38.93 22.70
C GLY B 79 -6.87 39.88 21.81
N ASN B 80 -7.28 41.01 22.37
CA ASN B 80 -8.01 42.01 21.59
C ASN B 80 -7.03 42.61 20.57
N ARG B 81 -7.50 43.54 19.76
CA ARG B 81 -6.65 44.14 18.74
C ARG B 81 -5.29 44.66 19.23
N ALA B 82 -5.29 45.45 20.30
CA ALA B 82 -4.03 45.97 20.82
C ALA B 82 -3.13 44.86 21.36
N MET B 83 -3.71 43.94 22.14
CA MET B 83 -2.93 42.84 22.69
C MET B 83 -2.21 42.05 21.62
N LEU B 84 -2.93 41.77 20.54
CA LEU B 84 -2.39 41.01 19.42
C LEU B 84 -1.25 41.77 18.77
N LEU B 85 -1.43 43.09 18.63
CA LEU B 85 -0.41 43.94 18.03
C LEU B 85 0.85 43.98 18.89
N GLY B 86 0.67 44.00 20.20
CA GLY B 86 1.82 44.03 21.08
C GLY B 86 2.67 42.77 21.00
N LYS B 87 2.12 41.70 20.43
CA LYS B 87 2.83 40.43 20.31
C LYS B 87 3.47 40.24 18.93
N ILE B 88 3.43 41.27 18.11
CA ILE B 88 3.93 41.17 16.75
C ILE B 88 5.43 41.02 16.50
N PHE B 89 6.26 41.59 17.37
CA PHE B 89 7.70 41.47 17.16
C PHE B 89 8.15 40.04 17.39
N ALA B 90 7.30 39.27 18.07
CA ALA B 90 7.58 37.86 18.37
C ALA B 90 6.33 37.20 18.91
N ASN B 91 5.76 36.31 18.12
CA ASN B 91 4.56 35.57 18.51
C ASN B 91 4.99 34.66 19.65
N PRO B 92 4.62 35.01 20.88
CA PRO B 92 4.98 34.21 22.05
C PRO B 92 4.35 32.83 22.07
N HIS B 93 3.36 32.62 21.20
CA HIS B 93 2.67 31.34 21.16
C HIS B 93 2.96 30.53 19.91
N LEU B 94 3.51 31.18 18.90
CA LEU B 94 3.82 30.52 17.64
C LEU B 94 4.47 29.16 17.82
N PRO B 95 3.95 28.12 17.12
CA PRO B 95 4.48 26.75 17.18
C PRO B 95 5.71 26.65 16.30
N GLY B 96 6.74 25.97 16.79
CA GLY B 96 7.97 25.85 16.04
C GLY B 96 8.05 24.63 15.13
N ILE B 97 8.88 24.73 14.10
CA ILE B 97 9.06 23.65 13.14
C ILE B 97 9.14 22.31 13.86
N ASP B 98 9.80 22.30 15.01
CA ASP B 98 9.93 21.09 15.80
C ASP B 98 8.60 20.54 16.29
N ASP B 99 7.63 21.42 16.49
CA ASP B 99 6.30 21.02 16.93
C ASP B 99 5.62 20.22 15.83
N TYR B 100 6.08 20.43 14.59
CA TYR B 100 5.56 19.69 13.44
C TYR B 100 6.49 18.50 13.25
N TYR B 101 7.63 18.74 12.61
CA TYR B 101 8.67 17.73 12.38
C TYR B 101 9.68 18.41 11.46
N GLU B 102 10.96 18.08 11.60
CA GLU B 102 11.93 18.71 10.73
C GLU B 102 11.91 17.90 9.44
N PRO B 103 11.51 18.52 8.33
CA PRO B 103 11.42 17.89 7.01
C PRO B 103 12.78 17.37 6.59
N PHE B 104 12.78 16.14 6.08
CA PHE B 104 14.01 15.51 5.68
C PHE B 104 14.01 14.84 4.30
N ASP B 105 15.22 14.60 3.79
CA ASP B 105 15.36 13.94 2.50
C ASP B 105 16.41 12.83 2.71
N PHE B 106 16.73 12.11 1.65
CA PHE B 106 17.72 11.03 1.74
C PHE B 106 18.71 11.18 0.62
N ASP B 107 19.92 10.68 0.85
CA ASP B 107 20.96 10.76 -0.17
C ASP B 107 20.92 9.49 -1.01
N TYR B 108 19.95 9.39 -1.91
CA TYR B 108 19.83 8.23 -2.78
C TYR B 108 20.99 8.18 -3.74
N GLN B 109 21.51 9.35 -4.11
CA GLN B 109 22.61 9.38 -5.05
C GLN B 109 23.83 8.64 -4.55
N ASN B 110 23.94 8.48 -3.22
CA ASN B 110 25.08 7.76 -2.69
C ASN B 110 25.01 6.31 -3.15
N LEU B 111 23.79 5.79 -3.31
CA LEU B 111 23.60 4.43 -3.77
C LEU B 111 24.15 4.30 -5.18
N HIS B 112 23.98 5.35 -5.97
CA HIS B 112 24.42 5.37 -7.36
C HIS B 112 25.90 5.62 -7.57
N THR B 113 26.41 6.70 -6.98
CA THR B 113 27.81 7.08 -7.14
C THR B 113 28.80 6.50 -6.15
N ALA B 114 28.35 5.62 -5.26
CA ALA B 114 29.26 5.00 -4.29
C ALA B 114 30.47 4.51 -5.05
N PRO B 115 31.68 4.91 -4.62
CA PRO B 115 32.91 4.50 -5.29
C PRO B 115 33.22 3.01 -5.20
N GLU B 116 34.12 2.58 -6.08
CA GLU B 116 34.58 1.21 -6.15
C GLU B 116 35.45 0.91 -4.93
N GLY B 117 35.20 -0.22 -4.29
CA GLY B 117 36.00 -0.61 -3.15
C GLY B 117 35.52 -0.07 -1.81
N SER B 118 34.21 -0.10 -1.61
CA SER B 118 33.65 0.37 -0.35
C SER B 118 33.74 -0.77 0.65
N LYS B 119 34.16 -0.47 1.87
CA LYS B 119 34.28 -1.48 2.90
C LYS B 119 32.93 -2.04 3.36
N SER B 120 31.85 -1.34 3.03
CA SER B 120 30.52 -1.79 3.39
C SER B 120 29.51 -1.29 2.36
N GLN B 121 28.41 -2.03 2.20
CA GLN B 121 27.38 -1.67 1.23
C GLN B 121 26.94 -0.23 1.45
N PRO B 122 26.88 0.57 0.37
CA PRO B 122 26.47 1.97 0.52
C PRO B 122 25.02 2.10 1.02
N ILE B 123 24.64 3.28 1.45
CA ILE B 123 23.30 3.47 1.99
C ILE B 123 22.87 4.93 1.87
N ALA B 124 21.57 5.17 1.89
CA ALA B 124 21.09 6.55 1.80
C ALA B 124 20.65 7.04 3.18
N ARG B 125 21.44 7.92 3.78
CA ARG B 125 21.13 8.50 5.11
C ARG B 125 20.28 9.76 4.96
N PRO B 126 19.58 10.18 6.04
CA PRO B 126 18.74 11.38 6.00
C PRO B 126 19.46 12.75 6.04
N ARG B 127 18.84 13.72 5.39
CA ARG B 127 19.39 15.07 5.30
C ARG B 127 18.27 16.04 5.62
N SER B 128 18.62 17.11 6.32
CA SER B 128 17.64 18.11 6.70
C SER B 128 17.31 18.96 5.49
N LEU B 129 16.03 19.17 5.26
CA LEU B 129 15.58 19.98 4.12
C LEU B 129 15.63 21.46 4.47
N ILE B 130 15.90 21.76 5.73
CA ILE B 130 15.98 23.13 6.21
C ILE B 130 17.43 23.61 6.24
N THR B 131 18.29 22.76 6.81
CA THR B 131 19.72 23.09 6.93
C THR B 131 20.55 22.42 5.84
N GLY B 132 20.13 21.23 5.43
CA GLY B 132 20.88 20.51 4.40
C GLY B 132 21.97 19.64 4.97
N GLU B 133 22.08 19.62 6.31
CA GLU B 133 23.11 18.85 7.01
C GLU B 133 22.68 17.40 7.19
N ARG B 134 23.64 16.54 7.50
CA ARG B 134 23.35 15.13 7.73
C ARG B 134 22.46 15.10 8.96
N MET B 135 21.56 14.12 9.01
CA MET B 135 20.65 13.97 10.14
C MET B 135 21.07 12.73 10.91
N ALA B 136 21.32 12.90 12.21
CA ALA B 136 21.73 11.80 13.06
C ALA B 136 20.68 10.69 13.06
N LYS B 137 19.43 11.09 13.24
CA LYS B 137 18.33 10.16 13.27
C LYS B 137 17.02 10.91 13.06
N ILE B 138 16.09 10.29 12.36
CA ILE B 138 14.79 10.92 12.16
C ILE B 138 14.09 10.65 13.48
N GLU B 139 13.65 11.71 14.15
CA GLU B 139 13.02 11.56 15.46
C GLU B 139 11.55 11.93 15.52
N LYS B 140 11.03 12.43 14.41
CA LYS B 140 9.65 12.82 14.35
C LYS B 140 9.15 12.97 12.92
N GLY B 141 7.84 12.81 12.75
CA GLY B 141 7.24 12.93 11.44
C GLY B 141 5.84 13.46 11.61
N PRO B 142 5.19 13.87 10.51
CA PRO B 142 3.83 14.40 10.63
C PRO B 142 2.78 13.35 11.02
N ASN B 143 3.08 12.07 10.83
CA ASN B 143 2.14 11.00 11.15
C ASN B 143 2.81 9.99 12.07
N TRP B 144 3.68 10.50 12.94
CA TRP B 144 4.48 9.68 13.86
C TRP B 144 3.76 8.74 14.82
N GLU B 145 2.54 9.08 15.21
CA GLU B 145 1.77 8.25 16.14
C GLU B 145 0.77 7.35 15.40
N ASP B 146 0.94 7.21 14.09
CA ASP B 146 0.04 6.39 13.29
C ASP B 146 -0.15 4.99 13.88
N ASP B 147 -1.40 4.58 14.00
CA ASP B 147 -1.75 3.26 14.53
C ASP B 147 -1.20 2.94 15.90
N LEU B 148 -1.52 3.79 16.86
CA LEU B 148 -1.07 3.58 18.23
C LEU B 148 0.44 3.37 18.35
N GLY B 149 1.19 4.06 17.51
CA GLY B 149 2.64 3.93 17.58
C GLY B 149 3.19 4.83 18.67
N GLY B 150 3.46 4.26 19.84
CA GLY B 150 3.97 5.04 20.94
C GLY B 150 3.36 4.61 22.25
N GLU B 151 4.14 4.69 23.34
CA GLU B 151 3.64 4.28 24.65
C GLU B 151 2.28 4.90 24.94
N PHE B 152 1.43 4.15 25.62
CA PHE B 152 0.10 4.64 25.97
C PHE B 152 0.16 5.95 26.78
N ASP B 153 1.01 6.00 27.79
CA ASP B 153 1.15 7.20 28.60
C ASP B 153 1.43 8.44 27.74
N LYS B 154 2.04 8.23 26.58
CA LYS B 154 2.37 9.34 25.70
C LYS B 154 1.16 9.77 24.87
N LEU B 155 0.48 8.79 24.29
CA LEU B 155 -0.68 9.08 23.47
C LEU B 155 -1.84 9.59 24.30
N ALA B 156 -2.06 8.96 25.45
CA ALA B 156 -3.16 9.33 26.33
C ALA B 156 -3.08 10.78 26.82
N LYS B 157 -2.03 11.49 26.43
CA LYS B 157 -1.90 12.89 26.83
C LYS B 157 -2.84 13.70 25.96
N ASP B 158 -3.55 12.99 25.07
CA ASP B 158 -4.53 13.56 24.16
C ASP B 158 -5.50 14.39 25.00
N LYS B 159 -5.72 15.63 24.59
CA LYS B 159 -6.61 16.52 25.31
C LYS B 159 -8.06 15.99 25.36
N ASN B 160 -8.40 15.09 24.47
CA ASN B 160 -9.75 14.56 24.44
C ASN B 160 -9.99 13.49 25.50
N PHE B 161 -8.97 13.22 26.28
CA PHE B 161 -9.06 12.23 27.35
C PHE B 161 -9.36 12.91 28.68
N ASP B 162 -9.60 14.22 28.62
CA ASP B 162 -9.89 14.98 29.83
C ASP B 162 -11.28 14.58 30.33
N ASN B 163 -11.41 14.47 31.65
CA ASN B 163 -12.69 14.11 32.25
C ASN B 163 -13.09 12.66 31.97
N ILE B 164 -12.11 11.83 31.66
CA ILE B 164 -12.35 10.41 31.41
C ILE B 164 -11.30 9.65 32.20
N GLN B 165 -11.70 8.57 32.87
CA GLN B 165 -10.72 7.77 33.61
C GLN B 165 -10.13 6.86 32.54
N LYS B 166 -8.91 7.17 32.13
CA LYS B 166 -8.24 6.43 31.07
C LYS B 166 -7.43 5.19 31.40
N ALA B 167 -7.24 4.90 32.67
CA ALA B 167 -6.47 3.73 33.05
C ALA B 167 -6.91 2.48 32.29
N MET B 168 -8.21 2.20 32.33
CA MET B 168 -8.73 0.99 31.70
C MET B 168 -8.38 0.78 30.23
N TYR B 169 -8.01 1.84 29.52
CA TYR B 169 -7.68 1.73 28.11
C TYR B 169 -6.22 1.40 27.78
N SER B 170 -5.39 1.18 28.80
CA SER B 170 -4.00 0.83 28.52
C SER B 170 -3.93 -0.69 28.49
N GLN B 171 -5.08 -1.31 28.76
CA GLN B 171 -5.19 -2.76 28.76
C GLN B 171 -5.48 -3.28 27.37
N PHE B 172 -4.60 -4.17 26.92
CA PHE B 172 -4.71 -4.75 25.60
C PHE B 172 -6.15 -5.07 25.15
N GLU B 173 -6.88 -5.82 25.97
CA GLU B 173 -8.24 -6.19 25.62
C GLU B 173 -9.16 -5.02 25.32
N ASN B 174 -8.89 -3.85 25.91
CA ASN B 174 -9.76 -2.69 25.69
C ASN B 174 -9.25 -1.70 24.65
N THR B 175 -8.12 -2.01 24.04
CA THR B 175 -7.54 -1.14 23.02
C THR B 175 -8.59 -0.65 22.02
N PHE B 176 -8.47 0.62 21.63
CA PHE B 176 -9.37 1.18 20.66
C PHE B 176 -8.63 2.28 19.91
N MET B 177 -8.89 2.39 18.62
CA MET B 177 -8.27 3.43 17.82
C MET B 177 -9.22 3.85 16.72
N MET B 178 -9.13 5.11 16.33
CA MET B 178 -9.96 5.65 15.26
C MET B 178 -9.13 6.67 14.51
N TYR B 179 -9.57 7.03 13.32
CA TYR B 179 -8.83 8.00 12.53
C TYR B 179 -9.60 9.29 12.40
N LEU B 180 -8.86 10.39 12.30
CA LEU B 180 -9.44 11.71 12.17
C LEU B 180 -8.78 12.47 11.02
N PRO B 181 -9.30 12.32 9.80
CA PRO B 181 -8.67 13.07 8.71
C PRO B 181 -9.14 14.50 8.86
N ARG B 182 -8.26 15.46 8.62
CA ARG B 182 -8.69 16.85 8.75
C ARG B 182 -8.02 17.84 7.82
N LEU B 183 -8.80 18.83 7.42
CA LEU B 183 -8.36 19.89 6.53
C LEU B 183 -8.74 21.17 7.21
N CYS B 184 -8.80 22.24 6.46
CA CYS B 184 -9.20 23.50 7.06
C CYS B 184 -10.73 23.44 7.14
N GLU B 185 -11.28 23.99 8.22
CA GLU B 185 -12.71 24.00 8.50
C GLU B 185 -13.55 24.97 7.67
N HIS B 186 -12.90 26.00 7.14
CA HIS B 186 -13.57 27.02 6.34
C HIS B 186 -14.76 27.56 7.12
N CYS B 187 -14.44 27.95 8.35
CA CYS B 187 -15.35 28.48 9.34
C CYS B 187 -16.27 29.62 8.89
N LEU B 188 -17.36 29.83 9.63
CA LEU B 188 -18.29 30.92 9.32
C LEU B 188 -17.81 32.13 10.11
N ASN B 189 -17.17 31.83 11.23
CA ASN B 189 -16.61 32.85 12.10
C ASN B 189 -15.18 32.43 12.33
N PRO B 190 -14.37 32.39 11.26
CA PRO B 190 -12.96 32.00 11.34
C PRO B 190 -12.15 32.93 12.23
N ALA B 191 -11.35 32.35 13.10
CA ALA B 191 -10.52 33.11 14.00
C ALA B 191 -9.31 33.66 13.25
N CYS B 192 -8.86 32.92 12.23
CA CYS B 192 -7.71 33.34 11.44
C CYS B 192 -7.94 34.72 10.87
N VAL B 193 -9.10 34.92 10.25
CA VAL B 193 -9.42 36.19 9.65
C VAL B 193 -9.34 37.30 10.67
N ALA B 194 -9.77 37.00 11.89
CA ALA B 194 -9.80 37.98 12.95
C ALA B 194 -8.44 38.30 13.56
N THR B 195 -7.48 37.41 13.37
CA THR B 195 -6.16 37.62 13.95
C THR B 195 -5.09 38.15 13.01
N CYS B 196 -5.43 38.38 11.74
CA CYS B 196 -4.47 38.90 10.78
C CYS B 196 -4.48 40.43 10.73
N PRO B 197 -3.42 41.08 11.25
CA PRO B 197 -3.27 42.53 11.29
C PRO B 197 -3.42 43.22 9.95
N SER B 198 -2.74 42.68 8.95
CA SER B 198 -2.78 43.26 7.60
C SER B 198 -4.11 43.01 6.90
N GLY B 199 -4.96 42.16 7.46
CA GLY B 199 -6.24 41.90 6.83
C GLY B 199 -6.13 41.21 5.49
N ALA B 200 -5.11 40.36 5.36
CA ALA B 200 -4.90 39.63 4.13
C ALA B 200 -5.74 38.34 4.02
N ILE B 201 -6.39 37.92 5.11
CA ILE B 201 -7.19 36.71 5.02
C ILE B 201 -8.65 37.09 4.85
N TYR B 202 -9.40 36.29 4.10
CA TYR B 202 -10.81 36.58 3.88
C TYR B 202 -11.65 35.39 3.47
N LYS B 203 -12.97 35.55 3.62
CA LYS B 203 -13.91 34.52 3.24
C LYS B 203 -14.53 35.01 1.94
N ARG B 204 -14.60 34.11 0.96
CA ARG B 204 -15.17 34.43 -0.34
C ARG B 204 -16.69 34.42 -0.25
N GLU B 205 -17.31 35.49 -0.72
CA GLU B 205 -18.76 35.61 -0.67
C GLU B 205 -19.55 34.53 -1.41
N GLU B 206 -19.13 34.21 -2.62
CA GLU B 206 -19.83 33.23 -3.44
C GLU B 206 -19.81 31.77 -3.00
N ASP B 207 -18.75 31.33 -2.32
CA ASP B 207 -18.71 29.94 -1.90
C ASP B 207 -18.13 29.71 -0.51
N GLY B 208 -17.93 30.81 0.22
CA GLY B 208 -17.44 30.74 1.59
C GLY B 208 -16.08 30.16 1.87
N ILE B 209 -15.27 29.99 0.83
CA ILE B 209 -13.93 29.45 1.03
C ILE B 209 -13.05 30.52 1.67
N VAL B 210 -12.22 30.15 2.64
CA VAL B 210 -11.35 31.13 3.30
C VAL B 210 -9.94 31.04 2.72
N LEU B 211 -9.44 32.14 2.16
CA LEU B 211 -8.12 32.17 1.55
C LEU B 211 -7.20 33.23 2.11
N ILE B 212 -5.90 32.97 2.03
CA ILE B 212 -4.90 33.90 2.48
C ILE B 212 -4.36 34.50 1.20
N ASP B 213 -4.59 35.80 1.01
CA ASP B 213 -4.14 36.52 -0.17
C ASP B 213 -2.60 36.62 -0.18
N GLN B 214 -1.97 35.90 -1.11
CA GLN B 214 -0.53 35.87 -1.21
C GLN B 214 0.12 37.20 -1.58
N ASP B 215 -0.64 38.08 -2.23
CA ASP B 215 -0.12 39.40 -2.59
C ASP B 215 -0.13 40.24 -1.32
N LYS B 216 -1.29 40.27 -0.67
CA LYS B 216 -1.49 41.07 0.53
C LYS B 216 -0.89 40.59 1.86
N CYS B 217 -0.71 39.28 2.02
CA CYS B 217 -0.16 38.81 3.28
C CYS B 217 1.20 39.45 3.47
N ARG B 218 1.47 39.91 4.69
CA ARG B 218 2.75 40.58 5.01
C ARG B 218 3.61 39.70 5.92
N GLY B 219 3.13 38.50 6.21
CA GLY B 219 3.89 37.60 7.06
C GLY B 219 4.00 37.97 8.53
N TRP B 220 2.94 38.52 9.12
CA TRP B 220 2.97 38.89 10.55
C TRP B 220 2.84 37.65 11.41
N ARG B 221 2.54 36.53 10.75
CA ARG B 221 2.37 35.22 11.36
C ARG B 221 1.62 35.11 12.69
N MET B 222 0.56 35.90 12.83
CA MET B 222 -0.27 35.85 14.04
C MET B 222 -1.43 34.90 13.74
N CYS B 223 -1.80 34.81 12.46
CA CYS B 223 -2.90 33.95 12.01
C CYS B 223 -2.73 32.49 12.44
N ILE B 224 -1.50 31.98 12.32
CA ILE B 224 -1.19 30.60 12.68
C ILE B 224 -1.58 30.29 14.12
N THR B 225 -1.50 31.29 14.97
CA THR B 225 -1.84 31.10 16.36
C THR B 225 -3.35 31.21 16.53
N GLY B 226 -3.92 32.19 15.85
CA GLY B 226 -5.35 32.38 15.93
C GLY B 226 -6.14 31.15 15.53
N CYS B 227 -5.64 30.36 14.58
CA CYS B 227 -6.38 29.16 14.15
C CYS B 227 -6.34 28.03 15.18
N PRO B 228 -7.47 27.76 15.83
CA PRO B 228 -7.54 26.70 16.83
C PRO B 228 -7.26 25.29 16.28
N TYR B 229 -7.43 25.10 14.97
CA TYR B 229 -7.17 23.78 14.40
C TYR B 229 -5.76 23.67 13.84
N LYS B 230 -5.00 24.75 13.93
CA LYS B 230 -3.64 24.79 13.44
C LYS B 230 -3.51 24.29 11.98
N LYS B 231 -4.39 24.80 11.12
CA LYS B 231 -4.37 24.41 9.73
C LYS B 231 -3.75 25.46 8.81
N ILE B 232 -3.24 26.55 9.38
CA ILE B 232 -2.54 27.55 8.59
C ILE B 232 -1.07 27.22 8.83
N TYR B 233 -0.30 27.16 7.75
CA TYR B 233 1.12 26.82 7.81
C TYR B 233 1.95 27.95 7.27
N PHE B 234 2.98 28.33 8.01
CA PHE B 234 3.87 29.40 7.58
C PHE B 234 4.80 28.81 6.52
N ASN B 235 4.92 29.46 5.38
CA ASN B 235 5.82 29.02 4.32
C ASN B 235 7.13 29.72 4.66
N TRP B 236 8.04 28.98 5.30
CA TRP B 236 9.31 29.53 5.74
C TRP B 236 10.22 30.14 4.69
N LYS B 237 10.00 29.81 3.43
CA LYS B 237 10.83 30.35 2.36
C LYS B 237 10.26 31.66 1.78
N SER B 238 8.94 31.68 1.55
CA SER B 238 8.28 32.85 1.00
C SER B 238 8.04 33.93 2.06
N GLY B 239 7.80 33.51 3.30
CA GLY B 239 7.56 34.46 4.37
C GLY B 239 6.08 34.71 4.60
N LYS B 240 5.24 34.13 3.74
CA LYS B 240 3.80 34.30 3.89
C LYS B 240 3.18 33.01 4.42
N SER B 241 1.93 33.07 4.87
CA SER B 241 1.27 31.87 5.37
C SER B 241 0.44 31.22 4.26
N GLU B 242 0.18 29.93 4.40
CA GLU B 242 -0.56 29.20 3.40
C GLU B 242 -1.45 28.19 4.10
N LYS B 243 -2.57 27.88 3.48
CA LYS B 243 -3.54 26.96 4.06
C LYS B 243 -4.35 26.27 2.98
N CYS B 244 -5.11 25.24 3.36
CA CYS B 244 -5.95 24.52 2.40
C CYS B 244 -6.78 25.60 1.73
N ILE B 245 -6.85 25.56 0.41
CA ILE B 245 -7.62 26.55 -0.36
C ILE B 245 -8.92 25.95 -0.86
N PHE B 246 -9.32 24.84 -0.25
CA PHE B 246 -10.52 24.12 -0.63
C PHE B 246 -10.59 23.85 -2.12
N CYS B 247 -9.43 23.69 -2.73
CA CYS B 247 -9.35 23.39 -4.15
C CYS B 247 -10.28 24.26 -4.97
N TYR B 248 -10.32 25.55 -4.64
CA TYR B 248 -11.20 26.43 -5.36
C TYR B 248 -11.04 26.35 -6.88
N PRO B 249 -9.84 26.03 -7.38
CA PRO B 249 -9.76 25.95 -8.85
C PRO B 249 -10.70 24.89 -9.44
N ARG B 250 -11.00 23.83 -8.67
CA ARG B 250 -11.90 22.78 -9.20
C ARG B 250 -13.33 23.03 -8.79
N ILE B 251 -13.52 23.48 -7.55
CA ILE B 251 -14.85 23.75 -7.05
C ILE B 251 -15.54 24.80 -7.91
N GLU B 252 -14.77 25.74 -8.44
CA GLU B 252 -15.33 26.79 -9.27
C GLU B 252 -16.02 26.27 -10.53
N ALA B 253 -15.50 25.17 -11.08
CA ALA B 253 -16.11 24.58 -12.27
C ALA B 253 -17.18 23.56 -11.88
N GLY B 254 -17.35 23.34 -10.58
CA GLY B 254 -18.34 22.38 -10.14
C GLY B 254 -17.80 20.98 -9.86
N GLN B 255 -16.48 20.87 -9.69
CA GLN B 255 -15.85 19.59 -9.37
C GLN B 255 -15.56 19.49 -7.90
N PRO B 256 -15.46 18.25 -7.38
CA PRO B 256 -15.19 17.94 -5.99
C PRO B 256 -13.75 18.38 -5.70
N THR B 257 -13.35 18.39 -4.43
CA THR B 257 -11.97 18.76 -4.11
C THR B 257 -11.11 17.52 -4.41
N VAL B 258 -9.79 17.70 -4.47
CA VAL B 258 -8.94 16.54 -4.76
C VAL B 258 -9.06 15.50 -3.66
N CYS B 259 -9.00 15.93 -2.41
CA CYS B 259 -9.10 14.98 -1.31
C CYS B 259 -10.50 14.35 -1.20
N SER B 260 -11.46 14.89 -1.92
CA SER B 260 -12.82 14.37 -1.90
C SER B 260 -13.00 13.33 -2.99
N GLU B 261 -12.50 13.67 -4.17
CA GLU B 261 -12.61 12.77 -5.30
C GLU B 261 -11.63 11.60 -5.15
N THR B 262 -10.52 11.83 -4.46
CA THR B 262 -9.52 10.79 -4.28
C THR B 262 -9.66 9.93 -3.02
N CYS B 263 -10.70 10.20 -2.21
CA CYS B 263 -10.92 9.44 -0.99
C CYS B 263 -11.27 7.98 -1.30
N VAL B 264 -10.35 7.07 -1.03
CA VAL B 264 -10.55 5.66 -1.31
C VAL B 264 -11.74 5.10 -0.53
N GLY B 265 -11.97 5.66 0.64
CA GLY B 265 -13.07 5.21 1.48
C GLY B 265 -14.47 5.59 1.04
N ARG B 266 -14.58 6.58 0.15
CA ARG B 266 -15.90 7.02 -0.31
C ARG B 266 -16.64 7.47 0.94
N ILE B 267 -15.95 8.25 1.76
CA ILE B 267 -16.49 8.75 3.02
C ILE B 267 -16.76 10.23 3.04
N ARG B 268 -16.19 10.97 2.07
CA ARG B 268 -16.37 12.41 2.01
C ARG B 268 -17.57 12.83 1.19
N TYR B 269 -18.36 13.76 1.74
CA TYR B 269 -19.55 14.29 1.07
C TYR B 269 -19.45 15.80 0.89
N LEU B 270 -19.77 16.27 -0.31
CA LEU B 270 -19.76 17.70 -0.62
C LEU B 270 -21.15 18.14 -1.02
N GLY B 271 -21.68 19.14 -0.32
CA GLY B 271 -23.00 19.65 -0.64
C GLY B 271 -23.08 21.12 -0.26
N VAL B 272 -24.05 21.84 -0.84
CA VAL B 272 -24.24 23.25 -0.56
C VAL B 272 -25.02 23.47 0.74
N LEU B 273 -24.68 24.55 1.44
CA LEU B 273 -25.39 24.90 2.68
C LEU B 273 -25.63 26.39 2.60
N LEU B 274 -26.85 26.80 2.89
CA LEU B 274 -27.21 28.20 2.89
C LEU B 274 -27.24 28.66 4.34
N TYR B 275 -26.60 29.78 4.64
CA TYR B 275 -26.59 30.23 6.02
C TYR B 275 -26.86 31.72 6.16
N ASP B 276 -27.38 32.14 7.32
CA ASP B 276 -27.65 33.56 7.54
C ASP B 276 -26.40 34.24 8.10
N ALA B 277 -25.68 34.95 7.26
CA ALA B 277 -24.47 35.64 7.69
C ALA B 277 -24.73 36.53 8.89
N ASP B 278 -25.88 37.20 8.91
CA ASP B 278 -26.22 38.12 10.00
C ASP B 278 -26.41 37.47 11.36
N ALA B 279 -26.53 36.15 11.39
CA ALA B 279 -26.71 35.43 12.65
C ALA B 279 -25.40 34.90 13.23
N ILE B 280 -24.34 34.99 12.45
CA ILE B 280 -23.02 34.48 12.83
C ILE B 280 -22.50 34.88 14.21
N GLU B 281 -22.55 36.17 14.52
CA GLU B 281 -22.06 36.66 15.80
C GLU B 281 -22.95 36.09 16.89
N ARG B 282 -24.25 36.23 16.71
CA ARG B 282 -25.19 35.72 17.69
C ARG B 282 -24.85 34.28 18.06
N ALA B 283 -24.90 33.38 17.09
CA ALA B 283 -24.62 31.96 17.33
C ALA B 283 -23.29 31.68 18.02
N ALA B 284 -22.20 32.20 17.47
CA ALA B 284 -20.88 31.95 18.03
C ALA B 284 -20.63 32.53 19.41
N SER B 285 -21.48 33.46 19.85
CA SER B 285 -21.29 34.07 21.18
C SER B 285 -22.30 33.59 22.22
N THR B 286 -22.91 32.43 21.97
CA THR B 286 -23.87 31.85 22.90
C THR B 286 -23.09 31.52 24.17
N GLU B 287 -23.68 31.81 25.32
CA GLU B 287 -23.03 31.59 26.60
C GLU B 287 -22.50 30.19 26.87
N ASN B 288 -23.35 29.17 26.81
CA ASN B 288 -22.91 27.80 27.08
C ASN B 288 -22.28 27.19 25.83
N GLU B 289 -21.06 26.69 25.95
CA GLU B 289 -20.39 26.12 24.79
C GLU B 289 -21.09 24.86 24.26
N LYS B 290 -21.85 24.19 25.12
CA LYS B 290 -22.57 22.99 24.69
C LYS B 290 -23.73 23.33 23.79
N ASP B 291 -23.90 24.61 23.52
CA ASP B 291 -25.00 25.07 22.68
C ASP B 291 -24.52 25.48 21.29
N LEU B 292 -23.23 25.78 21.17
CA LEU B 292 -22.68 26.21 19.89
C LEU B 292 -23.10 25.30 18.75
N TYR B 293 -23.16 23.99 18.99
CA TYR B 293 -23.57 23.04 17.96
C TYR B 293 -24.96 23.36 17.47
N GLN B 294 -25.95 23.18 18.36
CA GLN B 294 -27.34 23.45 18.01
C GLN B 294 -27.51 24.84 17.43
N ARG B 295 -26.86 25.80 18.08
CA ARG B 295 -26.91 27.19 17.70
C ARG B 295 -26.41 27.38 16.27
N GLN B 296 -25.51 26.51 15.82
CA GLN B 296 -24.99 26.61 14.45
C GLN B 296 -25.98 25.99 13.47
N LEU B 297 -26.63 24.90 13.88
CA LEU B 297 -27.61 24.25 13.02
C LEU B 297 -28.71 25.26 12.72
N ASP B 298 -28.89 26.22 13.62
CA ASP B 298 -29.92 27.23 13.47
C ASP B 298 -29.56 28.36 12.51
N VAL B 299 -28.31 28.40 12.07
CA VAL B 299 -27.88 29.43 11.14
C VAL B 299 -28.05 28.92 9.73
N PHE B 300 -28.20 27.60 9.59
CA PHE B 300 -28.39 26.97 8.29
C PHE B 300 -29.87 27.10 7.89
N LEU B 301 -30.12 27.38 6.60
CA LEU B 301 -31.47 27.56 6.11
C LEU B 301 -31.97 26.40 5.26
N ASP B 302 -33.27 26.15 5.31
CA ASP B 302 -33.90 25.08 4.55
C ASP B 302 -33.95 25.50 3.08
N PRO B 303 -33.23 24.78 2.22
CA PRO B 303 -33.19 25.10 0.79
C PRO B 303 -34.51 24.85 0.04
N ASN B 304 -35.50 24.25 0.71
CA ASN B 304 -36.77 23.99 0.05
C ASN B 304 -37.85 24.99 0.45
N ASP B 305 -37.61 25.70 1.53
CA ASP B 305 -38.56 26.70 2.00
C ASP B 305 -38.55 27.85 1.00
N PRO B 306 -39.69 28.12 0.34
CA PRO B 306 -39.77 29.20 -0.63
C PRO B 306 -39.44 30.58 -0.03
N LYS B 307 -39.54 30.69 1.29
CA LYS B 307 -39.21 31.95 1.96
C LYS B 307 -37.69 32.13 1.81
N VAL B 308 -36.95 31.05 2.01
CA VAL B 308 -35.50 31.05 1.89
C VAL B 308 -35.11 31.22 0.43
N ILE B 309 -35.78 30.47 -0.43
CA ILE B 309 -35.53 30.52 -1.85
C ILE B 309 -35.65 31.93 -2.42
N GLU B 310 -36.72 32.64 -2.04
CA GLU B 310 -36.94 34.00 -2.51
C GLU B 310 -35.89 34.98 -1.97
N GLN B 311 -35.44 34.76 -0.74
CA GLN B 311 -34.44 35.64 -0.14
C GLN B 311 -33.08 35.36 -0.75
N ALA B 312 -32.81 34.09 -1.03
CA ALA B 312 -31.52 33.70 -1.62
C ALA B 312 -31.39 34.36 -2.98
N ILE B 313 -32.47 34.30 -3.77
CA ILE B 313 -32.46 34.91 -5.07
C ILE B 313 -32.22 36.42 -4.92
N LYS B 314 -32.98 37.04 -4.02
CA LYS B 314 -32.85 38.47 -3.80
C LYS B 314 -31.43 38.81 -3.36
N ASP B 315 -30.76 37.86 -2.72
CA ASP B 315 -29.42 38.07 -2.20
C ASP B 315 -28.21 37.72 -3.08
N GLY B 316 -28.45 37.45 -4.37
CA GLY B 316 -27.35 37.14 -5.27
C GLY B 316 -26.95 35.69 -5.52
N ILE B 317 -27.57 34.76 -4.82
CA ILE B 317 -27.23 33.34 -5.01
C ILE B 317 -27.75 32.87 -6.36
N PRO B 318 -26.87 32.33 -7.21
CA PRO B 318 -27.30 31.85 -8.53
C PRO B 318 -28.37 30.76 -8.34
N LEU B 319 -29.20 30.57 -9.36
CA LEU B 319 -30.25 29.58 -9.29
C LEU B 319 -29.72 28.15 -9.20
N SER B 320 -28.59 27.87 -9.86
CA SER B 320 -28.01 26.54 -9.83
C SER B 320 -27.48 26.17 -8.43
N VAL B 321 -26.99 27.17 -7.70
CA VAL B 321 -26.48 26.94 -6.36
C VAL B 321 -27.64 26.51 -5.48
N ILE B 322 -28.73 27.26 -5.54
CA ILE B 322 -29.91 26.96 -4.73
C ILE B 322 -30.44 25.57 -5.01
N GLU B 323 -30.53 25.22 -6.30
CA GLU B 323 -31.00 23.90 -6.70
C GLU B 323 -30.06 22.84 -6.10
N ALA B 324 -28.77 23.17 -6.05
CA ALA B 324 -27.81 22.24 -5.51
C ALA B 324 -28.01 22.06 -4.01
N ALA B 325 -28.38 23.14 -3.34
CA ALA B 325 -28.61 23.07 -1.90
C ALA B 325 -29.77 22.13 -1.64
N GLN B 326 -30.75 22.17 -2.52
CA GLN B 326 -31.94 21.35 -2.40
C GLN B 326 -31.74 19.84 -2.49
N GLN B 327 -30.57 19.40 -2.93
CA GLN B 327 -30.29 17.98 -3.01
C GLN B 327 -28.94 17.67 -2.37
N SER B 328 -28.53 18.57 -1.50
CA SER B 328 -27.26 18.49 -0.78
C SER B 328 -27.21 17.40 0.29
N PRO B 329 -26.21 16.52 0.21
CA PRO B 329 -26.08 15.44 1.20
C PRO B 329 -25.63 15.97 2.57
N VAL B 330 -24.86 17.06 2.54
CA VAL B 330 -24.38 17.68 3.77
C VAL B 330 -25.58 18.11 4.60
N TYR B 331 -26.58 18.68 3.94
CA TYR B 331 -27.77 19.13 4.64
C TYR B 331 -28.55 17.96 5.21
N LYS B 332 -28.61 16.84 4.49
CA LYS B 332 -29.34 15.68 4.98
C LYS B 332 -28.69 15.06 6.20
N MET B 333 -27.36 15.02 6.21
CA MET B 333 -26.66 14.44 7.35
C MET B 333 -26.52 15.34 8.58
N ALA B 334 -26.52 16.65 8.37
CA ALA B 334 -26.39 17.56 9.50
C ALA B 334 -27.73 18.05 10.06
N MET B 335 -28.68 18.31 9.16
CA MET B 335 -29.98 18.83 9.55
C MET B 335 -31.10 17.83 9.70
N GLU B 336 -31.27 16.97 8.71
CA GLU B 336 -32.33 15.97 8.74
C GLU B 336 -32.07 14.81 9.69
N TRP B 337 -31.09 13.99 9.33
CA TRP B 337 -30.75 12.81 10.10
C TRP B 337 -29.93 13.04 11.36
N LYS B 338 -29.24 14.19 11.42
CA LYS B 338 -28.40 14.51 12.57
C LYS B 338 -27.23 13.53 12.77
N LEU B 339 -26.59 13.10 11.68
CA LEU B 339 -25.48 12.15 11.80
C LEU B 339 -24.14 12.85 11.87
N ALA B 340 -24.04 13.99 11.18
CA ALA B 340 -22.80 14.76 11.15
C ALA B 340 -22.79 15.78 12.27
N LEU B 341 -21.64 15.90 12.92
CA LEU B 341 -21.46 16.85 14.03
C LEU B 341 -20.20 17.68 13.78
N PRO B 342 -20.18 18.92 14.29
CA PRO B 342 -19.01 19.78 14.09
C PRO B 342 -17.78 19.31 14.84
N LEU B 343 -16.63 19.71 14.35
CA LEU B 343 -15.39 19.35 14.99
C LEU B 343 -15.08 20.47 15.96
N HIS B 344 -14.96 20.12 17.24
CA HIS B 344 -14.63 21.10 18.29
C HIS B 344 -15.44 22.40 18.23
N PRO B 345 -16.77 22.29 18.29
CA PRO B 345 -17.61 23.49 18.24
C PRO B 345 -17.23 24.54 19.28
N GLU B 346 -16.65 24.11 20.39
CA GLU B 346 -16.28 25.05 21.46
C GLU B 346 -15.25 26.13 21.12
N TYR B 347 -14.70 26.12 19.91
CA TYR B 347 -13.72 27.13 19.54
C TYR B 347 -14.48 28.36 19.07
N ARG B 348 -15.78 28.17 18.90
CA ARG B 348 -16.69 29.23 18.47
C ARG B 348 -16.43 29.73 17.06
N THR B 349 -15.91 28.88 16.18
CA THR B 349 -15.65 29.33 14.80
C THR B 349 -16.76 28.97 13.82
N LEU B 350 -17.68 28.10 14.26
CA LEU B 350 -18.77 27.65 13.39
C LEU B 350 -18.09 26.93 12.24
N PRO B 351 -17.37 25.84 12.54
CA PRO B 351 -16.65 25.04 11.54
C PRO B 351 -17.60 24.51 10.49
N MET B 352 -17.13 24.42 9.25
CA MET B 352 -17.96 23.96 8.16
C MET B 352 -17.66 22.58 7.61
N VAL B 353 -16.80 21.85 8.30
CA VAL B 353 -16.45 20.50 7.93
C VAL B 353 -16.89 19.66 9.12
N TRP B 354 -18.00 18.94 8.95
CA TRP B 354 -18.56 18.11 10.02
C TRP B 354 -18.22 16.64 9.87
N TYR B 355 -18.43 15.90 10.96
CA TYR B 355 -18.09 14.48 11.03
C TYR B 355 -19.19 13.57 11.57
N VAL B 356 -19.26 12.36 11.00
CA VAL B 356 -20.19 11.32 11.46
C VAL B 356 -19.31 10.46 12.36
N PRO B 357 -19.63 10.34 13.66
CA PRO B 357 -18.79 9.51 14.52
C PRO B 357 -18.69 8.06 14.07
N PRO B 358 -17.59 7.39 14.41
CA PRO B 358 -17.35 6.00 14.04
C PRO B 358 -17.93 4.95 14.96
N LEU B 359 -18.28 3.81 14.41
CA LEU B 359 -18.77 2.69 15.20
C LEU B 359 -17.50 1.92 15.51
N SER B 360 -17.59 0.90 16.36
CA SER B 360 -16.42 0.13 16.68
C SER B 360 -16.83 -1.25 17.19
N PRO B 361 -15.87 -2.17 17.34
CA PRO B 361 -16.21 -3.51 17.84
C PRO B 361 -16.80 -3.38 19.25
N ILE B 362 -17.66 -4.32 19.64
CA ILE B 362 -18.23 -4.25 20.98
C ILE B 362 -17.08 -4.35 21.96
N GLN B 363 -17.29 -3.88 23.18
CA GLN B 363 -16.22 -3.94 24.17
C GLN B 363 -16.05 -5.37 24.67
N SER B 364 -15.06 -5.57 25.53
CA SER B 364 -14.78 -6.88 26.08
C SER B 364 -15.69 -7.14 27.28
N ALA B 365 -16.33 -8.31 27.30
CA ALA B 365 -17.22 -8.66 28.40
C ALA B 365 -16.86 -10.05 28.92
N ALA B 366 -17.34 -10.37 30.13
CA ALA B 366 -17.05 -11.66 30.76
C ALA B 366 -17.39 -12.85 29.87
N ASP B 367 -18.57 -12.85 29.26
CA ASP B 367 -18.98 -13.95 28.40
C ASP B 367 -19.08 -13.51 26.93
N ALA B 368 -19.55 -14.41 26.08
CA ALA B 368 -19.68 -14.13 24.65
C ALA B 368 -20.82 -13.16 24.33
N GLY B 369 -21.52 -12.72 25.38
CA GLY B 369 -22.61 -11.77 25.19
C GLY B 369 -23.98 -12.32 24.87
N GLU B 370 -24.95 -11.41 24.85
CA GLU B 370 -26.33 -11.75 24.56
C GLU B 370 -26.89 -10.91 23.41
N LEU B 371 -28.06 -11.31 22.94
CA LEU B 371 -28.75 -10.60 21.86
C LEU B 371 -29.39 -9.36 22.45
N GLY B 372 -28.88 -8.20 22.06
CA GLY B 372 -29.44 -6.96 22.56
C GLY B 372 -30.63 -6.51 21.73
N SER B 373 -31.00 -5.24 21.88
CA SER B 373 -32.12 -4.66 21.15
C SER B 373 -31.95 -4.75 19.64
N ASN B 374 -30.74 -5.02 19.18
CA ASN B 374 -30.52 -5.10 17.73
C ASN B 374 -30.12 -6.49 17.23
N GLY B 375 -30.39 -7.51 18.04
CA GLY B 375 -30.06 -8.86 17.65
C GLY B 375 -28.59 -9.20 17.77
N ILE B 376 -28.00 -9.69 16.68
CA ILE B 376 -26.60 -10.05 16.70
C ILE B 376 -25.73 -8.82 16.50
N LEU B 377 -26.31 -7.80 15.88
CA LEU B 377 -25.62 -6.53 15.65
C LEU B 377 -25.49 -5.88 17.03
N PRO B 378 -24.54 -4.95 17.18
CA PRO B 378 -24.33 -4.27 18.47
C PRO B 378 -25.38 -3.27 18.92
N ASP B 379 -25.38 -2.99 20.23
CA ASP B 379 -26.25 -1.99 20.82
C ASP B 379 -25.26 -0.87 21.12
N VAL B 380 -25.69 0.36 20.96
CA VAL B 380 -24.82 1.51 21.19
C VAL B 380 -24.06 1.44 22.53
N GLU B 381 -24.71 0.91 23.56
CA GLU B 381 -24.11 0.79 24.89
C GLU B 381 -22.86 -0.08 24.90
N SER B 382 -22.84 -1.11 24.05
CA SER B 382 -21.73 -2.05 23.98
C SER B 382 -20.53 -1.62 23.16
N LEU B 383 -20.58 -0.42 22.58
CA LEU B 383 -19.48 0.04 21.74
C LEU B 383 -18.23 0.31 22.57
N ARG B 384 -17.08 -0.14 22.06
CA ARG B 384 -15.81 0.02 22.77
C ARG B 384 -15.18 1.42 22.80
N ILE B 385 -15.44 2.25 21.80
CA ILE B 385 -14.87 3.59 21.85
C ILE B 385 -15.68 4.38 22.87
N PRO B 386 -15.04 4.85 23.94
CA PRO B 386 -15.80 5.61 24.94
C PRO B 386 -16.46 6.80 24.28
N VAL B 387 -17.77 6.87 24.42
CA VAL B 387 -18.58 7.93 23.84
C VAL B 387 -18.19 9.31 24.39
N GLN B 388 -17.74 9.38 25.64
CA GLN B 388 -17.35 10.68 26.19
C GLN B 388 -16.18 11.24 25.40
N TYR B 389 -15.34 10.35 24.89
CA TYR B 389 -14.18 10.73 24.11
C TYR B 389 -14.68 11.40 22.83
N LEU B 390 -15.61 10.74 22.15
CA LEU B 390 -16.16 11.29 20.93
C LEU B 390 -16.83 12.64 21.18
N ALA B 391 -17.49 12.78 22.32
CA ALA B 391 -18.16 14.03 22.64
C ALA B 391 -17.18 15.17 22.93
N ASN B 392 -16.04 14.89 23.55
CA ASN B 392 -15.07 15.96 23.80
C ASN B 392 -14.52 16.48 22.48
N LEU B 393 -14.65 15.65 21.45
CA LEU B 393 -14.16 15.93 20.12
C LEU B 393 -15.19 16.58 19.19
N LEU B 394 -16.42 16.09 19.24
CA LEU B 394 -17.49 16.60 18.38
C LEU B 394 -18.53 17.52 18.98
N THR B 395 -18.80 17.39 20.26
CA THR B 395 -19.85 18.21 20.86
C THR B 395 -19.55 18.97 22.15
N ALA B 396 -18.34 19.49 22.29
CA ALA B 396 -17.99 20.24 23.49
C ALA B 396 -18.24 19.48 24.80
N GLY B 397 -18.25 18.14 24.74
CA GLY B 397 -18.45 17.36 25.94
C GLY B 397 -19.84 16.79 26.20
N ASP B 398 -20.79 17.03 25.30
CA ASP B 398 -22.16 16.52 25.48
C ASP B 398 -22.37 15.22 24.71
N THR B 399 -22.58 14.14 25.43
CA THR B 399 -22.77 12.82 24.84
C THR B 399 -24.09 12.55 24.13
N LYS B 400 -25.07 13.44 24.30
CA LYS B 400 -26.40 13.28 23.70
C LYS B 400 -26.44 13.22 22.16
N PRO B 401 -25.90 14.24 21.48
CA PRO B 401 -25.93 14.19 20.01
C PRO B 401 -25.09 13.06 19.40
N VAL B 402 -23.99 12.70 20.05
CA VAL B 402 -23.12 11.64 19.57
C VAL B 402 -23.83 10.29 19.65
N LEU B 403 -24.51 10.06 20.77
CA LEU B 403 -25.22 8.82 20.98
C LEU B 403 -26.37 8.69 20.01
N ARG B 404 -27.05 9.81 19.75
CA ARG B 404 -28.16 9.80 18.81
C ARG B 404 -27.66 9.39 17.42
N ALA B 405 -26.51 9.91 17.04
CA ALA B 405 -25.91 9.58 15.75
C ALA B 405 -25.57 8.09 15.71
N LEU B 406 -24.82 7.63 16.71
CA LEU B 406 -24.41 6.25 16.76
C LEU B 406 -25.62 5.32 16.77
N LYS B 407 -26.61 5.63 17.59
CA LYS B 407 -27.79 4.79 17.71
C LYS B 407 -28.58 4.70 16.40
N ARG B 408 -28.65 5.78 15.64
CA ARG B 408 -29.39 5.73 14.39
C ARG B 408 -28.64 4.89 13.37
N MET B 409 -27.32 5.08 13.32
CA MET B 409 -26.48 4.31 12.40
C MET B 409 -26.80 2.85 12.67
N LEU B 410 -26.72 2.48 13.94
CA LEU B 410 -27.01 1.12 14.36
C LEU B 410 -28.45 0.76 14.04
N ALA B 411 -29.35 1.73 14.22
CA ALA B 411 -30.76 1.52 13.94
C ALA B 411 -30.90 1.05 12.50
N MET B 412 -30.36 1.84 11.57
CA MET B 412 -30.43 1.50 10.15
C MET B 412 -29.95 0.08 9.87
N ARG B 413 -28.77 -0.27 10.40
CA ARG B 413 -28.20 -1.60 10.21
C ARG B 413 -29.20 -2.70 10.55
N HIS B 414 -29.84 -2.56 11.71
CA HIS B 414 -30.84 -3.53 12.17
C HIS B 414 -32.02 -3.64 11.20
N TYR B 415 -32.51 -2.50 10.74
CA TYR B 415 -33.63 -2.47 9.79
C TYR B 415 -33.23 -3.14 8.48
N LYS B 416 -32.03 -2.80 8.01
CA LYS B 416 -31.54 -3.37 6.76
C LYS B 416 -31.27 -4.87 6.83
N ARG B 417 -30.92 -5.37 8.02
CA ARG B 417 -30.64 -6.80 8.15
C ARG B 417 -31.92 -7.61 8.09
N ALA B 418 -32.96 -7.09 8.72
CA ALA B 418 -34.26 -7.76 8.73
C ALA B 418 -34.72 -7.90 7.29
N GLU B 419 -34.62 -6.80 6.55
CA GLU B 419 -35.05 -6.78 5.16
C GLU B 419 -34.25 -7.68 4.22
N THR B 420 -32.93 -7.72 4.36
CA THR B 420 -32.13 -8.50 3.44
C THR B 420 -31.76 -9.92 3.86
N VAL B 421 -31.99 -10.27 5.12
CA VAL B 421 -31.66 -11.61 5.60
C VAL B 421 -32.91 -12.38 6.01
N ASP B 422 -33.76 -11.74 6.81
CA ASP B 422 -34.99 -12.36 7.28
C ASP B 422 -36.11 -12.13 6.27
N GLY B 423 -35.91 -11.15 5.39
CA GLY B 423 -36.92 -10.84 4.39
C GLY B 423 -38.16 -10.25 5.05
N LYS B 424 -37.97 -9.57 6.18
CA LYS B 424 -39.09 -8.98 6.88
C LYS B 424 -38.93 -7.49 7.14
N VAL B 425 -40.03 -6.85 7.51
CA VAL B 425 -40.02 -5.43 7.80
C VAL B 425 -40.06 -5.26 9.32
N ASP B 426 -38.95 -4.82 9.88
CA ASP B 426 -38.88 -4.60 11.33
C ASP B 426 -38.39 -3.20 11.61
N THR B 427 -39.30 -2.34 12.05
CA THR B 427 -38.97 -0.95 12.32
C THR B 427 -38.83 -0.66 13.80
N ARG B 428 -38.76 -1.70 14.62
CA ARG B 428 -38.64 -1.52 16.04
C ARG B 428 -37.45 -0.65 16.45
N ALA B 429 -36.32 -0.82 15.77
CA ALA B 429 -35.14 -0.03 16.10
C ALA B 429 -35.23 1.42 15.59
N LEU B 430 -35.97 1.63 14.51
CA LEU B 430 -36.12 2.96 13.95
C LEU B 430 -37.02 3.86 14.79
N GLU B 431 -38.06 3.26 15.36
CA GLU B 431 -39.00 3.99 16.20
C GLU B 431 -38.31 4.44 17.46
N GLU B 432 -37.45 3.57 17.99
CA GLU B 432 -36.71 3.85 19.20
C GLU B 432 -35.79 5.07 19.04
N VAL B 433 -35.31 5.31 17.82
CA VAL B 433 -34.42 6.45 17.58
C VAL B 433 -35.10 7.62 16.86
N GLY B 434 -36.35 7.43 16.46
CA GLY B 434 -37.06 8.51 15.79
C GLY B 434 -36.87 8.67 14.28
N LEU B 435 -36.60 7.56 13.59
CA LEU B 435 -36.43 7.60 12.14
C LEU B 435 -37.60 6.86 11.49
N THR B 436 -37.78 7.03 10.20
CA THR B 436 -38.85 6.35 9.47
C THR B 436 -38.22 5.38 8.49
N GLU B 437 -39.05 4.59 7.82
CA GLU B 437 -38.53 3.67 6.83
C GLU B 437 -37.95 4.49 5.70
N ALA B 438 -38.63 5.56 5.33
CA ALA B 438 -38.16 6.41 4.26
C ALA B 438 -36.78 7.02 4.54
N GLN B 439 -36.63 7.66 5.70
CA GLN B 439 -35.36 8.27 6.06
C GLN B 439 -34.23 7.24 6.15
N ALA B 440 -34.59 6.01 6.51
CA ALA B 440 -33.60 4.95 6.65
C ALA B 440 -33.09 4.48 5.29
N GLN B 441 -34.01 4.23 4.37
CA GLN B 441 -33.61 3.78 3.04
C GLN B 441 -32.80 4.85 2.35
N GLU B 442 -33.04 6.12 2.68
CA GLU B 442 -32.27 7.20 2.08
C GLU B 442 -30.89 7.22 2.71
N MET B 443 -30.84 7.11 4.03
CA MET B 443 -29.59 7.07 4.75
C MET B 443 -28.75 5.97 4.10
N TYR B 444 -29.39 4.83 3.84
CA TYR B 444 -28.75 3.68 3.23
C TYR B 444 -28.21 4.00 1.85
N ARG B 445 -29.03 4.68 1.06
CA ARG B 445 -28.65 5.07 -0.28
C ARG B 445 -27.36 5.89 -0.25
N TYR B 446 -27.38 6.98 0.50
CA TYR B 446 -26.23 7.87 0.60
C TYR B 446 -24.99 7.32 1.32
N LEU B 447 -25.20 6.54 2.39
CA LEU B 447 -24.08 5.98 3.14
C LEU B 447 -23.56 4.64 2.63
N ALA B 448 -24.48 3.76 2.24
CA ALA B 448 -24.09 2.43 1.77
C ALA B 448 -23.73 2.40 0.28
N ILE B 449 -24.69 2.70 -0.58
CA ILE B 449 -24.41 2.68 -2.01
C ILE B 449 -23.47 3.81 -2.40
N ALA B 450 -23.77 5.02 -1.92
CA ALA B 450 -22.95 6.22 -2.17
C ALA B 450 -22.44 6.47 -3.59
N ASN B 451 -23.36 6.50 -4.55
CA ASN B 451 -23.01 6.75 -5.93
C ASN B 451 -22.30 8.09 -5.99
N TYR B 452 -21.35 8.22 -6.93
CA TYR B 452 -20.57 9.44 -7.11
C TYR B 452 -21.45 10.66 -7.14
N GLU B 453 -22.49 10.61 -7.97
CA GLU B 453 -23.43 11.71 -8.13
C GLU B 453 -24.19 12.06 -6.86
N ASP B 454 -24.10 11.22 -5.84
CA ASP B 454 -24.77 11.51 -4.58
C ASP B 454 -23.79 12.08 -3.55
N ARG B 455 -22.56 11.57 -3.54
CA ARG B 455 -21.58 12.07 -2.57
C ARG B 455 -21.15 13.48 -2.92
N PHE B 456 -21.13 13.78 -4.22
CA PHE B 456 -20.72 15.11 -4.68
C PHE B 456 -21.82 15.87 -5.43
N VAL B 457 -22.22 17.01 -4.86
CA VAL B 457 -23.23 17.85 -5.46
C VAL B 457 -22.67 19.28 -5.38
N VAL B 458 -21.70 19.57 -6.23
CA VAL B 458 -21.03 20.86 -6.24
C VAL B 458 -21.43 21.71 -7.42
N PRO B 459 -21.96 22.92 -7.14
CA PRO B 459 -22.38 23.84 -8.20
C PRO B 459 -21.22 24.72 -8.63
N SER B 460 -21.39 25.34 -9.80
CA SER B 460 -20.37 26.23 -10.34
C SER B 460 -20.30 27.50 -9.50
N SER B 461 -19.13 28.13 -9.45
CA SER B 461 -19.00 29.38 -8.70
C SER B 461 -19.47 30.54 -9.57
N HIS B 462 -19.73 30.24 -10.84
CA HIS B 462 -20.21 31.23 -11.79
C HIS B 462 -19.25 32.39 -11.94
N ARG B 463 -18.03 32.06 -12.34
CA ARG B 463 -17.00 33.06 -12.52
C ARG B 463 -17.35 34.08 -13.61
N GLU B 464 -18.55 33.99 -14.17
CA GLU B 464 -18.96 34.92 -15.21
C GLU B 464 -19.78 36.10 -14.68
N LEU B 465 -20.38 35.99 -13.49
CA LEU B 465 -21.19 37.07 -12.94
C LEU B 465 -20.35 38.20 -12.33
N ALA B 466 -20.77 39.44 -12.57
CA ALA B 466 -20.08 40.62 -12.04
C ALA B 466 -18.65 40.77 -12.55
N ARG B 467 -18.32 40.03 -13.60
CA ARG B 467 -16.98 40.07 -14.20
C ARG B 467 -17.14 40.07 -15.71
N GLU B 468 -16.03 40.02 -16.45
CA GLU B 468 -16.10 40.00 -17.91
C GLU B 468 -15.48 38.75 -18.50
N ALA B 469 -16.27 37.69 -18.51
CA ALA B 469 -15.86 36.39 -19.00
C ALA B 469 -15.23 36.35 -20.40
N PHE B 470 -15.90 36.95 -21.38
CA PHE B 470 -15.41 36.93 -22.76
C PHE B 470 -13.93 37.28 -22.94
N PRO B 471 -13.49 38.50 -22.56
CA PRO B 471 -12.08 38.83 -22.73
C PRO B 471 -11.15 37.93 -21.92
N GLU B 472 -11.65 37.37 -20.82
CA GLU B 472 -10.86 36.46 -20.00
C GLU B 472 -10.65 35.15 -20.76
N LYS B 473 -11.73 34.59 -21.29
CA LYS B 473 -11.65 33.34 -22.06
C LYS B 473 -10.55 33.47 -23.12
N ASN B 474 -10.58 34.58 -23.85
CA ASN B 474 -9.62 34.82 -24.93
C ASN B 474 -8.18 35.15 -24.57
N GLY B 475 -7.94 35.76 -23.41
CA GLY B 475 -6.57 36.12 -23.09
C GLY B 475 -5.95 35.67 -21.79
N CYS B 476 -6.55 34.70 -21.11
CA CYS B 476 -5.99 34.25 -19.85
C CYS B 476 -4.97 33.14 -20.09
N GLY B 477 -3.93 33.12 -19.26
CA GLY B 477 -2.90 32.10 -19.42
C GLY B 477 -1.63 32.64 -20.05
N PHE B 478 -1.78 33.60 -20.95
CA PHE B 478 -0.59 34.20 -21.59
C PHE B 478 0.11 35.03 -20.52
N THR B 479 1.04 34.41 -19.80
CA THR B 479 1.73 35.10 -18.73
C THR B 479 3.08 35.69 -19.12
N PHE B 480 3.05 36.63 -20.05
CA PHE B 480 4.27 37.27 -20.51
C PHE B 480 4.71 38.35 -19.53
N GLY B 481 3.87 38.64 -18.55
CA GLY B 481 4.18 39.65 -17.55
C GLY B 481 3.79 41.06 -17.95
N ASP B 482 2.49 41.31 -18.11
CA ASP B 482 2.04 42.66 -18.50
C ASP B 482 2.07 43.65 -17.32
N GLY B 483 2.29 43.13 -16.12
CA GLY B 483 2.35 43.97 -14.93
C GLY B 483 1.10 44.76 -14.59
N CYS B 484 -0.05 44.31 -15.09
CA CYS B 484 -1.30 45.01 -14.82
C CYS B 484 -2.36 44.19 -14.10
N HIS B 485 -2.07 42.95 -13.75
CA HIS B 485 -3.03 42.15 -13.02
C HIS B 485 -2.91 42.58 -11.55
N GLY B 486 -3.98 42.45 -10.78
CA GLY B 486 -3.90 42.80 -9.37
C GLY B 486 -4.38 44.16 -8.92
N SER B 487 -4.72 45.04 -9.86
CA SER B 487 -5.21 46.37 -9.51
C SER B 487 -6.37 46.74 -10.42
N ASP B 488 -7.20 47.67 -9.98
CA ASP B 488 -8.34 48.09 -10.76
C ASP B 488 -8.10 49.41 -11.47
N THR B 489 -7.00 50.08 -11.11
CA THR B 489 -6.64 51.33 -11.76
C THR B 489 -5.81 50.88 -12.96
N LYS B 490 -6.09 51.42 -14.15
CA LYS B 490 -5.35 51.01 -15.34
C LYS B 490 -3.96 51.62 -15.42
N PHE B 491 -3.74 52.74 -14.72
CA PHE B 491 -2.44 53.38 -14.75
C PHE B 491 -1.36 52.51 -14.11
N ASN B 492 -0.21 52.40 -14.78
CA ASN B 492 0.91 51.62 -14.26
C ASN B 492 2.22 52.24 -14.73
N LEU B 493 3.24 52.19 -13.88
CA LEU B 493 4.52 52.80 -14.21
C LEU B 493 5.28 52.26 -15.42
N PHE B 494 4.98 51.03 -15.83
CA PHE B 494 5.69 50.45 -16.96
C PHE B 494 5.05 50.70 -18.32
N ASN B 495 4.09 51.61 -18.38
CA ASN B 495 3.44 51.96 -19.64
C ASN B 495 3.03 50.69 -20.36
N SER B 496 2.06 49.98 -19.80
CA SER B 496 1.63 48.72 -20.38
C SER B 496 0.12 48.50 -20.20
N ARG B 497 -0.39 47.40 -20.74
CA ARG B 497 -1.81 47.09 -20.65
C ARG B 497 -2.09 45.61 -20.43
N ARG B 498 -3.27 45.30 -19.90
CA ARG B 498 -3.67 43.92 -19.64
C ARG B 498 -3.85 43.17 -20.95
N ILE B 499 -3.29 41.97 -21.02
CA ILE B 499 -3.40 41.14 -22.20
C ILE B 499 -4.83 40.62 -22.37
N ASP B 500 -5.43 40.20 -21.26
CA ASP B 500 -6.79 39.66 -21.26
C ASP B 500 -7.85 40.76 -21.15
N ALA B 501 -7.61 41.89 -21.81
CA ALA B 501 -8.56 42.99 -21.75
C ALA B 501 -8.67 43.74 -23.06
N ILE B 502 -9.74 44.53 -23.19
CA ILE B 502 -9.98 45.32 -24.39
C ILE B 502 -9.70 46.78 -24.02
N ASP B 503 -8.73 47.41 -24.66
CA ASP B 503 -8.43 48.79 -24.34
C ASP B 503 -9.01 49.79 -25.34
N VAL B 504 -9.37 49.28 -26.50
CA VAL B 504 -9.99 50.13 -27.52
C VAL B 504 -11.49 50.04 -27.25
N THR B 505 -12.03 51.07 -26.60
CA THR B 505 -13.44 51.11 -26.27
C THR B 505 -14.34 51.36 -27.48
N SER B 506 -15.55 50.84 -27.40
CA SER B 506 -16.54 50.99 -28.46
C SER B 506 -17.00 52.42 -28.48
N LYS B 507 -17.10 53.00 -29.67
CA LYS B 507 -17.55 54.38 -29.80
C LYS B 507 -19.02 54.38 -30.18
N THR B 508 -19.55 53.19 -30.45
CA THR B 508 -20.94 53.04 -30.82
C THR B 508 -21.76 52.71 -29.58
N GLU B 509 -21.28 53.23 -28.44
CA GLU B 509 -21.90 53.04 -27.13
C GLU B 509 -21.60 51.66 -26.56
N FME C 1 38.08 66.96 0.49
CN FME C 1 38.07 66.07 -0.48
O1 FME C 1 38.22 66.42 -1.66
CA FME C 1 37.26 67.00 1.66
CB FME C 1 37.97 67.37 2.90
CG FME C 1 37.76 66.24 4.01
SD FME C 1 39.16 65.09 3.97
CE FME C 1 39.25 64.59 5.68
C FME C 1 36.06 67.93 1.41
O FME C 1 34.99 67.67 1.90
N GLN C 2 36.28 69.02 0.65
CA GLN C 2 35.21 69.95 0.35
C GLN C 2 34.33 69.33 -0.74
N PHE C 3 34.96 68.58 -1.63
CA PHE C 3 34.24 67.91 -2.70
C PHE C 3 33.42 66.80 -2.04
N LEU C 4 34.09 65.99 -1.22
CA LEU C 4 33.43 64.90 -0.51
C LEU C 4 32.46 65.41 0.54
N ASN C 5 32.47 66.71 0.76
CA ASN C 5 31.57 67.29 1.75
C ASN C 5 30.23 67.66 1.12
N MET C 6 30.29 68.35 -0.02
CA MET C 6 29.09 68.76 -0.73
C MET C 6 28.43 67.52 -1.33
N PHE C 7 29.24 66.50 -1.58
CA PHE C 7 28.71 65.27 -2.14
C PHE C 7 27.81 64.60 -1.13
N PHE C 8 28.43 63.97 -0.14
CA PHE C 8 27.70 63.25 0.90
C PHE C 8 26.59 64.01 1.60
N PHE C 9 26.68 65.34 1.66
CA PHE C 9 25.67 66.09 2.39
C PHE C 9 24.82 67.07 1.61
N ASP C 10 25.00 67.12 0.30
CA ASP C 10 24.21 68.02 -0.53
C ASP C 10 23.69 67.29 -1.76
N ILE C 11 24.27 66.13 -2.04
CA ILE C 11 23.88 65.34 -3.21
C ILE C 11 23.42 63.93 -2.87
N TYR C 12 24.27 63.18 -2.18
CA TYR C 12 23.94 61.82 -1.79
C TYR C 12 22.56 61.67 -1.14
N PRO C 13 22.18 62.60 -0.24
CA PRO C 13 20.86 62.50 0.41
C PRO C 13 19.67 62.58 -0.53
N TYR C 14 19.88 63.03 -1.76
CA TYR C 14 18.77 63.12 -2.70
C TYR C 14 18.75 61.90 -3.58
N ILE C 15 19.91 61.28 -3.74
CA ILE C 15 20.01 60.07 -4.53
C ILE C 15 19.31 58.99 -3.71
N ALA C 16 19.78 58.79 -2.48
CA ALA C 16 19.19 57.79 -1.60
C ALA C 16 17.71 58.05 -1.39
N GLY C 17 17.32 59.32 -1.36
CA GLY C 17 15.92 59.66 -1.16
C GLY C 17 15.04 59.36 -2.37
N ALA C 18 15.61 59.42 -3.56
CA ALA C 18 14.84 59.15 -4.76
C ALA C 18 14.73 57.63 -4.90
N VAL C 19 15.86 56.96 -4.73
CA VAL C 19 15.92 55.51 -4.81
C VAL C 19 15.01 54.89 -3.75
N PHE C 20 14.84 55.57 -2.63
CA PHE C 20 14.01 55.07 -1.53
C PHE C 20 12.53 55.13 -1.88
N LEU C 21 12.08 56.25 -2.43
CA LEU C 21 10.68 56.37 -2.80
C LEU C 21 10.35 55.53 -4.03
N ILE C 22 10.91 55.90 -5.17
CA ILE C 22 10.63 55.17 -6.39
C ILE C 22 10.92 53.68 -6.25
N GLY C 23 11.89 53.34 -5.40
CA GLY C 23 12.24 51.95 -5.19
C GLY C 23 11.11 51.21 -4.47
N SER C 24 10.59 51.83 -3.42
CA SER C 24 9.50 51.27 -2.65
C SER C 24 8.27 51.13 -3.56
N TRP C 25 7.92 52.22 -4.23
CA TRP C 25 6.78 52.26 -5.13
C TRP C 25 6.82 51.13 -6.16
N LEU C 26 7.97 50.92 -6.77
CA LEU C 26 8.12 49.89 -7.80
C LEU C 26 8.05 48.46 -7.28
N ARG C 27 8.58 48.23 -6.09
CA ARG C 27 8.56 46.90 -5.52
C ARG C 27 7.17 46.62 -4.97
N TYR C 28 6.44 47.67 -4.65
CA TYR C 28 5.11 47.47 -4.11
C TYR C 28 4.18 47.09 -5.25
N ASP C 29 4.38 47.72 -6.41
CA ASP C 29 3.55 47.45 -7.56
C ASP C 29 3.92 46.17 -8.31
N TYR C 30 5.20 45.86 -8.37
CA TYR C 30 5.66 44.67 -9.10
C TYR C 30 6.28 43.59 -8.22
N GLY C 31 6.15 43.71 -6.90
CA GLY C 31 6.74 42.73 -6.01
C GLY C 31 5.92 42.36 -4.78
N GLN C 32 4.60 42.41 -4.90
CA GLN C 32 3.73 42.05 -3.78
C GLN C 32 4.19 40.77 -3.07
N TYR C 33 4.44 39.71 -3.83
CA TYR C 33 4.86 38.45 -3.24
C TYR C 33 6.15 38.56 -2.43
N THR C 34 6.99 39.54 -2.75
CA THR C 34 8.26 39.72 -2.03
C THR C 34 8.14 40.71 -0.89
N TRP C 35 6.95 41.26 -0.70
CA TRP C 35 6.74 42.25 0.35
C TRP C 35 6.21 41.68 1.65
N ARG C 36 7.12 41.21 2.50
CA ARG C 36 6.76 40.64 3.79
C ARG C 36 7.90 40.83 4.80
N ALA C 37 7.59 40.63 6.08
CA ALA C 37 8.56 40.78 7.16
C ALA C 37 9.61 39.67 7.19
N ALA C 38 9.32 38.55 6.53
CA ALA C 38 10.23 37.43 6.48
C ALA C 38 10.55 36.86 7.86
N SER C 39 9.54 36.39 8.58
CA SER C 39 9.78 35.84 9.90
C SER C 39 10.71 34.64 9.81
N SER C 40 11.44 34.38 10.89
CA SER C 40 12.39 33.26 10.95
C SER C 40 12.21 32.57 12.29
N GLN C 41 11.25 33.06 13.06
CA GLN C 41 10.95 32.55 14.39
C GLN C 41 10.62 31.05 14.41
N MET C 42 9.76 30.60 13.50
CA MET C 42 9.40 29.17 13.47
C MET C 42 10.62 28.25 13.37
N LEU C 43 11.56 28.61 12.53
CA LEU C 43 12.75 27.78 12.35
C LEU C 43 13.63 27.72 13.60
N ASP C 44 13.53 28.73 14.45
CA ASP C 44 14.30 28.79 15.70
C ASP C 44 13.71 29.77 16.71
N ARG C 45 12.81 29.28 17.57
CA ARG C 45 12.14 30.11 18.58
C ARG C 45 13.05 30.62 19.68
N LYS C 46 14.04 29.81 20.05
CA LYS C 46 14.98 30.15 21.11
C LYS C 46 15.51 31.58 21.07
N GLY C 47 15.40 32.26 22.22
CA GLY C 47 15.86 33.63 22.37
C GLY C 47 15.25 34.70 21.49
N MET C 48 14.20 34.38 20.74
CA MET C 48 13.57 35.37 19.87
C MET C 48 12.68 36.39 20.56
N ASN C 49 11.96 35.97 21.60
CA ASN C 49 11.08 36.88 22.32
C ASN C 49 11.86 38.05 22.88
N LEU C 50 12.90 37.74 23.63
CA LEU C 50 13.73 38.76 24.23
C LEU C 50 14.39 39.61 23.13
N ALA C 51 15.22 38.97 22.32
CA ALA C 51 15.94 39.66 21.25
C ALA C 51 15.11 40.59 20.34
N SER C 52 14.06 40.07 19.72
CA SER C 52 13.28 40.89 18.81
C SER C 52 12.54 42.05 19.50
N ASN C 53 12.09 41.83 20.72
CA ASN C 53 11.38 42.87 21.45
C ASN C 53 12.36 43.95 21.88
N LEU C 54 13.54 43.54 22.31
CA LEU C 54 14.56 44.50 22.69
C LEU C 54 14.85 45.34 21.46
N PHE C 55 15.29 44.68 20.40
CA PHE C 55 15.63 45.37 19.16
C PHE C 55 14.55 46.32 18.67
N HIS C 56 13.34 45.80 18.45
CA HIS C 56 12.26 46.63 17.93
C HIS C 56 11.80 47.76 18.85
N ILE C 57 11.60 47.45 20.13
CA ILE C 57 11.17 48.47 21.07
C ILE C 57 12.20 49.59 21.18
N GLY C 58 13.48 49.24 21.07
CA GLY C 58 14.52 50.25 21.13
C GLY C 58 14.59 51.07 19.85
N ILE C 59 14.71 50.37 18.72
CA ILE C 59 14.78 51.02 17.41
C ILE C 59 13.58 51.96 17.19
N LEU C 60 12.46 51.63 17.80
CA LEU C 60 11.26 52.45 17.65
C LEU C 60 11.39 53.72 18.49
N GLY C 61 12.04 53.62 19.64
CA GLY C 61 12.24 54.79 20.49
C GLY C 61 13.03 55.81 19.69
N ILE C 62 14.14 55.33 19.11
CA ILE C 62 15.01 56.15 18.30
C ILE C 62 14.28 56.80 17.11
N PHE C 63 13.42 56.04 16.45
CA PHE C 63 12.69 56.56 15.30
C PHE C 63 11.78 57.72 15.64
N VAL C 64 11.00 57.58 16.71
CA VAL C 64 10.11 58.66 17.13
C VAL C 64 10.98 59.87 17.43
N GLY C 65 12.04 59.64 18.21
CA GLY C 65 12.96 60.72 18.57
C GLY C 65 13.62 61.38 17.37
N HIS C 66 14.19 60.58 16.47
CA HIS C 66 14.82 61.12 15.27
C HIS C 66 13.79 61.87 14.44
N PHE C 67 12.63 61.24 14.23
CA PHE C 67 11.58 61.85 13.44
C PHE C 67 11.12 63.20 13.97
N PHE C 68 10.53 63.22 15.17
CA PHE C 68 10.06 64.46 15.77
C PHE C 68 11.21 65.39 16.13
N GLY C 69 12.39 64.82 16.35
CA GLY C 69 13.56 65.61 16.71
C GLY C 69 14.16 66.46 15.60
N MET C 70 14.25 65.92 14.40
CA MET C 70 14.83 66.67 13.29
C MET C 70 13.85 67.11 12.22
N LEU C 71 12.57 66.86 12.41
CA LEU C 71 11.59 67.28 11.40
C LEU C 71 10.58 68.26 11.95
N THR C 72 10.68 68.54 13.24
CA THR C 72 9.77 69.47 13.88
C THR C 72 10.49 70.82 13.97
N LEU C 81 9.71 74.31 25.01
CA LEU C 81 10.78 73.26 24.93
C LEU C 81 12.00 73.74 24.13
N PRO C 82 13.07 74.15 24.84
CA PRO C 82 14.31 74.65 24.23
C PRO C 82 15.34 73.58 23.87
N ILE C 83 16.25 73.97 23.00
CA ILE C 83 17.31 73.11 22.49
C ILE C 83 18.09 72.25 23.49
N GLU C 84 18.69 72.87 24.51
CA GLU C 84 19.47 72.11 25.49
C GLU C 84 18.67 71.02 26.19
N VAL C 85 17.36 71.24 26.28
CA VAL C 85 16.44 70.28 26.91
C VAL C 85 16.34 69.05 26.00
N ALA C 86 15.93 69.28 24.76
CA ALA C 86 15.79 68.22 23.77
C ALA C 86 17.05 67.35 23.76
N GLN C 87 18.22 67.99 23.76
CA GLN C 87 19.46 67.24 23.75
C GLN C 87 19.62 66.34 24.97
N LYS C 88 19.18 66.78 26.13
CA LYS C 88 19.28 65.96 27.32
C LYS C 88 18.40 64.71 27.16
N MET C 89 17.27 64.87 26.46
CA MET C 89 16.36 63.74 26.24
C MET C 89 16.97 62.74 25.28
N ALA C 90 17.48 63.24 24.15
CA ALA C 90 18.11 62.39 23.15
C ALA C 90 19.18 61.49 23.77
N MET C 91 20.04 62.07 24.60
CA MET C 91 21.13 61.35 25.24
C MET C 91 20.70 60.34 26.31
N PHE C 92 19.65 60.68 27.07
CA PHE C 92 19.16 59.78 28.12
C PHE C 92 18.01 58.91 27.59
N ALA C 93 17.01 59.54 26.99
CA ALA C 93 15.89 58.79 26.42
C ALA C 93 16.39 57.90 25.29
N GLY C 94 16.80 58.52 24.19
CA GLY C 94 17.31 57.78 23.04
C GLY C 94 18.55 56.95 23.34
N GLY C 95 19.34 57.38 24.32
CA GLY C 95 20.53 56.63 24.68
C GLY C 95 20.15 55.27 25.22
N ALA C 96 19.05 55.22 25.97
CA ALA C 96 18.57 53.96 26.54
C ALA C 96 18.02 53.05 25.45
N SER C 97 17.17 53.62 24.58
CA SER C 97 16.60 52.86 23.48
C SER C 97 17.75 52.27 22.66
N GLY C 98 18.80 53.06 22.48
CA GLY C 98 19.95 52.61 21.71
C GLY C 98 20.65 51.42 22.33
N VAL C 99 20.71 51.40 23.66
CA VAL C 99 21.37 50.30 24.36
C VAL C 99 20.57 49.02 24.18
N LEU C 100 19.25 49.15 24.15
CA LEU C 100 18.34 48.02 23.98
C LEU C 100 18.41 47.51 22.55
N CYS C 101 18.28 48.43 21.60
CA CYS C 101 18.36 48.09 20.19
C CYS C 101 19.69 47.41 19.89
N LEU C 102 20.78 48.02 20.36
CA LEU C 102 22.10 47.46 20.12
C LEU C 102 22.24 46.06 20.67
N ILE C 103 21.67 45.80 21.84
CA ILE C 103 21.74 44.48 22.47
C ILE C 103 20.88 43.48 21.70
N GLY C 104 19.64 43.86 21.40
CA GLY C 104 18.76 42.99 20.65
C GLY C 104 19.38 42.72 19.30
N GLY C 105 19.82 43.80 18.64
CA GLY C 105 20.45 43.67 17.36
C GLY C 105 21.60 42.69 17.39
N VAL C 106 22.51 42.86 18.33
CA VAL C 106 23.64 41.96 18.44
C VAL C 106 23.15 40.53 18.65
N LEU C 107 22.15 40.34 19.50
CA LEU C 107 21.62 39.02 19.75
C LEU C 107 21.01 38.41 18.48
N LEU C 108 20.25 39.22 17.73
CA LEU C 108 19.66 38.75 16.48
C LEU C 108 20.72 38.40 15.44
N LEU C 109 21.81 39.14 15.43
CA LEU C 109 22.89 38.92 14.48
C LEU C 109 23.67 37.66 14.81
N LYS C 110 23.80 37.38 16.10
CA LYS C 110 24.52 36.20 16.56
C LYS C 110 23.69 34.99 16.11
N ARG C 111 22.38 35.13 16.23
CA ARG C 111 21.43 34.08 15.85
C ARG C 111 21.45 33.77 14.37
N ARG C 112 21.32 34.82 13.56
CA ARG C 112 21.30 34.73 12.11
C ARG C 112 22.57 34.16 11.50
N LEU C 113 23.66 34.30 12.23
CA LEU C 113 24.92 33.84 11.69
C LEU C 113 25.36 32.47 12.18
N PHE C 114 25.06 32.16 13.42
CA PHE C 114 25.51 30.89 13.99
C PHE C 114 24.42 29.90 14.31
N SER C 115 23.16 30.31 14.19
CA SER C 115 22.09 29.35 14.45
C SER C 115 21.90 28.61 13.13
N PRO C 116 22.24 27.31 13.12
CA PRO C 116 22.14 26.44 11.93
C PRO C 116 21.02 26.73 10.95
N ARG C 117 19.78 26.58 11.41
CA ARG C 117 18.62 26.80 10.55
C ARG C 117 18.43 28.21 10.03
N VAL C 118 18.64 29.20 10.89
CA VAL C 118 18.47 30.58 10.45
C VAL C 118 19.52 30.95 9.42
N ARG C 119 20.75 30.53 9.66
CA ARG C 119 21.85 30.82 8.75
C ARG C 119 21.73 30.05 7.42
N ALA C 120 21.21 28.83 7.46
CA ALA C 120 21.07 28.03 6.24
C ALA C 120 19.97 28.54 5.32
N THR C 121 18.98 29.22 5.88
CA THR C 121 17.85 29.70 5.09
C THR C 121 17.84 31.18 4.87
N THR C 122 18.92 31.85 5.26
CA THR C 122 19.00 33.30 5.10
C THR C 122 19.49 33.75 3.72
N THR C 123 19.28 35.03 3.45
CA THR C 123 19.72 35.66 2.20
C THR C 123 20.79 36.65 2.64
N GLY C 124 21.63 37.11 1.72
CA GLY C 124 22.67 38.06 2.07
C GLY C 124 22.11 39.42 2.46
N ALA C 125 21.04 39.83 1.78
CA ALA C 125 20.43 41.12 2.05
C ALA C 125 20.02 41.22 3.51
N ASP C 126 19.74 40.08 4.15
CA ASP C 126 19.33 40.07 5.55
C ASP C 126 20.49 40.22 6.53
N ILE C 127 21.65 39.70 6.15
CA ILE C 127 22.84 39.80 6.99
C ILE C 127 23.38 41.20 6.81
N LEU C 128 23.41 41.66 5.56
CA LEU C 128 23.91 43.00 5.29
C LEU C 128 23.18 44.03 6.14
N ILE C 129 21.89 44.23 5.84
CA ILE C 129 21.06 45.20 6.54
C ILE C 129 21.08 45.11 8.06
N LEU C 130 21.05 43.90 8.61
CA LEU C 130 21.07 43.76 10.05
C LEU C 130 22.39 44.25 10.60
N SER C 131 23.47 43.88 9.92
CA SER C 131 24.80 44.28 10.33
C SER C 131 24.97 45.79 10.31
N LEU C 132 24.55 46.44 9.24
CA LEU C 132 24.66 47.90 9.13
C LEU C 132 23.92 48.58 10.27
N LEU C 133 22.69 48.14 10.54
CA LEU C 133 21.88 48.71 11.63
C LEU C 133 22.62 48.60 12.96
N VAL C 134 23.12 47.41 13.27
CA VAL C 134 23.87 47.20 14.50
C VAL C 134 25.03 48.20 14.58
N ILE C 135 25.69 48.41 13.44
CA ILE C 135 26.81 49.34 13.35
C ILE C 135 26.32 50.79 13.48
N GLN C 136 25.25 51.12 12.79
CA GLN C 136 24.70 52.46 12.84
C GLN C 136 24.22 52.78 14.27
N CYS C 137 23.87 51.73 15.02
CA CYS C 137 23.39 51.88 16.39
C CYS C 137 24.57 52.07 17.29
N ALA C 138 25.61 51.30 17.05
CA ALA C 138 26.82 51.44 17.85
C ALA C 138 27.43 52.81 17.53
N LEU C 139 27.49 53.17 16.24
CA LEU C 139 28.01 54.45 15.80
C LEU C 139 27.19 55.56 16.47
N GLY C 140 25.89 55.34 16.59
CA GLY C 140 25.02 56.32 17.21
C GLY C 140 25.30 56.54 18.68
N LEU C 141 25.39 55.45 19.45
CA LEU C 141 25.69 55.51 20.87
C LEU C 141 27.04 56.20 21.14
N LEU C 142 27.93 56.17 20.16
CA LEU C 142 29.24 56.78 20.32
C LEU C 142 29.18 58.30 20.18
N THR C 143 28.09 58.81 19.59
CA THR C 143 27.93 60.24 19.42
C THR C 143 27.51 60.88 20.75
N ILE C 144 26.98 60.07 21.66
CA ILE C 144 26.53 60.60 22.96
C ILE C 144 27.66 61.29 23.74
N PRO C 145 28.80 60.62 23.90
CA PRO C 145 29.89 61.26 24.65
C PRO C 145 30.42 62.51 23.92
N PHE C 146 30.13 62.61 22.62
CA PHE C 146 30.57 63.74 21.81
C PHE C 146 29.63 64.93 21.96
N SER C 147 28.33 64.64 22.01
CA SER C 147 27.34 65.69 22.18
C SER C 147 27.53 66.26 23.59
N ALA C 148 28.03 65.42 24.50
CA ALA C 148 28.26 65.81 25.89
C ALA C 148 29.12 67.05 26.00
N GLN C 149 30.19 67.10 25.22
CA GLN C 149 31.09 68.24 25.21
C GLN C 149 30.34 69.54 24.92
N HIS C 150 29.13 69.44 24.39
CA HIS C 150 28.33 70.62 24.06
C HIS C 150 26.89 70.54 24.58
N MET C 151 26.75 70.48 25.90
CA MET C 151 25.45 70.40 26.56
C MET C 151 24.53 71.57 26.27
N ASP C 152 25.05 72.61 25.62
CA ASP C 152 24.27 73.79 25.30
C ASP C 152 23.42 73.59 24.04
N GLY C 153 23.69 72.52 23.30
CA GLY C 153 22.95 72.22 22.09
C GLY C 153 23.52 72.85 20.83
N SER C 154 24.78 73.28 20.89
CA SER C 154 25.41 73.87 19.73
C SER C 154 25.47 72.83 18.62
N GLU C 155 26.02 71.65 18.93
CA GLU C 155 26.13 70.56 17.97
C GLU C 155 24.77 70.15 17.40
N MET C 156 23.82 69.88 18.28
CA MET C 156 22.49 69.46 17.85
C MET C 156 21.86 70.47 16.91
N MET C 157 22.06 71.76 17.16
CA MET C 157 21.50 72.80 16.32
C MET C 157 21.97 72.66 14.87
N LYS C 158 23.27 72.38 14.69
CA LYS C 158 23.86 72.22 13.37
C LYS C 158 23.24 71.04 12.63
N LEU C 159 23.23 69.88 13.29
CA LEU C 159 22.66 68.65 12.74
C LEU C 159 21.20 68.81 12.34
N VAL C 160 20.36 69.27 13.27
CA VAL C 160 18.95 69.46 12.95
C VAL C 160 18.80 70.48 11.83
N GLY C 161 19.75 71.42 11.76
CA GLY C 161 19.72 72.44 10.74
C GLY C 161 19.99 71.84 9.38
N TRP C 162 20.95 70.93 9.34
CA TRP C 162 21.30 70.23 8.11
C TRP C 162 20.09 69.43 7.64
N ALA C 163 19.62 68.52 8.50
CA ALA C 163 18.47 67.69 8.17
C ALA C 163 17.29 68.45 7.58
N GLN C 164 16.84 69.48 8.27
CA GLN C 164 15.70 70.25 7.81
C GLN C 164 15.90 71.01 6.51
N SER C 165 17.16 71.22 6.12
CA SER C 165 17.46 71.93 4.87
C SER C 165 17.21 70.96 3.74
N VAL C 166 17.68 69.73 3.93
CA VAL C 166 17.55 68.68 2.95
C VAL C 166 16.08 68.40 2.63
N VAL C 167 15.31 68.08 3.66
CA VAL C 167 13.90 67.77 3.47
C VAL C 167 13.03 68.90 2.93
N THR C 168 13.57 70.12 2.85
CA THR C 168 12.78 71.25 2.30
C THR C 168 13.41 71.73 1.00
N PHE C 169 14.49 71.07 0.59
CA PHE C 169 15.17 71.39 -0.64
C PHE C 169 15.85 72.76 -0.71
N HIS C 170 16.48 73.15 0.39
CA HIS C 170 17.24 74.40 0.46
C HIS C 170 18.68 73.96 0.28
N GLY C 171 19.28 74.33 -0.84
CA GLY C 171 20.66 73.95 -1.10
C GLY C 171 21.64 74.43 -0.06
N GLY C 172 22.89 73.98 -0.17
CA GLY C 172 23.93 74.37 0.77
C GLY C 172 23.74 73.85 2.18
N ALA C 173 23.04 72.73 2.31
CA ALA C 173 22.80 72.14 3.61
C ALA C 173 24.08 71.72 4.33
N SER C 174 25.10 71.31 3.58
CA SER C 174 26.35 70.87 4.22
C SER C 174 27.02 71.99 5.02
N GLN C 175 26.49 73.21 4.87
CA GLN C 175 27.03 74.36 5.59
C GLN C 175 26.62 74.31 7.06
N HIS C 176 25.38 73.94 7.32
CA HIS C 176 24.89 73.83 8.69
C HIS C 176 25.83 72.93 9.50
N LEU C 177 26.45 71.98 8.83
CA LEU C 177 27.35 71.04 9.49
C LEU C 177 28.71 71.59 9.89
N ASP C 178 29.16 72.65 9.22
CA ASP C 178 30.45 73.26 9.53
C ASP C 178 30.77 73.15 11.02
N GLY C 179 31.79 72.37 11.35
CA GLY C 179 32.17 72.25 12.75
C GLY C 179 31.92 70.92 13.44
N VAL C 180 30.71 70.39 13.33
CA VAL C 180 30.35 69.13 13.96
C VAL C 180 31.45 68.06 13.94
N ALA C 181 31.49 67.24 14.99
CA ALA C 181 32.48 66.19 15.10
C ALA C 181 32.36 65.20 13.94
N PHE C 182 33.45 64.48 13.65
CA PHE C 182 33.47 63.52 12.56
C PHE C 182 32.46 62.39 12.76
N ILE C 183 32.41 61.86 13.98
CA ILE C 183 31.49 60.76 14.29
C ILE C 183 30.10 61.01 13.71
N PHE C 184 29.63 62.25 13.80
CA PHE C 184 28.33 62.62 13.28
C PHE C 184 28.27 62.50 11.77
N ARG C 185 29.38 62.81 11.11
CA ARG C 185 29.47 62.71 9.65
C ARG C 185 29.14 61.28 9.26
N LEU C 186 29.85 60.33 9.87
CA LEU C 186 29.67 58.90 9.62
C LEU C 186 28.21 58.48 9.79
N HIS C 187 27.69 58.68 10.99
CA HIS C 187 26.32 58.33 11.32
C HIS C 187 25.37 58.84 10.23
N LEU C 188 25.51 60.09 9.84
CA LEU C 188 24.66 60.65 8.79
C LEU C 188 24.84 59.97 7.44
N VAL C 189 26.03 59.47 7.17
CA VAL C 189 26.32 58.81 5.91
C VAL C 189 25.78 57.38 5.90
N LEU C 190 26.28 56.55 6.82
CA LEU C 190 25.83 55.17 6.89
C LEU C 190 24.30 55.15 6.97
N GLY C 191 23.76 56.05 7.79
CA GLY C 191 22.33 56.16 7.95
C GLY C 191 21.58 56.34 6.65
N MET C 192 21.99 57.30 5.83
CA MET C 192 21.30 57.54 4.57
C MET C 192 21.45 56.35 3.62
N THR C 193 22.59 55.67 3.72
CA THR C 193 22.85 54.52 2.88
C THR C 193 21.78 53.48 3.12
N LEU C 194 21.26 53.45 4.34
CA LEU C 194 20.21 52.51 4.68
C LEU C 194 18.93 52.89 3.92
N PHE C 195 18.74 54.18 3.64
CA PHE C 195 17.56 54.61 2.90
C PHE C 195 17.72 54.21 1.44
N LEU C 196 18.96 54.04 1.01
CA LEU C 196 19.25 53.66 -0.36
C LEU C 196 18.96 52.17 -0.52
N LEU C 197 19.48 51.38 0.43
CA LEU C 197 19.32 49.94 0.43
C LEU C 197 17.95 49.50 0.93
N PHE C 198 17.18 50.45 1.44
CA PHE C 198 15.86 50.13 1.98
C PHE C 198 15.00 49.26 1.05
N PRO C 199 14.59 49.80 -0.12
CA PRO C 199 13.75 49.09 -1.07
C PRO C 199 14.24 47.73 -1.59
N PHE C 200 15.52 47.44 -1.42
CA PHE C 200 16.05 46.18 -1.90
C PHE C 200 16.35 45.23 -0.76
N SER C 201 15.70 45.45 0.37
CA SER C 201 15.89 44.61 1.56
C SER C 201 14.55 44.24 2.20
N ARG C 202 14.63 43.74 3.43
CA ARG C 202 13.44 43.35 4.17
C ARG C 202 12.80 44.55 4.86
N LEU C 203 13.55 45.65 4.98
CA LEU C 203 13.06 46.86 5.64
C LEU C 203 11.69 47.34 5.15
N ILE C 204 11.29 46.91 3.97
CA ILE C 204 9.98 47.31 3.45
C ILE C 204 8.85 46.95 4.41
N HIS C 205 9.06 45.99 5.31
CA HIS C 205 7.99 45.62 6.24
C HIS C 205 7.51 46.83 7.02
N ILE C 206 8.41 47.77 7.24
CA ILE C 206 8.08 48.99 7.98
C ILE C 206 6.88 49.72 7.37
N TRP C 207 6.89 49.92 6.06
CA TRP C 207 5.76 50.59 5.41
C TRP C 207 4.43 49.95 5.77
N SER C 208 4.48 48.65 6.10
CA SER C 208 3.26 47.91 6.38
C SER C 208 2.75 47.82 7.82
N VAL C 209 3.41 48.52 8.75
CA VAL C 209 2.97 48.50 10.16
C VAL C 209 1.43 48.55 10.20
N PRO C 210 0.80 47.45 10.65
CA PRO C 210 -0.65 47.20 10.80
C PRO C 210 -1.49 48.10 11.71
N VAL C 211 -1.44 49.40 11.48
CA VAL C 211 -2.21 50.34 12.29
C VAL C 211 -3.73 50.20 12.10
N GLU C 212 -4.15 50.08 10.84
CA GLU C 212 -5.57 49.96 10.49
C GLU C 212 -6.31 48.82 11.23
N TYR C 213 -5.55 47.91 11.82
CA TYR C 213 -6.14 46.79 12.54
C TYR C 213 -6.85 47.19 13.83
N LEU C 214 -6.40 48.26 14.46
CA LEU C 214 -7.02 48.69 15.71
C LEU C 214 -8.46 49.11 15.54
N THR C 215 -8.86 49.47 14.32
CA THR C 215 -10.24 49.91 14.06
C THR C 215 -11.01 49.01 13.11
N ARG C 216 -10.41 47.90 12.69
CA ARG C 216 -11.05 47.01 11.72
C ARG C 216 -12.12 46.07 12.27
N LYS C 217 -13.19 45.87 11.51
CA LYS C 217 -14.22 44.92 11.92
C LYS C 217 -13.49 43.58 11.82
N TYR C 218 -13.78 42.67 12.73
CA TYR C 218 -13.10 41.38 12.74
C TYR C 218 -13.20 40.53 11.48
N GLN C 219 -14.41 40.19 11.06
CA GLN C 219 -14.60 39.37 9.87
C GLN C 219 -14.55 40.10 8.54
N LEU C 220 -13.83 39.55 7.58
CA LEU C 220 -13.73 40.14 6.24
C LEU C 220 -14.25 39.18 5.17
N VAL C 221 -15.03 39.73 4.25
CA VAL C 221 -15.60 38.97 3.15
C VAL C 221 -15.42 39.76 1.86
N ARG C 222 -14.92 39.12 0.82
CA ARG C 222 -14.73 39.78 -0.48
C ARG C 222 -15.77 39.34 -1.48
N ALA C 223 -16.40 40.32 -2.11
CA ALA C 223 -17.45 40.06 -3.10
C ALA C 223 -16.86 39.54 -4.40
N ARG C 224 -17.73 39.09 -5.29
CA ARG C 224 -17.33 38.63 -6.61
C ARG C 224 -16.55 39.77 -7.26
N HIS C 225 -15.53 39.44 -8.03
CA HIS C 225 -14.71 40.47 -8.66
C HIS C 225 -13.85 39.85 -9.76
PB MD1 D . 8.58 -8.62 -5.13
O3B MD1 D . 7.98 -7.15 -5.02
O1B MD1 D . 8.10 -9.22 -6.39
O2B MD1 D . 10.03 -8.54 -5.00
O3A MD1 D . 7.98 -9.49 -3.93
C10 MD1 D . 6.60 -9.80 -3.71
C11 MD1 D . 6.71 -10.65 -2.43
O11 MD1 D . 7.34 -9.82 -1.45
C12 MD1 D . 5.31 -11.12 -1.87
S12 MD1 D . 3.80 -10.72 -2.68
C13 MD1 D . 5.12 -11.88 -0.68
S13 MD1 D . 3.45 -12.21 -0.27
C14 MD1 D . 6.18 -12.44 0.29
N15 MD1 D . 5.88 -11.76 1.56
C16 MD1 D . 6.71 -12.01 2.65
C15 MD1 D . 6.24 -11.93 3.98
O14 MD1 D . 5.07 -11.62 4.21
N17 MD1 D . 7.18 -12.19 5.03
C17 MD1 D . 8.54 -12.53 4.80
N16 MD1 D . 9.35 -12.75 5.84
N18 MD1 D . 8.97 -12.62 3.51
C20 MD1 D . 8.13 -12.38 2.42
N8 MD1 D . 8.63 -12.48 1.11
C7 MD1 D . 7.67 -12.21 -0.02
PA MD1 D . 8.64 -5.71 -4.80
O1A MD1 D . 9.50 -5.78 -3.62
O2A MD1 D . 7.53 -4.70 -4.80
O5' MD1 D . 9.51 -5.69 -6.15
C5' MD1 D . 9.19 -4.78 -7.21
C4' MD1 D . 10.44 -4.32 -7.89
O4' MD1 D . 10.19 -4.25 -9.29
C1' MD1 D . 10.35 -2.92 -9.75
N9 MD1 D . 9.31 -2.72 -10.76
C4 MD1 D . 9.51 -2.94 -12.12
N3 MD1 D . 10.69 -3.36 -12.74
C2 MD1 D . 10.61 -3.50 -14.09
N2 MD1 D . 11.64 -3.89 -14.81
N1 MD1 D . 9.42 -3.22 -14.78
C6 MD1 D . 8.22 -2.79 -14.18
O6 MD1 D . 7.23 -2.57 -14.85
C5 MD1 D . 8.28 -2.64 -12.75
N7 MD1 D . 7.33 -2.26 -11.82
C8 MD1 D . 7.97 -2.32 -10.67
C2' MD1 D . 10.24 -2.01 -8.51
O2' MD1 D . 10.94 -0.76 -8.58
C3' MD1 D . 10.82 -2.91 -7.40
O3' MD1 D . 12.24 -2.79 -7.23
PB MD1 E . -2.69 -9.78 4.35
O3B MD1 E . -1.41 -10.21 5.17
O1B MD1 E . -3.35 -11.02 3.83
O2B MD1 E . -3.48 -8.68 4.95
O3A MD1 E . -1.82 -9.08 3.23
C10 MD1 E . -0.86 -9.74 2.39
C11 MD1 E . -1.12 -9.34 0.97
O11 MD1 E . -1.29 -7.89 0.87
C12 MD1 E . -0.12 -9.92 -0.10
S12 MD1 E . 0.54 -11.56 -0.06
C13 MD1 E . 0.30 -9.08 -1.13
S13 MD1 E . 1.40 -9.69 -2.32
C14 MD1 E . -0.17 -7.64 -1.23
N15 MD1 E . 0.95 -6.81 -0.67
C16 MD1 E . 0.64 -5.59 -0.06
C15 MD1 E . 1.69 -4.74 0.52
O14 MD1 E . 2.89 -5.04 0.50
N17 MD1 E . 1.25 -3.53 1.12
C17 MD1 E . -0.09 -3.14 1.16
N16 MD1 E . -0.45 -2.00 1.73
N18 MD1 E . -1.05 -3.94 0.62
C20 MD1 E . -0.74 -5.15 0.01
N8 MD1 E . -1.74 -5.96 -0.55
C7 MD1 E . -1.49 -7.42 -0.46
PA MD1 E . -0.62 -9.85 6.44
O1A MD1 E . -0.32 -8.42 6.36
O2A MD1 E . 0.53 -10.80 6.50
O5' MD1 E . -1.59 -10.15 7.68
C5' MD1 E . -2.73 -9.35 7.98
C4' MD1 E . -3.01 -9.21 9.44
O4' MD1 E . -3.42 -10.41 10.04
C1' MD1 E . -2.93 -10.45 11.38
N9 MD1 E . -2.12 -11.70 11.70
C4 MD1 E . -2.69 -12.89 12.08
N3 MD1 E . -4.03 -13.13 12.24
C2 MD1 E . -4.42 -14.38 12.63
N2 MD1 E . -5.72 -14.64 12.80
N1 MD1 E . -3.45 -15.36 12.85
C6 MD1 E . -2.04 -15.13 12.69
O6 MD1 E . -1.20 -16.02 12.90
C5 MD1 E . -1.66 -13.79 12.28
N7 MD1 E . -0.44 -13.20 12.02
C8 MD1 E . -0.74 -11.96 11.68
C2' MD1 E . -2.15 -9.18 11.63
O2' MD1 E . -2.93 -8.21 12.38
C3' MD1 E . -1.79 -8.72 10.24
O3' MD1 E . -1.67 -7.30 10.09
MO 6MO F . 1.86 -12.05 -2.09
FE1 SF4 G . -4.35 0.59 -6.79
FE2 SF4 G . -2.52 1.26 -4.88
FE3 SF4 G . -1.90 1.52 -7.52
FE4 SF4 G . -2.22 -0.98 -6.38
S1 SF4 G . -0.58 0.59 -5.91
S2 SF4 G . -3.02 -0.27 -8.41
S3 SF4 G . -3.87 -0.57 -4.88
S4 SF4 G . -3.49 2.66 -6.40
FE1 SF4 H . -10.68 8.79 2.75
FE2 SF4 H . -8.44 10.00 3.73
FE3 SF4 H . -8.43 7.28 3.28
FE4 SF4 H . -9.88 8.30 5.36
S1 SF4 H . -7.62 8.37 5.12
S2 SF4 H . -10.58 6.74 3.83
S3 SF4 H . -10.54 10.33 4.44
S4 SF4 H . -8.67 8.94 1.73
FE1 SF4 I . -8.02 20.59 -1.68
FE2 SF4 I . -7.92 21.41 0.89
FE3 SF4 I . -8.49 18.87 0.25
FE4 SF4 I . -6.01 19.91 -0.04
S1 SF4 I . -7.11 19.60 1.89
S2 SF4 I . -7.12 18.55 -1.44
S3 SF4 I . -6.49 22.02 -0.76
S4 SF4 I . -9.76 20.67 -0.26
FE1 SF4 J . -9.52 27.28 8.45
FE2 SF4 J . -11.17 27.97 10.47
FE3 SF4 J . -9.31 29.79 9.54
FE4 SF4 J . -8.48 27.69 10.92
S1 SF4 J . -9.84 29.37 11.70
S2 SF4 J . -7.62 28.39 8.96
S3 SF4 J . -9.95 26.05 10.30
S4 SF4 J . -11.10 28.93 8.42
FE1 F3S K . -1.82 37.89 8.18
FE3 F3S K . -0.87 35.53 8.71
FE4 F3S K . 0.08 36.80 6.62
S1 F3S K . -1.23 37.17 10.22
S2 F3S K . 0.00 38.96 7.33
S3 F3S K . -2.05 36.04 6.86
S4 F3S K . 1.27 35.54 8.03
O13 3PH L . -4.43 57.44 -19.68
P 3PH L . -3.19 56.49 -19.69
O14 3PH L . -3.32 55.49 -18.44
O12 3PH L . -3.02 55.75 -21.05
O11 3PH L . -1.89 57.37 -19.31
C1 3PH L . -1.79 58.16 -18.09
C2 3PH L . -0.65 59.14 -18.26
O21 3PH L . -1.02 60.53 -18.38
C21 3PH L . -1.42 61.11 -19.55
O22 3PH L . -2.58 61.32 -19.87
C3 3PH L . 0.79 58.72 -18.33
O31 3PH L . 1.55 59.54 -17.40
C31 3PH L . 2.91 59.35 -17.28
O32 3PH L . 3.70 59.33 -18.18
C32 3PH L . 3.35 59.17 -15.79
C33 3PH L . 4.76 58.93 -15.19
C34 3PH L . 4.77 58.86 -13.67
C35 3PH L . 6.10 59.25 -13.06
CHA HEM M . 12.18 41.74 11.64
CHB HEM M . 7.81 43.53 12.64
CHC HEM M . 9.76 47.98 12.49
CHD HEM M . 14.10 46.20 11.49
C1A HEM M . 10.84 41.80 11.92
C2A HEM M . 9.90 40.69 12.04
C3A HEM M . 8.70 41.18 12.32
C4A HEM M . 8.83 42.64 12.37
CMA HEM M . 7.34 40.43 12.55
CAA HEM M . 10.30 39.21 11.87
CBA HEM M . 10.59 38.52 13.27
CGA HEM M . 10.58 36.98 13.27
O1A HEM M . 9.50 36.41 13.65
O2A HEM M . 11.65 36.41 12.85
C1B HEM M . 7.94 44.91 12.68
C2B HEM M . 6.85 45.89 12.95
C3B HEM M . 7.41 47.14 12.90
C4B HEM M . 8.84 46.95 12.61
CMB HEM M . 5.37 45.46 13.21
CAB HEM M . 6.74 48.56 13.10
CBB HEM M . 5.87 48.90 14.10
C1C HEM M . 11.09 47.90 12.21
C2C HEM M . 12.02 49.03 12.09
C3C HEM M . 13.24 48.53 11.81
C4C HEM M . 13.08 47.08 11.75
CMC HEM M . 11.60 50.54 12.27
CAC HEM M . 14.59 49.28 11.58
CBC HEM M . 14.91 49.67 10.30
C1D HEM M . 13.97 44.82 11.43
C2D HEM M . 15.07 43.89 11.15
C3D HEM M . 14.53 42.66 11.20
C4D HEM M . 13.09 42.79 11.51
CMD HEM M . 16.55 44.30 10.85
CAD HEM M . 15.16 41.23 11.00
CBD HEM M . 15.90 40.61 12.24
CGD HEM M . 16.53 39.26 11.89
O1D HEM M . 15.81 38.23 12.14
O2D HEM M . 17.72 39.32 11.39
NA HEM M . 10.16 42.99 12.12
NB HEM M . 9.14 45.60 12.48
NC HEM M . 11.77 46.71 12.01
ND HEM M . 12.78 44.12 11.64
FE HEM M . 10.96 44.80 12.07
CHA HEM N . 21.98 59.92 17.28
CHB HEM N . 20.88 61.44 12.83
CHC HEM N . 19.49 56.91 11.73
CHD HEM N . 20.57 55.38 16.19
C1A HEM N . 21.82 60.73 16.20
C2A HEM N . 22.14 62.17 16.11
C3A HEM N . 21.82 62.60 14.88
C4A HEM N . 21.31 61.43 14.14
CMA HEM N . 21.94 64.02 14.25
CAA HEM N . 22.74 63.02 17.29
CBA HEM N . 21.63 63.92 18.02
CGA HEM N . 22.12 64.94 19.09
O1A HEM N . 22.03 66.17 18.80
O2A HEM N . 22.59 64.46 20.18
C1B HEM N . 20.39 60.34 12.13
C2B HEM N . 19.93 60.34 10.72
C3B HEM N . 19.55 59.07 10.41
C4B HEM N . 19.76 58.26 11.62
CMB HEM N . 19.92 61.62 9.82
CAB HEM N . 18.97 58.49 9.05
CBB HEM N . 19.58 58.60 7.82
C1C HEM N . 19.66 56.10 12.82
C2C HEM N . 19.34 54.67 12.87
C3C HEM N . 19.65 54.23 14.11
C4C HEM N . 20.15 55.39 14.87
CMC HEM N . 18.77 53.84 11.66
CAC HEM N . 19.52 52.80 14.74
CBC HEM N . 20.45 51.87 14.39
C1D HEM N . 21.05 56.48 16.90
C2D HEM N . 21.50 56.48 18.31
C3D HEM N . 21.88 57.75 18.59
C4D HEM N . 21.69 58.56 17.38
CMD HEM N . 21.50 55.23 19.26
CAD HEM N . 22.45 58.41 19.90
CBD HEM N . 21.40 58.80 21.02
CGD HEM N . 20.54 60.01 20.64
O1D HEM N . 21.15 61.15 20.55
O2D HEM N . 19.30 59.76 20.43
NA HEM N . 21.32 60.30 14.97
NB HEM N . 20.28 59.05 12.64
NC HEM N . 20.15 56.53 14.05
ND HEM N . 21.19 57.78 16.37
FE HEM N . 20.75 58.44 14.52
O1 AGA O . -2.64 49.45 7.48
C1 AGA O . -1.88 48.28 7.21
C2 AGA O . -2.43 47.54 5.92
O2 AGA O . -3.19 46.40 6.27
C3 AGA O . -1.28 47.11 4.99
P1 AGA O . 0.05 47.67 2.77
O3 AGA O . -0.49 46.93 1.55
O4 AGA O . 1.22 46.93 3.49
O5 AGA O . -1.07 47.94 3.81
O6 AGA O . 0.63 49.13 2.38
C4 AGA O . 1.19 50.01 3.36
C5 AGA O . 1.60 51.29 2.71
C6 AGA O . 1.65 52.50 3.59
O7 AGA O . 2.08 53.60 2.78
C7 AGA O . 1.22 54.57 2.36
O8 AGA O . 0.08 54.37 2.00
C8 AGA O . 1.92 55.96 2.39
C9 AGA O . 2.28 56.96 1.26
C10 AGA O . 3.28 58.03 1.67
C11 AGA O . 3.39 59.20 0.69
O9 AGA O . 2.82 51.13 1.92
C12 AGA O . 2.91 51.45 0.58
O10 AGA O . 2.01 51.85 -0.12
C13 AGA O . 4.35 51.40 0.07
C14 AGA O . 5.06 51.80 -1.22
C15 AGA O . 5.64 53.22 -1.16
C16 AGA O . 5.18 54.14 -2.30
C17 AGA O . 5.77 55.57 -2.22
C18 AGA O . 5.34 56.55 -3.35
C19 AGA O . 6.00 57.94 -3.19
O1 PCI P . 17.98 62.82 16.96
C1 PCI P . 17.16 63.20 18.02
C2 PCI P . 16.68 62.20 18.95
CL1 PCI P . 17.07 60.88 18.72
C3 PCI P . 15.81 62.59 20.08
CL2 PCI P . 15.34 61.59 20.99
C4 PCI P . 15.45 64.01 20.25
CL3 PCI P . 14.61 64.40 21.34
C5 PCI P . 15.95 65.03 19.29
CL4 PCI P . 15.62 66.40 19.43
C6 PCI P . 16.81 64.59 18.17
CL5 PCI P . 17.34 65.49 17.21
#